data_3OMJ
# 
_entry.id   3OMJ 
# 
_audit_conform.dict_name       mmcif_pdbx.dic 
_audit_conform.dict_version    5.387 
_audit_conform.dict_location   http://mmcif.pdb.org/dictionaries/ascii/mmcif_pdbx.dic 
# 
loop_
_database_2.database_id 
_database_2.database_code 
_database_2.pdbx_database_accession 
_database_2.pdbx_DOI 
PDB   3OMJ         pdb_00003omj 10.2210/pdb3omj/pdb 
NDB   NA0711       ?            ?                   
RCSB  RCSB061303   ?            ?                   
WWPDB D_1000061303 ?            ?                   
# 
loop_
_pdbx_audit_revision_history.ordinal 
_pdbx_audit_revision_history.data_content_type 
_pdbx_audit_revision_history.major_revision 
_pdbx_audit_revision_history.minor_revision 
_pdbx_audit_revision_history.revision_date 
1 'Structure model' 1 0 2010-09-08 
2 'Structure model' 1 1 2011-07-13 
3 'Structure model' 1 2 2024-02-21 
# 
_pdbx_audit_revision_details.ordinal             1 
_pdbx_audit_revision_details.revision_ordinal    1 
_pdbx_audit_revision_details.data_content_type   'Structure model' 
_pdbx_audit_revision_details.provider            repository 
_pdbx_audit_revision_details.type                'Initial release' 
_pdbx_audit_revision_details.description         ? 
_pdbx_audit_revision_details.details             ? 
# 
loop_
_pdbx_audit_revision_group.ordinal 
_pdbx_audit_revision_group.revision_ordinal 
_pdbx_audit_revision_group.data_content_type 
_pdbx_audit_revision_group.group 
1 2 'Structure model' 'Version format compliance' 
2 3 'Structure model' Advisory                    
3 3 'Structure model' 'Data collection'           
4 3 'Structure model' 'Database references'       
5 3 'Structure model' 'Derived calculations'      
# 
loop_
_pdbx_audit_revision_category.ordinal 
_pdbx_audit_revision_category.revision_ordinal 
_pdbx_audit_revision_category.data_content_type 
_pdbx_audit_revision_category.category 
1 3 'Structure model' chem_comp_atom                
2 3 'Structure model' chem_comp_bond                
3 3 'Structure model' database_2                    
4 3 'Structure model' pdbx_struct_conn_angle        
5 3 'Structure model' pdbx_validate_polymer_linkage 
6 3 'Structure model' struct_conn                   
7 3 'Structure model' struct_site                   
# 
loop_
_pdbx_audit_revision_item.ordinal 
_pdbx_audit_revision_item.revision_ordinal 
_pdbx_audit_revision_item.data_content_type 
_pdbx_audit_revision_item.item 
1  3 'Structure model' '_database_2.pdbx_DOI'                        
2  3 'Structure model' '_database_2.pdbx_database_accession'         
3  3 'Structure model' '_pdbx_struct_conn_angle.ptnr1_auth_asym_id'  
4  3 'Structure model' '_pdbx_struct_conn_angle.ptnr1_auth_comp_id'  
5  3 'Structure model' '_pdbx_struct_conn_angle.ptnr1_auth_seq_id'   
6  3 'Structure model' '_pdbx_struct_conn_angle.ptnr1_label_alt_id'  
7  3 'Structure model' '_pdbx_struct_conn_angle.ptnr1_label_asym_id' 
8  3 'Structure model' '_pdbx_struct_conn_angle.ptnr1_label_atom_id' 
9  3 'Structure model' '_pdbx_struct_conn_angle.ptnr1_label_comp_id' 
10 3 'Structure model' '_pdbx_struct_conn_angle.ptnr1_label_seq_id'  
11 3 'Structure model' '_pdbx_struct_conn_angle.ptnr2_auth_asym_id'  
12 3 'Structure model' '_pdbx_struct_conn_angle.ptnr2_auth_seq_id'   
13 3 'Structure model' '_pdbx_struct_conn_angle.ptnr2_label_asym_id' 
14 3 'Structure model' '_pdbx_struct_conn_angle.ptnr3_auth_asym_id'  
15 3 'Structure model' '_pdbx_struct_conn_angle.ptnr3_auth_comp_id'  
16 3 'Structure model' '_pdbx_struct_conn_angle.ptnr3_auth_seq_id'   
17 3 'Structure model' '_pdbx_struct_conn_angle.ptnr3_label_alt_id'  
18 3 'Structure model' '_pdbx_struct_conn_angle.ptnr3_label_asym_id' 
19 3 'Structure model' '_pdbx_struct_conn_angle.ptnr3_label_atom_id' 
20 3 'Structure model' '_pdbx_struct_conn_angle.ptnr3_label_comp_id' 
21 3 'Structure model' '_pdbx_struct_conn_angle.ptnr3_label_seq_id'  
22 3 'Structure model' '_pdbx_struct_conn_angle.value'               
23 3 'Structure model' '_struct_conn.pdbx_dist_value'                
24 3 'Structure model' '_struct_conn.pdbx_leaving_atom_flag'         
25 3 'Structure model' '_struct_conn.pdbx_ptnr1_label_alt_id'        
26 3 'Structure model' '_struct_conn.pdbx_ptnr2_label_alt_id'        
27 3 'Structure model' '_struct_conn.ptnr1_auth_asym_id'             
28 3 'Structure model' '_struct_conn.ptnr1_auth_comp_id'             
29 3 'Structure model' '_struct_conn.ptnr1_auth_seq_id'              
30 3 'Structure model' '_struct_conn.ptnr1_label_asym_id'            
31 3 'Structure model' '_struct_conn.ptnr1_label_atom_id'            
32 3 'Structure model' '_struct_conn.ptnr1_label_comp_id'            
33 3 'Structure model' '_struct_conn.ptnr1_label_seq_id'             
34 3 'Structure model' '_struct_conn.ptnr2_auth_asym_id'             
35 3 'Structure model' '_struct_conn.ptnr2_auth_comp_id'             
36 3 'Structure model' '_struct_conn.ptnr2_auth_seq_id'              
37 3 'Structure model' '_struct_conn.ptnr2_label_asym_id'            
38 3 'Structure model' '_struct_conn.ptnr2_label_atom_id'            
39 3 'Structure model' '_struct_conn.ptnr2_label_comp_id'            
40 3 'Structure model' '_struct_conn.ptnr2_label_seq_id'             
41 3 'Structure model' '_struct_site.pdbx_auth_asym_id'              
42 3 'Structure model' '_struct_site.pdbx_auth_comp_id'              
43 3 'Structure model' '_struct_site.pdbx_auth_seq_id'               
# 
_pdbx_database_status.status_code                     REL 
_pdbx_database_status.entry_id                        3OMJ 
_pdbx_database_status.recvd_initial_deposition_date   2010-08-27 
_pdbx_database_status.deposit_site                    RCSB 
_pdbx_database_status.process_site                    RCSB 
_pdbx_database_status.status_code_sf                  REL 
_pdbx_database_status.status_code_mr                  ? 
_pdbx_database_status.SG_entry                        ? 
_pdbx_database_status.pdb_format_compatible           Y 
_pdbx_database_status.status_code_cs                  ? 
_pdbx_database_status.status_code_nmr_data            ? 
_pdbx_database_status.methods_development_category    ? 
# 
_audit_author.name           'Chenoweth, D.M.' 
_audit_author.pdbx_ordinal   1 
# 
_citation.id                        primary 
_citation.title                     
'Structural basis for cyclic py-im polyamide allosteric inhibition of nuclear receptor binding.' 
_citation.journal_abbrev            J.Am.Chem.Soc. 
_citation.journal_volume            132 
_citation.page_first                14521 
_citation.page_last                 14529 
_citation.year                      2010 
_citation.journal_id_ASTM           JACSAT 
_citation.country                   US 
_citation.journal_id_ISSN           0002-7863 
_citation.journal_id_CSD            0004 
_citation.book_publisher            ? 
_citation.pdbx_database_id_PubMed   20812704 
_citation.pdbx_database_id_DOI      10.1021/ja105068b 
# 
loop_
_citation_author.citation_id 
_citation_author.name 
_citation_author.ordinal 
_citation_author.identifier_ORCID 
primary 'Chenoweth, D.M.' 1 ? 
primary 'Dervan, P.B.'    2 ? 
# 
loop_
_entity.id 
_entity.type 
_entity.src_method 
_entity.pdbx_description 
_entity.formula_weight 
_entity.pdbx_number_of_molecules 
_entity.pdbx_ec 
_entity.pdbx_mutation 
_entity.pdbx_fragment 
_entity.details 
1 polymer     syn "5'-D(*CP*(C38)P*AP*GP*TP*AP*CP*TP*GP*G)-3'" 3170.902 2   ? ? ? ? 
2 non-polymer syn 'CALCIUM ION' 40.078   4   ? ? ? ? 
3 non-polymer syn 
;(23R,52R)-23,52-diamino-5,11,17,28,34,40,46,57-octamethyl-2,5,8,11,14,17,20,25,28,31,34,37,40,43,46,49,54,57,60,64-icosaazanonacyclo[54.2.1.1~4,7~.1~10,13~.1~16,19~.1~27,30~.1~33,36~.1~39,42~.1~45,48~]hexahexaconta-1(58),4(66),6,10(65),12,16(64),18,27(63),29,33(62),35,39(61),41,45(60),47,56(59)-hexadecaene-3,9,15,21,26,32,38,44,50,55-decone
;
1179.211 1   ? ? ? ? 
4 water       nat water 18.015   237 ? ? ? ? 
# 
_entity_poly.entity_id                      1 
_entity_poly.type                           polydeoxyribonucleotide 
_entity_poly.nstd_linkage                   no 
_entity_poly.nstd_monomer                   yes 
_entity_poly.pdbx_seq_one_letter_code       '(DC)(C38)(DA)(DG)(DT)(DA)(DC)(DT)(DG)(DG)' 
_entity_poly.pdbx_seq_one_letter_code_can   CCAGTACTGG 
_entity_poly.pdbx_strand_id                 A,B 
_entity_poly.pdbx_target_identifier         ? 
# 
loop_
_pdbx_entity_nonpoly.entity_id 
_pdbx_entity_nonpoly.name 
_pdbx_entity_nonpoly.comp_id 
2 'CALCIUM ION' CA  
3 
;(23R,52R)-23,52-diamino-5,11,17,28,34,40,46,57-octamethyl-2,5,8,11,14,17,20,25,28,31,34,37,40,43,46,49,54,57,60,64-icosaazanonacyclo[54.2.1.1~4,7~.1~10,13~.1~16,19~.1~27,30~.1~33,36~.1~39,42~.1~45,48~]hexahexaconta-1(58),4(66),6,10(65),12,16(64),18,27(63),29,33(62),35,39(61),41,45(60),47,56(59)-hexadecaene-3,9,15,21,26,32,38,44,50,55-decone
;
1P2 
4 water HOH 
# 
loop_
_entity_poly_seq.entity_id 
_entity_poly_seq.num 
_entity_poly_seq.mon_id 
_entity_poly_seq.hetero 
1 1  DC  n 
1 2  C38 n 
1 3  DA  n 
1 4  DG  n 
1 5  DT  n 
1 6  DA  n 
1 7  DC  n 
1 8  DT  n 
1 9  DG  n 
1 10 DG  n 
# 
loop_
_chem_comp.id 
_chem_comp.type 
_chem_comp.mon_nstd_flag 
_chem_comp.name 
_chem_comp.pdbx_synonyms 
_chem_comp.formula 
_chem_comp.formula_weight 
1P2 non-polymer   . 
;(23R,52R)-23,52-diamino-5,11,17,28,34,40,46,57-octamethyl-2,5,8,11,14,17,20,25,28,31,34,37,40,43,46,49,54,57,60,64-icosaazanonacyclo[54.2.1.1~4,7~.1~10,13~.1~16,19~.1~27,30~.1~33,36~.1~39,42~.1~45,48~]hexahexaconta-1(58),4(66),6,10(65),12,16(64),18,27(63),29,33(62),35,39(61),41,45(60),47,56(59)-hexadecaene-3,9,15,21,26,32,38,44,50,55-decone
;
? 'C54 H62 N22 O10'  1179.211 
C38 'DNA linking' n "5-IODO-2'-DEOXY-CYTIDINE-5'-MONOPHOSPHATE" ? 'C9 H13 I N3 O7 P' 433.094  
CA  non-polymer   . 'CALCIUM ION' ? 'Ca 2'             40.078   
DA  'DNA linking' y "2'-DEOXYADENOSINE-5'-MONOPHOSPHATE" ? 'C10 H14 N5 O6 P'  331.222  
DC  'DNA linking' y "2'-DEOXYCYTIDINE-5'-MONOPHOSPHATE" ? 'C9 H14 N3 O7 P'   307.197  
DG  'DNA linking' y "2'-DEOXYGUANOSINE-5'-MONOPHOSPHATE" ? 'C10 H14 N5 O7 P'  347.221  
DT  'DNA linking' y "THYMIDINE-5'-MONOPHOSPHATE" ? 'C10 H15 N2 O8 P'  322.208  
HOH non-polymer   . WATER ? 'H2 O'             18.015   
# 
loop_
_pdbx_poly_seq_scheme.asym_id 
_pdbx_poly_seq_scheme.entity_id 
_pdbx_poly_seq_scheme.seq_id 
_pdbx_poly_seq_scheme.mon_id 
_pdbx_poly_seq_scheme.ndb_seq_num 
_pdbx_poly_seq_scheme.pdb_seq_num 
_pdbx_poly_seq_scheme.auth_seq_num 
_pdbx_poly_seq_scheme.pdb_mon_id 
_pdbx_poly_seq_scheme.auth_mon_id 
_pdbx_poly_seq_scheme.pdb_strand_id 
_pdbx_poly_seq_scheme.pdb_ins_code 
_pdbx_poly_seq_scheme.hetero 
A 1 1  DC  1  1  1  DC  DC  A . n 
A 1 2  C38 2  2  2  C38 C38 A . n 
A 1 3  DA  3  3  3  DA  DA  A . n 
A 1 4  DG  4  4  4  DG  DG  A . n 
A 1 5  DT  5  5  5  DT  DT  A . n 
A 1 6  DA  6  6  6  DA  DA  A . n 
A 1 7  DC  7  7  7  DC  DC  A . n 
A 1 8  DT  8  8  8  DT  DT  A . n 
A 1 9  DG  9  9  9  DG  DG  A . n 
A 1 10 DG  10 10 10 DG  DG  A . n 
B 1 1  DC  1  1  1  DC  DC  B . n 
B 1 2  C38 2  2  2  C38 C38 B . n 
B 1 3  DA  3  3  3  DA  DA  B . n 
B 1 4  DG  4  4  4  DG  DG  B . n 
B 1 5  DT  5  5  5  DT  DT  B . n 
B 1 6  DA  6  6  6  DA  DA  B . n 
B 1 7  DC  7  7  7  DC  DC  B . n 
B 1 8  DT  8  8  8  DT  DT  B . n 
B 1 9  DG  9  9  9  DG  DG  B . n 
B 1 10 DG  10 10 10 DG  DG  B . n 
# 
loop_
_pdbx_nonpoly_scheme.asym_id 
_pdbx_nonpoly_scheme.entity_id 
_pdbx_nonpoly_scheme.mon_id 
_pdbx_nonpoly_scheme.ndb_seq_num 
_pdbx_nonpoly_scheme.pdb_seq_num 
_pdbx_nonpoly_scheme.auth_seq_num 
_pdbx_nonpoly_scheme.pdb_mon_id 
_pdbx_nonpoly_scheme.auth_mon_id 
_pdbx_nonpoly_scheme.pdb_strand_id 
_pdbx_nonpoly_scheme.pdb_ins_code 
C 2 CA  1   302 302 CA  CA  A . 
D 2 CA  1   300 300 CA  CA  A . 
E 2 CA  1   301 301 CA  CA  A . 
F 3 1P2 1   500 500 1P2 1P2 B . 
G 2 CA  1   303 303 CA  CA  B . 
H 4 HOH 1   13  13  HOH HOH A . 
H 4 HOH 2   14  14  HOH HOH A . 
H 4 HOH 3   15  15  HOH HOH A . 
H 4 HOH 4   16  16  HOH HOH A . 
H 4 HOH 5   18  18  HOH HOH A . 
H 4 HOH 6   20  20  HOH HOH A . 
H 4 HOH 7   22  22  HOH HOH A . 
H 4 HOH 8   23  23  HOH HOH A . 
H 4 HOH 9   24  24  HOH HOH A . 
H 4 HOH 10  25  25  HOH HOH A . 
H 4 HOH 11  26  26  HOH HOH A . 
H 4 HOH 12  32  32  HOH HOH A . 
H 4 HOH 13  34  34  HOH HOH A . 
H 4 HOH 14  35  35  HOH HOH A . 
H 4 HOH 15  38  38  HOH HOH A . 
H 4 HOH 16  41  41  HOH HOH A . 
H 4 HOH 17  46  46  HOH HOH A . 
H 4 HOH 18  48  48  HOH HOH A . 
H 4 HOH 19  49  49  HOH HOH A . 
H 4 HOH 20  50  50  HOH HOH A . 
H 4 HOH 21  51  51  HOH HOH A . 
H 4 HOH 22  52  52  HOH HOH A . 
H 4 HOH 23  58  58  HOH HOH A . 
H 4 HOH 24  59  59  HOH HOH A . 
H 4 HOH 25  60  60  HOH HOH A . 
H 4 HOH 26  61  61  HOH HOH A . 
H 4 HOH 27  62  62  HOH HOH A . 
H 4 HOH 28  63  63  HOH HOH A . 
H 4 HOH 29  66  66  HOH HOH A . 
H 4 HOH 30  70  70  HOH HOH A . 
H 4 HOH 31  73  73  HOH HOH A . 
H 4 HOH 32  74  74  HOH HOH A . 
H 4 HOH 33  75  75  HOH HOH A . 
H 4 HOH 34  76  76  HOH HOH A . 
H 4 HOH 35  77  77  HOH HOH A . 
H 4 HOH 36  81  81  HOH HOH A . 
H 4 HOH 37  82  82  HOH HOH A . 
H 4 HOH 38  88  88  HOH HOH A . 
H 4 HOH 39  89  89  HOH HOH A . 
H 4 HOH 40  90  90  HOH HOH A . 
H 4 HOH 41  93  93  HOH HOH A . 
H 4 HOH 42  94  94  HOH HOH A . 
H 4 HOH 43  96  96  HOH HOH A . 
H 4 HOH 44  99  99  HOH HOH A . 
H 4 HOH 45  100 100 HOH HOH A . 
H 4 HOH 46  104 104 HOH HOH A . 
H 4 HOH 47  105 105 HOH HOH A . 
H 4 HOH 48  109 109 HOH HOH A . 
H 4 HOH 49  110 110 HOH HOH A . 
H 4 HOH 50  113 113 HOH HOH A . 
H 4 HOH 51  117 117 HOH HOH A . 
H 4 HOH 52  118 118 HOH HOH A . 
H 4 HOH 53  119 119 HOH HOH A . 
H 4 HOH 54  121 121 HOH HOH A . 
H 4 HOH 55  122 122 HOH HOH A . 
H 4 HOH 56  123 123 HOH HOH A . 
H 4 HOH 57  124 124 HOH HOH A . 
H 4 HOH 58  126 126 HOH HOH A . 
H 4 HOH 59  128 128 HOH HOH A . 
H 4 HOH 60  133 133 HOH HOH A . 
H 4 HOH 61  135 135 HOH HOH A . 
H 4 HOH 62  136 136 HOH HOH A . 
H 4 HOH 63  141 141 HOH HOH A . 
H 4 HOH 64  147 147 HOH HOH A . 
H 4 HOH 65  149 149 HOH HOH A . 
H 4 HOH 66  152 152 HOH HOH A . 
H 4 HOH 67  153 153 HOH HOH A . 
H 4 HOH 68  160 160 HOH HOH A . 
H 4 HOH 69  161 161 HOH HOH A . 
H 4 HOH 70  162 162 HOH HOH A . 
H 4 HOH 71  174 174 HOH HOH A . 
H 4 HOH 72  177 177 HOH HOH A . 
H 4 HOH 73  185 185 HOH HOH A . 
H 4 HOH 74  186 186 HOH HOH A . 
H 4 HOH 75  190 190 HOH HOH A . 
H 4 HOH 76  191 191 HOH HOH A . 
H 4 HOH 77  192 192 HOH HOH A . 
H 4 HOH 78  193 193 HOH HOH A . 
H 4 HOH 79  195 195 HOH HOH A . 
H 4 HOH 80  199 199 HOH HOH A . 
H 4 HOH 81  201 201 HOH HOH A . 
H 4 HOH 82  206 206 HOH HOH A . 
H 4 HOH 83  207 207 HOH HOH A . 
H 4 HOH 84  208 208 HOH HOH A . 
H 4 HOH 85  211 211 HOH HOH A . 
H 4 HOH 86  215 215 HOH HOH A . 
H 4 HOH 87  217 217 HOH HOH A . 
H 4 HOH 88  218 218 HOH HOH A . 
H 4 HOH 89  219 219 HOH HOH A . 
H 4 HOH 90  220 220 HOH HOH A . 
H 4 HOH 91  222 222 HOH HOH A . 
H 4 HOH 92  223 223 HOH HOH A . 
H 4 HOH 93  226 226 HOH HOH A . 
H 4 HOH 94  227 227 HOH HOH A . 
H 4 HOH 95  230 230 HOH HOH A . 
H 4 HOH 96  232 232 HOH HOH A . 
H 4 HOH 97  233 233 HOH HOH A . 
H 4 HOH 98  235 235 HOH HOH A . 
H 4 HOH 99  237 237 HOH HOH A . 
H 4 HOH 100 239 239 HOH HOH A . 
H 4 HOH 101 240 240 HOH HOH A . 
H 4 HOH 102 241 241 HOH HOH A . 
H 4 HOH 103 242 242 HOH HOH A . 
H 4 HOH 104 243 243 HOH HOH A . 
H 4 HOH 105 244 244 HOH HOH A . 
H 4 HOH 106 246 246 HOH HOH A . 
H 4 HOH 107 247 247 HOH HOH A . 
H 4 HOH 108 248 248 HOH HOH A . 
H 4 HOH 109 249 249 HOH HOH A . 
H 4 HOH 110 250 250 HOH HOH A . 
H 4 HOH 111 251 251 HOH HOH A . 
H 4 HOH 112 252 252 HOH HOH A . 
H 4 HOH 113 253 253 HOH HOH A . 
I 4 HOH 1   11  11  HOH HOH B . 
I 4 HOH 2   12  12  HOH HOH B . 
I 4 HOH 3   17  17  HOH HOH B . 
I 4 HOH 4   21  21  HOH HOH B . 
I 4 HOH 5   27  27  HOH HOH B . 
I 4 HOH 6   28  28  HOH HOH B . 
I 4 HOH 7   29  29  HOH HOH B . 
I 4 HOH 8   30  30  HOH HOH B . 
I 4 HOH 9   31  31  HOH HOH B . 
I 4 HOH 10  33  33  HOH HOH B . 
I 4 HOH 11  36  36  HOH HOH B . 
I 4 HOH 12  37  37  HOH HOH B . 
I 4 HOH 13  39  39  HOH HOH B . 
I 4 HOH 14  40  40  HOH HOH B . 
I 4 HOH 15  42  42  HOH HOH B . 
I 4 HOH 16  43  43  HOH HOH B . 
I 4 HOH 17  44  44  HOH HOH B . 
I 4 HOH 18  45  45  HOH HOH B . 
I 4 HOH 19  47  47  HOH HOH B . 
I 4 HOH 20  53  53  HOH HOH B . 
I 4 HOH 21  54  54  HOH HOH B . 
I 4 HOH 22  55  55  HOH HOH B . 
I 4 HOH 23  56  56  HOH HOH B . 
I 4 HOH 24  57  57  HOH HOH B . 
I 4 HOH 25  64  64  HOH HOH B . 
I 4 HOH 26  65  65  HOH HOH B . 
I 4 HOH 27  67  67  HOH HOH B . 
I 4 HOH 28  68  68  HOH HOH B . 
I 4 HOH 29  69  69  HOH HOH B . 
I 4 HOH 30  71  71  HOH HOH B . 
I 4 HOH 31  72  72  HOH HOH B . 
I 4 HOH 32  78  78  HOH HOH B . 
I 4 HOH 33  79  79  HOH HOH B . 
I 4 HOH 34  80  80  HOH HOH B . 
I 4 HOH 35  83  83  HOH HOH B . 
I 4 HOH 36  84  84  HOH HOH B . 
I 4 HOH 37  85  85  HOH HOH B . 
I 4 HOH 38  86  86  HOH HOH B . 
I 4 HOH 39  87  87  HOH HOH B . 
I 4 HOH 40  91  91  HOH HOH B . 
I 4 HOH 41  92  92  HOH HOH B . 
I 4 HOH 42  95  95  HOH HOH B . 
I 4 HOH 43  97  97  HOH HOH B . 
I 4 HOH 44  98  98  HOH HOH B . 
I 4 HOH 45  101 101 HOH HOH B . 
I 4 HOH 46  102 102 HOH HOH B . 
I 4 HOH 47  103 103 HOH HOH B . 
I 4 HOH 48  106 106 HOH HOH B . 
I 4 HOH 49  107 107 HOH HOH B . 
I 4 HOH 50  108 108 HOH HOH B . 
I 4 HOH 51  111 111 HOH HOH B . 
I 4 HOH 52  112 112 HOH HOH B . 
I 4 HOH 53  114 114 HOH HOH B . 
I 4 HOH 54  115 115 HOH HOH B . 
I 4 HOH 55  116 116 HOH HOH B . 
I 4 HOH 56  120 120 HOH HOH B . 
I 4 HOH 57  125 125 HOH HOH B . 
I 4 HOH 58  127 127 HOH HOH B . 
I 4 HOH 59  129 129 HOH HOH B . 
I 4 HOH 60  130 130 HOH HOH B . 
I 4 HOH 61  131 131 HOH HOH B . 
I 4 HOH 62  132 132 HOH HOH B . 
I 4 HOH 63  134 134 HOH HOH B . 
I 4 HOH 64  137 137 HOH HOH B . 
I 4 HOH 65  138 138 HOH HOH B . 
I 4 HOH 66  139 139 HOH HOH B . 
I 4 HOH 67  140 140 HOH HOH B . 
I 4 HOH 68  142 142 HOH HOH B . 
I 4 HOH 69  143 143 HOH HOH B . 
I 4 HOH 70  144 144 HOH HOH B . 
I 4 HOH 71  145 145 HOH HOH B . 
I 4 HOH 72  146 146 HOH HOH B . 
I 4 HOH 73  148 148 HOH HOH B . 
I 4 HOH 74  150 150 HOH HOH B . 
I 4 HOH 75  151 151 HOH HOH B . 
I 4 HOH 76  154 154 HOH HOH B . 
I 4 HOH 77  155 155 HOH HOH B . 
I 4 HOH 78  156 156 HOH HOH B . 
I 4 HOH 79  157 157 HOH HOH B . 
I 4 HOH 80  158 158 HOH HOH B . 
I 4 HOH 81  159 159 HOH HOH B . 
I 4 HOH 82  163 163 HOH HOH B . 
I 4 HOH 83  164 164 HOH HOH B . 
I 4 HOH 84  165 165 HOH HOH B . 
I 4 HOH 85  166 166 HOH HOH B . 
I 4 HOH 86  167 167 HOH HOH B . 
I 4 HOH 87  168 168 HOH HOH B . 
I 4 HOH 88  169 169 HOH HOH B . 
I 4 HOH 89  170 170 HOH HOH B . 
I 4 HOH 90  171 171 HOH HOH B . 
I 4 HOH 91  172 172 HOH HOH B . 
I 4 HOH 92  173 173 HOH HOH B . 
I 4 HOH 93  175 175 HOH HOH B . 
I 4 HOH 94  176 176 HOH HOH B . 
I 4 HOH 95  178 178 HOH HOH B . 
I 4 HOH 96  179 179 HOH HOH B . 
I 4 HOH 97  180 180 HOH HOH B . 
I 4 HOH 98  181 181 HOH HOH B . 
I 4 HOH 99  182 182 HOH HOH B . 
I 4 HOH 100 184 184 HOH HOH B . 
I 4 HOH 101 187 187 HOH HOH B . 
I 4 HOH 102 188 188 HOH HOH B . 
I 4 HOH 103 189 189 HOH HOH B . 
I 4 HOH 104 194 194 HOH HOH B . 
I 4 HOH 105 196 196 HOH HOH B . 
I 4 HOH 106 197 197 HOH HOH B . 
I 4 HOH 107 198 198 HOH HOH B . 
I 4 HOH 108 200 200 HOH HOH B . 
I 4 HOH 109 202 202 HOH HOH B . 
I 4 HOH 110 203 203 HOH HOH B . 
I 4 HOH 111 204 204 HOH HOH B . 
I 4 HOH 112 205 205 HOH HOH B . 
I 4 HOH 113 210 210 HOH HOH B . 
I 4 HOH 114 212 212 HOH HOH B . 
I 4 HOH 115 213 213 HOH HOH B . 
I 4 HOH 116 221 221 HOH HOH B . 
I 4 HOH 117 224 224 HOH HOH B . 
I 4 HOH 118 228 228 HOH HOH B . 
I 4 HOH 119 229 229 HOH HOH B . 
I 4 HOH 120 234 234 HOH HOH B . 
I 4 HOH 121 236 236 HOH HOH B . 
I 4 HOH 122 238 238 HOH HOH B . 
I 4 HOH 123 245 245 HOH HOH B . 
I 4 HOH 124 254 254 HOH HOH B . 
# 
loop_
_software.name 
_software.classification 
_software.version 
_software.citation_id 
_software.pdbx_ordinal 
CrystalClear 'data collection' .        ? 1 
SHELXS       phasing           .        ? 2 
REFMAC       refinement        5.2.0019 ? 3 
MOSFLM       'data reduction'  .        ? 4 
SCALA        'data scaling'    .        ? 5 
# 
_cell.entry_id           3OMJ 
_cell.length_a           39.831 
_cell.length_b           39.831 
_cell.length_c           84.567 
_cell.angle_alpha        90.00 
_cell.angle_beta         90.00 
_cell.angle_gamma        90.00 
_cell.Z_PDB              16 
_cell.pdbx_unique_axis   ? 
_cell.length_a_esd       ? 
_cell.length_b_esd       ? 
_cell.length_c_esd       ? 
_cell.angle_alpha_esd    ? 
_cell.angle_beta_esd     ? 
_cell.angle_gamma_esd    ? 
# 
_symmetry.entry_id                         3OMJ 
_symmetry.space_group_name_H-M             'P 41 21 2' 
_symmetry.pdbx_full_space_group_name_H-M   ? 
_symmetry.cell_setting                     ? 
_symmetry.Int_Tables_number                92 
_symmetry.space_group_name_Hall            ? 
# 
_exptl.entry_id          3OMJ 
_exptl.method            'X-RAY DIFFRACTION' 
_exptl.crystals_number   1 
# 
_exptl_crystal.id                    1 
_exptl_crystal.density_meas          ? 
_exptl_crystal.density_Matthews      2.24 
_exptl_crystal.density_percent_sol   51 
_exptl_crystal.description           ? 
_exptl_crystal.F_000                 ? 
_exptl_crystal.preparation           ? 
# 
_exptl_crystal_grow.crystal_id      1 
_exptl_crystal_grow.method          'VAPOR DIFFUSION, SITTING DROP' 
_exptl_crystal_grow.temp            277 
_exptl_crystal_grow.temp_details    ? 
_exptl_crystal_grow.pH              7.5 
_exptl_crystal_grow.pdbx_details    
'23% MPD, 35mM calcium acetate, 10mM Tris, pH 7.5, equilibrated against 35% MPD, VAPOR DIFFUSION, SITTING DROP, temperature 277K' 
_exptl_crystal_grow.pdbx_pH_range   ? 
# 
_diffrn.id                     1 
_diffrn.ambient_temp           100 
_diffrn.ambient_temp_details   ? 
_diffrn.crystal_id             1 
# 
_diffrn_detector.diffrn_id              1 
_diffrn_detector.detector               CCD 
_diffrn_detector.type                   'MARMOSAIC 325 mm CCD' 
_diffrn_detector.pdbx_collection_date   2008-08-07 
_diffrn_detector.details                ? 
# 
_diffrn_radiation.diffrn_id                        1 
_diffrn_radiation.wavelength_id                    1 
_diffrn_radiation.pdbx_monochromatic_or_laue_m_l   M 
_diffrn_radiation.monochromator                    ? 
_diffrn_radiation.pdbx_diffrn_protocol             'SINGLE WAVELENGTH' 
_diffrn_radiation.pdbx_scattering_type             x-ray 
# 
_diffrn_radiation_wavelength.id           1 
_diffrn_radiation_wavelength.wavelength   0.82654 
_diffrn_radiation_wavelength.wt           1.0 
# 
_diffrn_source.diffrn_id                   1 
_diffrn_source.source                      SYNCHROTRON 
_diffrn_source.type                        'SSRL BEAMLINE BL12-2' 
_diffrn_source.pdbx_synchrotron_site       SSRL 
_diffrn_source.pdbx_synchrotron_beamline   BL12-2 
_diffrn_source.pdbx_wavelength             ? 
_diffrn_source.pdbx_wavelength_list        0.82654 
# 
_reflns.entry_id                     3OMJ 
_reflns.observed_criterion_sigma_I   2.0 
_reflns.observed_criterion_sigma_F   2.0 
_reflns.d_resolution_low             23.44 
_reflns.d_resolution_high            0.95 
_reflns.number_obs                   41893 
_reflns.number_all                   42494 
_reflns.percent_possible_obs         97.7 
_reflns.pdbx_Rmerge_I_obs            0.090 
_reflns.pdbx_Rsym_value              ? 
_reflns.pdbx_netI_over_sigmaI        13.9 
_reflns.B_iso_Wilson_estimate        ? 
_reflns.pdbx_redundancy              7.4 
_reflns.R_free_details               ? 
_reflns.limit_h_max                  ? 
_reflns.limit_h_min                  ? 
_reflns.limit_k_max                  ? 
_reflns.limit_k_min                  ? 
_reflns.limit_l_max                  ? 
_reflns.limit_l_min                  ? 
_reflns.observed_criterion_F_max     ? 
_reflns.observed_criterion_F_min     ? 
_reflns.pdbx_chi_squared             ? 
_reflns.pdbx_scaling_rejects         ? 
_reflns.pdbx_diffrn_id               1 
_reflns.pdbx_ordinal                 1 
# 
loop_
_reflns_shell.d_res_high 
_reflns_shell.d_res_low 
_reflns_shell.percent_possible_all 
_reflns_shell.Rmerge_I_obs 
_reflns_shell.pdbx_Rsym_value 
_reflns_shell.meanI_over_sigI_obs 
_reflns_shell.pdbx_redundancy 
_reflns_shell.percent_possible_obs 
_reflns_shell.number_unique_all 
_reflns_shell.number_measured_all 
_reflns_shell.number_measured_obs 
_reflns_shell.number_unique_obs 
_reflns_shell.pdbx_chi_squared 
_reflns_shell.pdbx_diffrn_id 
_reflns_shell.pdbx_ordinal 
0.95 1.00  99.6 ? ? ? ? ? ? ? ? ? ? ? 1 
3.00 23.44 89.0 ? ? ? ? ? ? ? ? ? ? ? 2 
# 
_refine.entry_id                                 3OMJ 
_refine.ls_number_reflns_obs                     41893 
_refine.ls_number_reflns_all                     43176 
_refine.pdbx_ls_sigma_I                          ? 
_refine.pdbx_ls_sigma_F                          . 
_refine.pdbx_data_cutoff_high_absF               ? 
_refine.pdbx_data_cutoff_low_absF                ? 
_refine.pdbx_data_cutoff_high_rms_absF           ? 
_refine.ls_d_res_low                             23.44 
_refine.ls_d_res_high                            0.95 
_refine.ls_percent_reflns_obs                    97.03 
_refine.ls_R_factor_obs                          0.1127 
_refine.ls_R_factor_all                          0.113 
_refine.ls_R_factor_R_work                       0.1121 
_refine.ls_R_factor_R_free                       0.1237 
_refine.ls_R_factor_R_free_error                 ? 
_refine.ls_R_factor_R_free_error_details         ? 
_refine.ls_percent_reflns_R_free                 5.0 
_refine.ls_number_reflns_R_free                  2111 
_refine.ls_number_parameters                     ? 
_refine.ls_number_restraints                     ? 
_refine.occupancy_min                            ? 
_refine.occupancy_max                            ? 
_refine.correlation_coeff_Fo_to_Fc               0.983 
_refine.correlation_coeff_Fo_to_Fc_free          0.982 
_refine.B_iso_mean                               12.059 
_refine.aniso_B[1][1]                            0.12 
_refine.aniso_B[2][2]                            0.12 
_refine.aniso_B[3][3]                            -0.25 
_refine.aniso_B[1][2]                            0.00 
_refine.aniso_B[1][3]                            0.00 
_refine.aniso_B[2][3]                            0.00 
_refine.solvent_model_details                    'BABINET MODEL PARAMETERS FOR MASK CACLULATION' 
_refine.solvent_model_param_ksol                 ? 
_refine.solvent_model_param_bsol                 ? 
_refine.pdbx_solvent_vdw_probe_radii             ? 
_refine.pdbx_solvent_ion_probe_radii             ? 
_refine.pdbx_solvent_shrinkage_radii             ? 
_refine.pdbx_ls_cross_valid_method               THROUGHOUT 
_refine.details                                  ? 
_refine.pdbx_starting_model                      ? 
_refine.pdbx_method_to_determine_struct          'AB INITIO PHASING' 
_refine.pdbx_isotropic_thermal_model             ? 
_refine.pdbx_stereochemistry_target_values       'MAXIMUM LIKELIHOOD' 
_refine.pdbx_stereochem_target_val_spec_case     ? 
_refine.pdbx_R_Free_selection_details            RANDOM 
_refine.pdbx_overall_ESU_R_Free                  0.017 
_refine.overall_SU_ML                            0.011 
_refine.overall_SU_B                             0.428 
_refine.overall_SU_R_Cruickshank_DPI             ? 
_refine.ls_redundancy_reflns_obs                 ? 
_refine.B_iso_min                                ? 
_refine.B_iso_max                                ? 
_refine.overall_SU_R_free                        ? 
_refine.ls_wR_factor_R_free                      ? 
_refine.ls_wR_factor_R_work                      ? 
_refine.overall_FOM_free_R_set                   ? 
_refine.overall_FOM_work_R_set                   ? 
_refine.pdbx_overall_phase_error                 ? 
_refine.pdbx_refine_id                           'X-RAY DIFFRACTION' 
_refine.pdbx_overall_ESU_R                       ? 
_refine.pdbx_diffrn_id                           1 
_refine.pdbx_TLS_residual_ADP_flag               ? 
_refine.pdbx_overall_SU_R_free_Cruickshank_DPI   ? 
_refine.pdbx_overall_SU_R_Blow_DPI               ? 
_refine.pdbx_overall_SU_R_free_Blow_DPI          ? 
# 
_refine_hist.pdbx_refine_id                   'X-RAY DIFFRACTION' 
_refine_hist.cycle_id                         LAST 
_refine_hist.pdbx_number_atoms_protein        0 
_refine_hist.pdbx_number_atoms_nucleic_acid   406 
_refine_hist.pdbx_number_atoms_ligand         90 
_refine_hist.number_atoms_solvent             237 
_refine_hist.number_atoms_total               733 
_refine_hist.d_res_high                       0.95 
_refine_hist.d_res_low                        23.44 
# 
_refine_ls_shell.pdbx_total_number_of_bins_used   20 
_refine_ls_shell.d_res_high                       0.954 
_refine_ls_shell.d_res_low                        0.979 
_refine_ls_shell.number_reflns_R_work             2952 
_refine_ls_shell.R_factor_R_work                  0.258 
_refine_ls_shell.percent_reflns_obs               99.52 
_refine_ls_shell.R_factor_R_free                  0.286 
_refine_ls_shell.R_factor_R_free_error            ? 
_refine_ls_shell.percent_reflns_R_free            ? 
_refine_ls_shell.number_reflns_R_free             149 
_refine_ls_shell.number_reflns_all                ? 
_refine_ls_shell.R_factor_all                     ? 
_refine_ls_shell.number_reflns_obs                ? 
_refine_ls_shell.redundancy_reflns_obs            ? 
_refine_ls_shell.pdbx_refine_id                   'X-RAY DIFFRACTION' 
# 
_struct.entry_id                  3OMJ 
_struct.title                     'Structural Basis for Cyclic Py-Im Polyamide Allosteric Inhibition of Nuclear Receptor Binding' 
_struct.pdbx_model_details        ? 
_struct.pdbx_CASP_flag            ? 
_struct.pdbx_model_type_details   ? 
# 
_struct_keywords.entry_id        3OMJ 
_struct_keywords.pdbx_keywords   DNA 
_struct_keywords.text            'cyclic Py-Im polyamide, DNA' 
# 
loop_
_struct_asym.id 
_struct_asym.pdbx_blank_PDB_chainid_flag 
_struct_asym.pdbx_modified 
_struct_asym.entity_id 
_struct_asym.details 
A N N 1 ? 
B N N 1 ? 
C N N 2 ? 
D N N 2 ? 
E N N 2 ? 
F N N 3 ? 
G N N 2 ? 
H N N 4 ? 
I N N 4 ? 
# 
_struct_ref.id                         1 
_struct_ref.db_name                    PDB 
_struct_ref.db_code                    3OMJ 
_struct_ref.pdbx_db_accession          3OMJ 
_struct_ref.entity_id                  1 
_struct_ref.pdbx_align_begin           ? 
_struct_ref.pdbx_seq_one_letter_code   CCAGTACTGG 
_struct_ref.pdbx_db_isoform            ? 
# 
loop_
_struct_ref_seq.align_id 
_struct_ref_seq.ref_id 
_struct_ref_seq.pdbx_PDB_id_code 
_struct_ref_seq.pdbx_strand_id 
_struct_ref_seq.seq_align_beg 
_struct_ref_seq.pdbx_seq_align_beg_ins_code 
_struct_ref_seq.seq_align_end 
_struct_ref_seq.pdbx_seq_align_end_ins_code 
_struct_ref_seq.pdbx_db_accession 
_struct_ref_seq.db_align_beg 
_struct_ref_seq.pdbx_db_align_beg_ins_code 
_struct_ref_seq.db_align_end 
_struct_ref_seq.pdbx_db_align_end_ins_code 
_struct_ref_seq.pdbx_auth_seq_align_beg 
_struct_ref_seq.pdbx_auth_seq_align_end 
1 1 3OMJ A 1 ? 10 ? 3OMJ 1 ? 10 ? 1 10 
2 1 3OMJ B 1 ? 10 ? 3OMJ 1 ? 10 ? 1 10 
# 
_pdbx_struct_assembly.id                   1 
_pdbx_struct_assembly.details              author_and_software_defined_assembly 
_pdbx_struct_assembly.method_details       PISA 
_pdbx_struct_assembly.oligomeric_details   dimeric 
_pdbx_struct_assembly.oligomeric_count     2 
# 
loop_
_pdbx_struct_assembly_prop.biol_id 
_pdbx_struct_assembly_prop.type 
_pdbx_struct_assembly_prop.value 
_pdbx_struct_assembly_prop.details 
1 'ABSA (A^2)' 2750 ? 
1 MORE         -7   ? 
1 'SSA (A^2)'  3720 ? 
# 
_pdbx_struct_assembly_gen.assembly_id       1 
_pdbx_struct_assembly_gen.oper_expression   1 
_pdbx_struct_assembly_gen.asym_id_list      A,B,C,D,E,F,G,H,I 
# 
_pdbx_struct_oper_list.id                   1 
_pdbx_struct_oper_list.type                 'identity operation' 
_pdbx_struct_oper_list.name                 1_555 
_pdbx_struct_oper_list.symmetry_operation   x,y,z 
_pdbx_struct_oper_list.matrix[1][1]         1.0000000000 
_pdbx_struct_oper_list.matrix[1][2]         0.0000000000 
_pdbx_struct_oper_list.matrix[1][3]         0.0000000000 
_pdbx_struct_oper_list.vector[1]            0.0000000000 
_pdbx_struct_oper_list.matrix[2][1]         0.0000000000 
_pdbx_struct_oper_list.matrix[2][2]         1.0000000000 
_pdbx_struct_oper_list.matrix[2][3]         0.0000000000 
_pdbx_struct_oper_list.vector[2]            0.0000000000 
_pdbx_struct_oper_list.matrix[3][1]         0.0000000000 
_pdbx_struct_oper_list.matrix[3][2]         0.0000000000 
_pdbx_struct_oper_list.matrix[3][3]         1.0000000000 
_pdbx_struct_oper_list.vector[3]            0.0000000000 
# 
_struct_biol.id        1 
_struct_biol.details   ? 
# 
loop_
_struct_conn.id 
_struct_conn.conn_type_id 
_struct_conn.pdbx_leaving_atom_flag 
_struct_conn.pdbx_PDB_id 
_struct_conn.ptnr1_label_asym_id 
_struct_conn.ptnr1_label_comp_id 
_struct_conn.ptnr1_label_seq_id 
_struct_conn.ptnr1_label_atom_id 
_struct_conn.pdbx_ptnr1_label_alt_id 
_struct_conn.pdbx_ptnr1_PDB_ins_code 
_struct_conn.pdbx_ptnr1_standard_comp_id 
_struct_conn.ptnr1_symmetry 
_struct_conn.ptnr2_label_asym_id 
_struct_conn.ptnr2_label_comp_id 
_struct_conn.ptnr2_label_seq_id 
_struct_conn.ptnr2_label_atom_id 
_struct_conn.pdbx_ptnr2_label_alt_id 
_struct_conn.pdbx_ptnr2_PDB_ins_code 
_struct_conn.ptnr1_auth_asym_id 
_struct_conn.ptnr1_auth_comp_id 
_struct_conn.ptnr1_auth_seq_id 
_struct_conn.ptnr2_auth_asym_id 
_struct_conn.ptnr2_auth_comp_id 
_struct_conn.ptnr2_auth_seq_id 
_struct_conn.ptnr2_symmetry 
_struct_conn.pdbx_ptnr3_label_atom_id 
_struct_conn.pdbx_ptnr3_label_seq_id 
_struct_conn.pdbx_ptnr3_label_comp_id 
_struct_conn.pdbx_ptnr3_label_asym_id 
_struct_conn.pdbx_ptnr3_label_alt_id 
_struct_conn.pdbx_ptnr3_PDB_ins_code 
_struct_conn.details 
_struct_conn.pdbx_dist_value 
_struct_conn.pdbx_value_order 
_struct_conn.pdbx_role 
covale1  covale both ? A DC  1  "O3'" ? ? ? 1_555 A C38 2  P  ? ? A DC  1   A C38 2   1_555 ? ? ? ? ? ? ?            1.584 ? ? 
covale2  covale one  ? A C38 2  "O3'" ? ? ? 1_555 A DA  3  P  A ? A C38 2   A DA  3   1_555 ? ? ? ? ? ? ?            1.572 ? ? 
covale3  covale one  ? A C38 2  "O3'" ? ? ? 1_555 A DA  3  P  B ? A C38 2   A DA  3   1_555 ? ? ? ? ? ? ?            1.786 ? ? 
covale4  covale both ? B DC  1  "O3'" ? ? ? 1_555 B C38 2  P  ? ? B DC  1   B C38 2   1_555 ? ? ? ? ? ? ?            1.567 ? ? 
covale5  covale one  ? B C38 2  "O3'" ? ? ? 1_555 B DA  3  P  ? ? B C38 2   B DA  3   1_555 ? ? ? ? ? ? ?            1.579 ? ? 
metalc1  metalc ?    ? H HOH .  O     ? ? ? 1_555 D CA  .  CA A ? A HOH 32  A CA  300 1_555 ? ? ? ? ? ? ?            2.323 ? ? 
metalc2  metalc ?    ? H HOH .  O     ? ? ? 1_555 E CA  .  CA B ? A HOH 32  A CA  301 1_555 ? ? ? ? ? ? ?            2.334 ? ? 
metalc3  metalc ?    ? H HOH .  O     ? ? ? 1_555 D CA  .  CA A ? A HOH 34  A CA  300 1_555 ? ? ? ? ? ? ?            2.539 ? ? 
metalc4  metalc ?    ? H HOH .  O     ? ? ? 1_555 E CA  .  CA B ? A HOH 34  A CA  301 1_555 ? ? ? ? ? ? ?            2.233 ? ? 
metalc5  metalc ?    ? H HOH .  O     ? ? ? 1_555 E CA  .  CA B ? A HOH 41  A CA  301 1_555 ? ? ? ? ? ? ?            2.494 ? ? 
metalc6  metalc ?    ? H HOH .  O     A ? ? 1_555 D CA  .  CA A ? A HOH 73  A CA  300 1_555 ? ? ? ? ? ? ?            2.759 ? ? 
metalc7  metalc ?    ? H HOH .  O     ? ? ? 1_555 C CA  .  CA ? ? A HOH 124 A CA  302 1_555 ? ? ? ? ? ? ?            2.429 ? ? 
metalc8  metalc ?    ? H HOH .  O     ? ? ? 1_555 D CA  .  CA A ? A HOH 133 A CA  300 1_555 ? ? ? ? ? ? ?            2.720 ? ? 
metalc9  metalc ?    ? H HOH .  O     ? ? ? 1_555 E CA  .  CA B ? A HOH 133 A CA  301 1_555 ? ? ? ? ? ? ?            2.287 ? ? 
metalc10 metalc ?    ? H HOH .  O     A ? ? 1_555 D CA  .  CA A ? A HOH 161 A CA  300 1_555 ? ? ? ? ? ? ?            2.168 ? ? 
metalc11 metalc ?    ? H HOH .  O     B ? ? 1_555 E CA  .  CA B ? A HOH 161 A CA  301 1_555 ? ? ? ? ? ? ?            2.425 ? ? 
metalc12 metalc ?    ? H HOH .  O     ? ? ? 1_555 C CA  .  CA ? ? A HOH 246 A CA  302 1_555 ? ? ? ? ? ? ?            2.393 ? ? 
metalc13 metalc ?    ? H HOH .  O     ? ? ? 1_555 C CA  .  CA ? ? A HOH 247 A CA  302 1_555 ? ? ? ? ? ? ?            2.365 ? ? 
metalc14 metalc ?    ? H HOH .  O     ? ? ? 1_555 C CA  .  CA ? ? A HOH 252 A CA  302 1_555 ? ? ? ? ? ? ?            2.438 ? ? 
metalc15 metalc ?    ? H HOH .  O     ? ? ? 1_555 C CA  .  CA ? ? A HOH 253 A CA  302 1_555 ? ? ? ? ? ? ?            2.425 ? ? 
metalc16 metalc ?    ? C CA  .  CA    ? ? ? 1_555 I HOH .  O  ? ? A CA  302 B HOH 125 1_555 ? ? ? ? ? ? ?            2.444 ? ? 
metalc17 metalc ?    ? C CA  .  CA    ? ? ? 1_555 I HOH .  O  ? ? A CA  302 B HOH 245 1_555 ? ? ? ? ? ? ?            2.449 ? ? 
metalc18 metalc ?    ? B C38 2  O1P   ? ? ? 1_555 G CA  .  CA ? ? B C38 2   B CA  303 1_555 ? ? ? ? ? ? ?            2.311 ? ? 
metalc19 metalc ?    ? I HOH .  O     ? ? ? 1_555 G CA  .  CA ? ? B HOH 45  B CA  303 1_555 ? ? ? ? ? ? ?            2.301 ? ? 
metalc20 metalc ?    ? I HOH .  O     ? ? ? 1_555 G CA  .  CA ? ? B HOH 85  B CA  303 1_555 ? ? ? ? ? ? ?            2.355 ? ? 
hydrog1  hydrog ?    ? A DC  1  N3    ? ? ? 1_555 B DG  10 N1 ? ? A DC  1   B DG  10  1_555 ? ? ? ? ? ? WATSON-CRICK ?     ? ? 
hydrog2  hydrog ?    ? A DC  1  N4    ? ? ? 1_555 B DG  10 O6 ? ? A DC  1   B DG  10  1_555 ? ? ? ? ? ? WATSON-CRICK ?     ? ? 
hydrog3  hydrog ?    ? A DC  1  O2    ? ? ? 1_555 B DG  10 N2 ? ? A DC  1   B DG  10  1_555 ? ? ? ? ? ? WATSON-CRICK ?     ? ? 
hydrog4  hydrog ?    ? A C38 2  N3    ? ? ? 1_555 B DG  9  N1 ? ? A C38 2   B DG  9   1_555 ? ? ? ? ? ? WATSON-CRICK ?     ? ? 
hydrog5  hydrog ?    ? A C38 2  N4    ? ? ? 1_555 B DG  9  O6 ? ? A C38 2   B DG  9   1_555 ? ? ? ? ? ? WATSON-CRICK ?     ? ? 
hydrog6  hydrog ?    ? A C38 2  O2    ? ? ? 1_555 B DG  9  N2 ? ? A C38 2   B DG  9   1_555 ? ? ? ? ? ? WATSON-CRICK ?     ? ? 
hydrog7  hydrog ?    ? A DA  3  N1    ? ? ? 1_555 B DT  8  N3 ? ? A DA  3   B DT  8   1_555 ? ? ? ? ? ? WATSON-CRICK ?     ? ? 
hydrog8  hydrog ?    ? A DA  3  N6    ? ? ? 1_555 B DT  8  O4 ? ? A DA  3   B DT  8   1_555 ? ? ? ? ? ? WATSON-CRICK ?     ? ? 
hydrog9  hydrog ?    ? A DG  4  N1    ? ? ? 1_555 B DC  7  N3 ? ? A DG  4   B DC  7   1_555 ? ? ? ? ? ? WATSON-CRICK ?     ? ? 
hydrog10 hydrog ?    ? A DG  4  N2    ? ? ? 1_555 B DC  7  O2 ? ? A DG  4   B DC  7   1_555 ? ? ? ? ? ? WATSON-CRICK ?     ? ? 
hydrog11 hydrog ?    ? A DG  4  O6    ? ? ? 1_555 B DC  7  N4 ? ? A DG  4   B DC  7   1_555 ? ? ? ? ? ? WATSON-CRICK ?     ? ? 
hydrog12 hydrog ?    ? A DT  5  N3    ? ? ? 1_555 B DA  6  N1 ? ? A DT  5   B DA  6   1_555 ? ? ? ? ? ? WATSON-CRICK ?     ? ? 
hydrog13 hydrog ?    ? A DT  5  O4    ? ? ? 1_555 B DA  6  N6 ? ? A DT  5   B DA  6   1_555 ? ? ? ? ? ? WATSON-CRICK ?     ? ? 
hydrog14 hydrog ?    ? A DA  6  N1    ? ? ? 1_555 B DT  5  N3 ? ? A DA  6   B DT  5   1_555 ? ? ? ? ? ? WATSON-CRICK ?     ? ? 
hydrog15 hydrog ?    ? A DA  6  N6    ? ? ? 1_555 B DT  5  O4 ? ? A DA  6   B DT  5   1_555 ? ? ? ? ? ? WATSON-CRICK ?     ? ? 
hydrog16 hydrog ?    ? A DC  7  N3    ? ? ? 1_555 B DG  4  N1 ? ? A DC  7   B DG  4   1_555 ? ? ? ? ? ? WATSON-CRICK ?     ? ? 
hydrog17 hydrog ?    ? A DC  7  N4    ? ? ? 1_555 B DG  4  O6 ? ? A DC  7   B DG  4   1_555 ? ? ? ? ? ? WATSON-CRICK ?     ? ? 
hydrog18 hydrog ?    ? A DC  7  O2    ? ? ? 1_555 B DG  4  N2 ? ? A DC  7   B DG  4   1_555 ? ? ? ? ? ? WATSON-CRICK ?     ? ? 
hydrog19 hydrog ?    ? A DT  8  N3    ? ? ? 1_555 B DA  3  N1 ? ? A DT  8   B DA  3   1_555 ? ? ? ? ? ? WATSON-CRICK ?     ? ? 
hydrog20 hydrog ?    ? A DT  8  O4    ? ? ? 1_555 B DA  3  N6 ? ? A DT  8   B DA  3   1_555 ? ? ? ? ? ? WATSON-CRICK ?     ? ? 
hydrog21 hydrog ?    ? A DG  9  N1    ? ? ? 1_555 B C38 2  N3 ? ? A DG  9   B C38 2   1_555 ? ? ? ? ? ? WATSON-CRICK ?     ? ? 
hydrog22 hydrog ?    ? A DG  9  N2    ? ? ? 1_555 B C38 2  O2 ? ? A DG  9   B C38 2   1_555 ? ? ? ? ? ? WATSON-CRICK ?     ? ? 
hydrog23 hydrog ?    ? A DG  9  O6    ? ? ? 1_555 B C38 2  N4 ? ? A DG  9   B C38 2   1_555 ? ? ? ? ? ? WATSON-CRICK ?     ? ? 
hydrog24 hydrog ?    ? A DG  10 N1    ? ? ? 1_555 B DC  1  N3 ? ? A DG  10  B DC  1   1_555 ? ? ? ? ? ? WATSON-CRICK ?     ? ? 
hydrog25 hydrog ?    ? A DG  10 N2    ? ? ? 1_555 B DC  1  O2 ? ? A DG  10  B DC  1   1_555 ? ? ? ? ? ? WATSON-CRICK ?     ? ? 
hydrog26 hydrog ?    ? A DG  10 O6    ? ? ? 1_555 B DC  1  N4 ? ? A DG  10  B DC  1   1_555 ? ? ? ? ? ? WATSON-CRICK ?     ? ? 
# 
loop_
_struct_conn_type.id 
_struct_conn_type.criteria 
_struct_conn_type.reference 
covale ? ? 
metalc ? ? 
hydrog ? ? 
# 
loop_
_pdbx_struct_conn_angle.id 
_pdbx_struct_conn_angle.ptnr1_label_atom_id 
_pdbx_struct_conn_angle.ptnr1_label_alt_id 
_pdbx_struct_conn_angle.ptnr1_label_asym_id 
_pdbx_struct_conn_angle.ptnr1_label_comp_id 
_pdbx_struct_conn_angle.ptnr1_label_seq_id 
_pdbx_struct_conn_angle.ptnr1_auth_atom_id 
_pdbx_struct_conn_angle.ptnr1_auth_asym_id 
_pdbx_struct_conn_angle.ptnr1_auth_comp_id 
_pdbx_struct_conn_angle.ptnr1_auth_seq_id 
_pdbx_struct_conn_angle.ptnr1_PDB_ins_code 
_pdbx_struct_conn_angle.ptnr1_symmetry 
_pdbx_struct_conn_angle.ptnr2_label_atom_id 
_pdbx_struct_conn_angle.ptnr2_label_alt_id 
_pdbx_struct_conn_angle.ptnr2_label_asym_id 
_pdbx_struct_conn_angle.ptnr2_label_comp_id 
_pdbx_struct_conn_angle.ptnr2_label_seq_id 
_pdbx_struct_conn_angle.ptnr2_auth_atom_id 
_pdbx_struct_conn_angle.ptnr2_auth_asym_id 
_pdbx_struct_conn_angle.ptnr2_auth_comp_id 
_pdbx_struct_conn_angle.ptnr2_auth_seq_id 
_pdbx_struct_conn_angle.ptnr2_PDB_ins_code 
_pdbx_struct_conn_angle.ptnr2_symmetry 
_pdbx_struct_conn_angle.ptnr3_label_atom_id 
_pdbx_struct_conn_angle.ptnr3_label_alt_id 
_pdbx_struct_conn_angle.ptnr3_label_asym_id 
_pdbx_struct_conn_angle.ptnr3_label_comp_id 
_pdbx_struct_conn_angle.ptnr3_label_seq_id 
_pdbx_struct_conn_angle.ptnr3_auth_atom_id 
_pdbx_struct_conn_angle.ptnr3_auth_asym_id 
_pdbx_struct_conn_angle.ptnr3_auth_comp_id 
_pdbx_struct_conn_angle.ptnr3_auth_seq_id 
_pdbx_struct_conn_angle.ptnr3_PDB_ins_code 
_pdbx_struct_conn_angle.ptnr3_symmetry 
_pdbx_struct_conn_angle.value 
_pdbx_struct_conn_angle.value_esd 
1  O   ? H HOH . ? A HOH 32  ? 1_555 CA A D CA . ? A CA 300 ? 1_555 O ? H HOH . ? A HOH 34  ? 1_555 91.0  ? 
2  O   ? H HOH . ? A HOH 32  ? 1_555 CA A D CA . ? A CA 300 ? 1_555 O A H HOH . ? A HOH 73  ? 1_555 134.8 ? 
3  O   ? H HOH . ? A HOH 34  ? 1_555 CA A D CA . ? A CA 300 ? 1_555 O A H HOH . ? A HOH 73  ? 1_555 70.9  ? 
4  O   ? H HOH . ? A HOH 32  ? 1_555 CA A D CA . ? A CA 300 ? 1_555 O ? H HOH . ? A HOH 133 ? 1_555 75.2  ? 
5  O   ? H HOH . ? A HOH 34  ? 1_555 CA A D CA . ? A CA 300 ? 1_555 O ? H HOH . ? A HOH 133 ? 1_555 118.1 ? 
6  O   A H HOH . ? A HOH 73  ? 1_555 CA A D CA . ? A CA 300 ? 1_555 O ? H HOH . ? A HOH 133 ? 1_555 77.8  ? 
7  O   ? H HOH . ? A HOH 32  ? 1_555 CA A D CA . ? A CA 300 ? 1_555 O A H HOH . ? A HOH 161 ? 1_555 61.1  ? 
8  O   ? H HOH . ? A HOH 34  ? 1_555 CA A D CA . ? A CA 300 ? 1_555 O A H HOH . ? A HOH 161 ? 1_555 142.9 ? 
9  O   A H HOH . ? A HOH 73  ? 1_555 CA A D CA . ? A CA 300 ? 1_555 O A H HOH . ? A HOH 161 ? 1_555 146.1 ? 
10 O   ? H HOH . ? A HOH 133 ? 1_555 CA A D CA . ? A CA 300 ? 1_555 O A H HOH . ? A HOH 161 ? 1_555 80.1  ? 
11 O   ? H HOH . ? A HOH 32  ? 1_555 CA B E CA . ? A CA 301 ? 1_555 O ? H HOH . ? A HOH 34  ? 1_555 98.9  ? 
12 O   ? H HOH . ? A HOH 32  ? 1_555 CA B E CA . ? A CA 301 ? 1_555 O ? H HOH . ? A HOH 41  ? 1_555 83.3  ? 
13 O   ? H HOH . ? A HOH 34  ? 1_555 CA B E CA . ? A CA 301 ? 1_555 O ? H HOH . ? A HOH 41  ? 1_555 92.0  ? 
14 O   ? H HOH . ? A HOH 32  ? 1_555 CA B E CA . ? A CA 301 ? 1_555 O ? H HOH . ? A HOH 133 ? 1_555 84.1  ? 
15 O   ? H HOH . ? A HOH 34  ? 1_555 CA B E CA . ? A CA 301 ? 1_555 O ? H HOH . ? A HOH 133 ? 1_555 173.2 ? 
16 O   ? H HOH . ? A HOH 41  ? 1_555 CA B E CA . ? A CA 301 ? 1_555 O ? H HOH . ? A HOH 133 ? 1_555 82.3  ? 
17 O   ? H HOH . ? A HOH 32  ? 1_555 CA B E CA . ? A CA 301 ? 1_555 O B H HOH . ? A HOH 161 ? 1_555 81.6  ? 
18 O   ? H HOH . ? A HOH 34  ? 1_555 CA B E CA . ? A CA 301 ? 1_555 O B H HOH . ? A HOH 161 ? 1_555 84.2  ? 
19 O   ? H HOH . ? A HOH 41  ? 1_555 CA B E CA . ? A CA 301 ? 1_555 O B H HOH . ? A HOH 161 ? 1_555 163.6 ? 
20 O   ? H HOH . ? A HOH 133 ? 1_555 CA B E CA . ? A CA 301 ? 1_555 O B H HOH . ? A HOH 161 ? 1_555 102.3 ? 
21 O   ? H HOH . ? A HOH 124 ? 1_555 CA ? C CA . ? A CA 302 ? 1_555 O ? H HOH . ? A HOH 246 ? 1_555 77.7  ? 
22 O   ? H HOH . ? A HOH 124 ? 1_555 CA ? C CA . ? A CA 302 ? 1_555 O ? H HOH . ? A HOH 247 ? 1_555 120.7 ? 
23 O   ? H HOH . ? A HOH 246 ? 1_555 CA ? C CA . ? A CA 302 ? 1_555 O ? H HOH . ? A HOH 247 ? 1_555 84.0  ? 
24 O   ? H HOH . ? A HOH 124 ? 1_555 CA ? C CA . ? A CA 302 ? 1_555 O ? H HOH . ? A HOH 252 ? 1_555 78.4  ? 
25 O   ? H HOH . ? A HOH 246 ? 1_555 CA ? C CA . ? A CA 302 ? 1_555 O ? H HOH . ? A HOH 252 ? 1_555 85.0  ? 
26 O   ? H HOH . ? A HOH 247 ? 1_555 CA ? C CA . ? A CA 302 ? 1_555 O ? H HOH . ? A HOH 252 ? 1_555 155.1 ? 
27 O   ? H HOH . ? A HOH 124 ? 1_555 CA ? C CA . ? A CA 302 ? 1_555 O ? H HOH . ? A HOH 253 ? 1_555 73.3  ? 
28 O   ? H HOH . ? A HOH 246 ? 1_555 CA ? C CA . ? A CA 302 ? 1_555 O ? H HOH . ? A HOH 253 ? 1_555 127.5 ? 
29 O   ? H HOH . ? A HOH 247 ? 1_555 CA ? C CA . ? A CA 302 ? 1_555 O ? H HOH . ? A HOH 253 ? 1_555 75.0  ? 
30 O   ? H HOH . ? A HOH 252 ? 1_555 CA ? C CA . ? A CA 302 ? 1_555 O ? H HOH . ? A HOH 253 ? 1_555 128.8 ? 
31 O   ? H HOH . ? A HOH 124 ? 1_555 CA ? C CA . ? A CA 302 ? 1_555 O ? I HOH . ? B HOH 125 ? 1_555 114.1 ? 
32 O   ? H HOH . ? A HOH 246 ? 1_555 CA ? C CA . ? A CA 302 ? 1_555 O ? I HOH . ? B HOH 125 ? 1_555 157.4 ? 
33 O   ? H HOH . ? A HOH 247 ? 1_555 CA ? C CA . ? A CA 302 ? 1_555 O ? I HOH . ? B HOH 125 ? 1_555 104.0 ? 
34 O   ? H HOH . ? A HOH 252 ? 1_555 CA ? C CA . ? A CA 302 ? 1_555 O ? I HOH . ? B HOH 125 ? 1_555 79.0  ? 
35 O   ? H HOH . ? A HOH 253 ? 1_555 CA ? C CA . ? A CA 302 ? 1_555 O ? I HOH . ? B HOH 125 ? 1_555 75.1  ? 
36 O   ? H HOH . ? A HOH 124 ? 1_555 CA ? C CA . ? A CA 302 ? 1_555 O ? I HOH . ? B HOH 245 ? 1_555 151.2 ? 
37 O   ? H HOH . ? A HOH 246 ? 1_555 CA ? C CA . ? A CA 302 ? 1_555 O ? I HOH . ? B HOH 245 ? 1_555 81.6  ? 
38 O   ? H HOH . ? A HOH 247 ? 1_555 CA ? C CA . ? A CA 302 ? 1_555 O ? I HOH . ? B HOH 245 ? 1_555 76.1  ? 
39 O   ? H HOH . ? A HOH 252 ? 1_555 CA ? C CA . ? A CA 302 ? 1_555 O ? I HOH . ? B HOH 245 ? 1_555 80.2  ? 
40 O   ? H HOH . ? A HOH 253 ? 1_555 CA ? C CA . ? A CA 302 ? 1_555 O ? I HOH . ? B HOH 245 ? 1_555 135.5 ? 
41 O   ? I HOH . ? B HOH 125 ? 1_555 CA ? C CA . ? A CA 302 ? 1_555 O ? I HOH . ? B HOH 245 ? 1_555 80.0  ? 
42 O1P ? B C38 2 ? B C38 2   ? 1_555 CA ? G CA . ? B CA 303 ? 1_555 O ? I HOH . ? B HOH 45  ? 1_555 85.1  ? 
43 O1P ? B C38 2 ? B C38 2   ? 1_555 CA ? G CA . ? B CA 303 ? 1_555 O ? I HOH . ? B HOH 85  ? 1_555 173.4 ? 
44 O   ? I HOH . ? B HOH 45  ? 1_555 CA ? G CA . ? B CA 303 ? 1_555 O ? I HOH . ? B HOH 85  ? 1_555 88.8  ? 
# 
loop_
_struct_site.id 
_struct_site.pdbx_evidence_code 
_struct_site.pdbx_auth_asym_id 
_struct_site.pdbx_auth_comp_id 
_struct_site.pdbx_auth_seq_id 
_struct_site.pdbx_auth_ins_code 
_struct_site.pdbx_num_residues 
_struct_site.details 
AC1 Software A CA  302 ? 7  'BINDING SITE FOR RESIDUE CA A 302'  
AC2 Software A CA  300 ? 6  'BINDING SITE FOR RESIDUE CA A 300'  
AC3 Software A CA  301 ? 7  'BINDING SITE FOR RESIDUE CA A 301'  
AC4 Software B 1P2 500 ? 39 'BINDING SITE FOR RESIDUE 1P2 B 500' 
AC5 Software B CA  303 ? 6  'BINDING SITE FOR RESIDUE CA B 303'  
# 
loop_
_struct_site_gen.id 
_struct_site_gen.site_id 
_struct_site_gen.pdbx_num_res 
_struct_site_gen.label_comp_id 
_struct_site_gen.label_asym_id 
_struct_site_gen.label_seq_id 
_struct_site_gen.pdbx_auth_ins_code 
_struct_site_gen.auth_comp_id 
_struct_site_gen.auth_asym_id 
_struct_site_gen.auth_seq_id 
_struct_site_gen.label_atom_id 
_struct_site_gen.label_alt_id 
_struct_site_gen.symmetry 
_struct_site_gen.details 
1  AC1 7  HOH H .  ? HOH A 124 . ? 1_555 ? 
2  AC1 7  HOH H .  ? HOH A 246 . ? 1_555 ? 
3  AC1 7  HOH H .  ? HOH A 247 . ? 1_555 ? 
4  AC1 7  HOH H .  ? HOH A 252 . ? 1_555 ? 
5  AC1 7  HOH H .  ? HOH A 253 . ? 1_555 ? 
6  AC1 7  HOH I .  ? HOH B 125 . ? 1_555 ? 
7  AC1 7  HOH I .  ? HOH B 245 . ? 1_555 ? 
8  AC2 6  HOH H .  ? HOH A 32  . ? 1_555 ? 
9  AC2 6  HOH H .  ? HOH A 34  . ? 1_555 ? 
10 AC2 6  HOH H .  ? HOH A 73  . ? 1_555 ? 
11 AC2 6  HOH H .  ? HOH A 74  . ? 1_555 ? 
12 AC2 6  HOH H .  ? HOH A 133 . ? 1_555 ? 
13 AC2 6  HOH H .  ? HOH A 161 . ? 1_555 ? 
14 AC3 7  HOH H .  ? HOH A 32  . ? 1_555 ? 
15 AC3 7  HOH H .  ? HOH A 34  . ? 1_555 ? 
16 AC3 7  HOH H .  ? HOH A 41  . ? 1_555 ? 
17 AC3 7  HOH H .  ? HOH A 73  . ? 1_555 ? 
18 AC3 7  HOH H .  ? HOH A 74  . ? 1_555 ? 
19 AC3 7  HOH H .  ? HOH A 133 . ? 1_555 ? 
20 AC3 7  HOH H .  ? HOH A 161 . ? 1_555 ? 
21 AC4 39 DC  A 1  ? DC  A 1   . ? 4_454 ? 
22 AC4 39 DG  A 4  ? DG  A 4   . ? 1_555 ? 
23 AC4 39 DT  A 5  ? DT  A 5   . ? 1_555 ? 
24 AC4 39 DA  A 6  ? DA  A 6   . ? 1_555 ? 
25 AC4 39 DC  A 7  ? DC  A 7   . ? 1_555 ? 
26 AC4 39 DT  A 8  ? DT  A 8   . ? 1_555 ? 
27 AC4 39 DG  A 9  ? DG  A 9   . ? 1_555 ? 
28 AC4 39 HOH H .  ? HOH A 160 . ? 1_555 ? 
29 AC4 39 HOH H .  ? HOH A 242 . ? 4_454 ? 
30 AC4 39 DC  B 1  ? DC  B 1   . ? 3_555 ? 
31 AC4 39 DG  B 4  ? DG  B 4   . ? 1_555 ? 
32 AC4 39 DT  B 5  ? DT  B 5   . ? 1_555 ? 
33 AC4 39 DA  B 6  ? DA  B 6   . ? 1_555 ? 
34 AC4 39 DC  B 7  ? DC  B 7   . ? 1_555 ? 
35 AC4 39 DT  B 8  ? DT  B 8   . ? 1_555 ? 
36 AC4 39 DG  B 9  ? DG  B 9   . ? 1_555 ? 
37 AC4 39 DG  B 10 ? DG  B 10  . ? 6_454 ? 
38 AC4 39 HOH I .  ? HOH B 31  . ? 1_555 ? 
39 AC4 39 HOH I .  ? HOH B 39  . ? 1_555 ? 
40 AC4 39 HOH I .  ? HOH B 40  . ? 1_555 ? 
41 AC4 39 HOH I .  ? HOH B 47  . ? 1_555 ? 
42 AC4 39 HOH I .  ? HOH B 53  . ? 1_555 ? 
43 AC4 39 HOH I .  ? HOH B 56  . ? 1_555 ? 
44 AC4 39 HOH I .  ? HOH B 86  . ? 1_555 ? 
45 AC4 39 HOH I .  ? HOH B 87  . ? 1_555 ? 
46 AC4 39 HOH I .  ? HOH B 102 . ? 1_555 ? 
47 AC4 39 HOH I .  ? HOH B 129 . ? 1_555 ? 
48 AC4 39 HOH I .  ? HOH B 137 . ? 1_555 ? 
49 AC4 39 HOH I .  ? HOH B 138 . ? 1_555 ? 
50 AC4 39 HOH I .  ? HOH B 146 . ? 1_555 ? 
51 AC4 39 HOH I .  ? HOH B 159 . ? 1_555 ? 
52 AC4 39 HOH I .  ? HOH B 169 . ? 1_555 ? 
53 AC4 39 HOH I .  ? HOH B 170 . ? 1_555 ? 
54 AC4 39 HOH I .  ? HOH B 176 . ? 1_555 ? 
55 AC4 39 HOH I .  ? HOH B 182 . ? 1_555 ? 
56 AC4 39 HOH I .  ? HOH B 198 . ? 1_555 ? 
57 AC4 39 HOH I .  ? HOH B 200 . ? 1_555 ? 
58 AC4 39 HOH I .  ? HOH B 203 . ? 1_555 ? 
59 AC4 39 HOH I .  ? HOH B 204 . ? 1_555 ? 
60 AC5 6  C38 B 2  ? C38 B 2   . ? 1_555 ? 
61 AC5 6  C38 B 2  ? C38 B 2   . ? 8_664 ? 
62 AC5 6  HOH I .  ? HOH B 45  . ? 8_664 ? 
63 AC5 6  HOH I .  ? HOH B 45  . ? 1_555 ? 
64 AC5 6  HOH I .  ? HOH B 85  . ? 1_555 ? 
65 AC5 6  HOH I .  ? HOH B 85  . ? 8_664 ? 
# 
loop_
_pdbx_validate_close_contact.id 
_pdbx_validate_close_contact.PDB_model_num 
_pdbx_validate_close_contact.auth_atom_id_1 
_pdbx_validate_close_contact.auth_asym_id_1 
_pdbx_validate_close_contact.auth_comp_id_1 
_pdbx_validate_close_contact.auth_seq_id_1 
_pdbx_validate_close_contact.PDB_ins_code_1 
_pdbx_validate_close_contact.label_alt_id_1 
_pdbx_validate_close_contact.auth_atom_id_2 
_pdbx_validate_close_contact.auth_asym_id_2 
_pdbx_validate_close_contact.auth_comp_id_2 
_pdbx_validate_close_contact.auth_seq_id_2 
_pdbx_validate_close_contact.PDB_ins_code_2 
_pdbx_validate_close_contact.label_alt_id_2 
_pdbx_validate_close_contact.dist 
1  1 O6    A DG  10  ? ? O A HOH 240 ? ? 1.73 
2  1 "O5'" A DC  1   ? ? O A HOH 242 ? ? 1.82 
3  1 O     A HOH 100 ? ? O A HOH 242 ? ? 1.88 
4  1 O     A HOH 239 ? ? O A HOH 243 ? ? 2.02 
5  1 N7    A DG  10  ? ? O A HOH 240 ? ? 2.07 
6  1 OP2   B DG  10  ? A O B HOH 42  ? ? 2.09 
7  1 O     B HOH 198 ? ? O B HOH 234 ? ? 2.12 
8  1 O     B HOH 178 ? ? O B HOH 224 ? ? 2.15 
9  1 C6    A DG  10  ? ? O A HOH 240 ? ? 2.15 
10 1 OP1   A DT  5   ? A O A HOH 152 ? ? 2.16 
11 1 O     A HOH 239 ? ? O A HOH 240 ? ? 2.18 
12 1 O     B HOH 114 ? ? O B HOH 224 ? ? 2.19 
# 
_pdbx_validate_symm_contact.id                1 
_pdbx_validate_symm_contact.PDB_model_num     1 
_pdbx_validate_symm_contact.auth_atom_id_1    O 
_pdbx_validate_symm_contact.auth_asym_id_1    A 
_pdbx_validate_symm_contact.auth_comp_id_1    HOH 
_pdbx_validate_symm_contact.auth_seq_id_1     162 
_pdbx_validate_symm_contact.PDB_ins_code_1    ? 
_pdbx_validate_symm_contact.label_alt_id_1    ? 
_pdbx_validate_symm_contact.site_symmetry_1   1_555 
_pdbx_validate_symm_contact.auth_atom_id_2    O 
_pdbx_validate_symm_contact.auth_asym_id_2    B 
_pdbx_validate_symm_contact.auth_comp_id_2    HOH 
_pdbx_validate_symm_contact.auth_seq_id_2     224 
_pdbx_validate_symm_contact.PDB_ins_code_2    ? 
_pdbx_validate_symm_contact.label_alt_id_2    ? 
_pdbx_validate_symm_contact.site_symmetry_2   6_464 
_pdbx_validate_symm_contact.dist              1.92 
# 
loop_
_pdbx_validate_rmsd_bond.id 
_pdbx_validate_rmsd_bond.PDB_model_num 
_pdbx_validate_rmsd_bond.auth_atom_id_1 
_pdbx_validate_rmsd_bond.auth_asym_id_1 
_pdbx_validate_rmsd_bond.auth_comp_id_1 
_pdbx_validate_rmsd_bond.auth_seq_id_1 
_pdbx_validate_rmsd_bond.PDB_ins_code_1 
_pdbx_validate_rmsd_bond.label_alt_id_1 
_pdbx_validate_rmsd_bond.auth_atom_id_2 
_pdbx_validate_rmsd_bond.auth_asym_id_2 
_pdbx_validate_rmsd_bond.auth_comp_id_2 
_pdbx_validate_rmsd_bond.auth_seq_id_2 
_pdbx_validate_rmsd_bond.PDB_ins_code_2 
_pdbx_validate_rmsd_bond.label_alt_id_2 
_pdbx_validate_rmsd_bond.bond_value 
_pdbx_validate_rmsd_bond.bond_target_value 
_pdbx_validate_rmsd_bond.bond_deviation 
_pdbx_validate_rmsd_bond.bond_standard_deviation 
_pdbx_validate_rmsd_bond.linker_flag 
1  1 "O3'" A C38 2  ? ? P     A DA 3  ? B 1.786 1.607 0.179  0.012 Y 
2  1 "C5'" A DA  3  ? B "C4'" A DA 3  ? ? 1.572 1.512 0.060  0.007 N 
3  1 "C5'" A DG  4  ? A "C4'" A DG 4  ? ? 1.557 1.512 0.045  0.007 N 
4  1 "O3'" A DG  4  ? A P     A DT 5  ? A 1.515 1.607 -0.092 0.012 Y 
5  1 "O3'" A DG  4  ? B P     A DT 5  ? B 1.517 1.607 -0.090 0.012 Y 
6  1 "O3'" A DC  7  ? A "C3'" A DC 7  ? ? 1.640 1.435 0.205  0.013 N 
7  1 "O3'" A DC  7  ? B "C3'" A DC 7  ? ? 1.280 1.419 -0.139 0.006 N 
8  1 "C5'" A DT  8  ? B "C4'" A DT 8  ? ? 1.555 1.512 0.043  0.007 N 
9  1 "O3'" B DG  4  ? A "C3'" B DG 4  ? ? 1.649 1.435 0.214  0.013 N 
10 1 "O3'" B DG  4  ? B "C3'" B DG 4  ? ? 1.374 1.419 -0.045 0.006 N 
11 1 "C5'" B DT  5  ? B "C4'" B DT 5  ? ? 1.573 1.512 0.061  0.007 N 
12 1 "C5'" B DG  9  ? B "C4'" B DG 9  ? ? 1.572 1.512 0.060  0.007 N 
13 1 "O3'" B DG  9  ? A "C3'" B DG 9  ? ? 1.302 1.419 -0.117 0.006 N 
14 1 "O3'" B DG  9  ? B "C3'" B DG 9  ? ? 1.566 1.435 0.131  0.013 N 
15 1 C8    B DG  9  ? ? N9    B DG 9  ? ? 1.298 1.374 -0.076 0.007 N 
16 1 "C5'" B DG  10 ? A "C4'" B DG 10 ? ? 1.423 1.509 -0.086 0.011 N 
17 1 "C5'" B DG  10 ? B "C4'" B DG 10 ? ? 1.605 1.512 0.093  0.007 N 
# 
loop_
_pdbx_validate_rmsd_angle.id 
_pdbx_validate_rmsd_angle.PDB_model_num 
_pdbx_validate_rmsd_angle.auth_atom_id_1 
_pdbx_validate_rmsd_angle.auth_asym_id_1 
_pdbx_validate_rmsd_angle.auth_comp_id_1 
_pdbx_validate_rmsd_angle.auth_seq_id_1 
_pdbx_validate_rmsd_angle.PDB_ins_code_1 
_pdbx_validate_rmsd_angle.label_alt_id_1 
_pdbx_validate_rmsd_angle.auth_atom_id_2 
_pdbx_validate_rmsd_angle.auth_asym_id_2 
_pdbx_validate_rmsd_angle.auth_comp_id_2 
_pdbx_validate_rmsd_angle.auth_seq_id_2 
_pdbx_validate_rmsd_angle.PDB_ins_code_2 
_pdbx_validate_rmsd_angle.label_alt_id_2 
_pdbx_validate_rmsd_angle.auth_atom_id_3 
_pdbx_validate_rmsd_angle.auth_asym_id_3 
_pdbx_validate_rmsd_angle.auth_comp_id_3 
_pdbx_validate_rmsd_angle.auth_seq_id_3 
_pdbx_validate_rmsd_angle.PDB_ins_code_3 
_pdbx_validate_rmsd_angle.label_alt_id_3 
_pdbx_validate_rmsd_angle.angle_value 
_pdbx_validate_rmsd_angle.angle_target_value 
_pdbx_validate_rmsd_angle.angle_deviation 
_pdbx_validate_rmsd_angle.angle_standard_deviation 
_pdbx_validate_rmsd_angle.linker_flag 
1  1 "C3'" A C38 2  ? ? "O3'" A C38 2  ? ? P     A DA 3  ? B 104.23 119.70 -15.47 1.20 Y 
2  1 "O3'" A C38 2  ? ? P     A DA  3  ? B OP2   A DA 3  ? B 122.45 110.50 11.95  1.10 Y 
3  1 "C5'" A DA  3  ? B "C4'" A DA  3  ? ? "C3'" A DA 3  ? ? 103.23 114.10 -10.87 1.80 N 
4  1 "C3'" A DA  3  ? ? "O3'" A DA  3  ? ? P     A DG 4  ? B 129.00 119.70 9.30   1.20 Y 
5  1 "O5'" A DG  4  ? B "C5'" A DG  4  ? B "C4'" A DG 4  ? ? 99.41  109.40 -9.99  0.80 N 
6  1 "C5'" A DG  4  ? B "C4'" A DG  4  ? ? "C3'" A DG 4  ? ? 131.02 115.70 15.32  1.20 N 
7  1 "C3'" A DG  4  ? ? "O3'" A DG  4  ? B P     A DT 5  ? B 131.42 119.70 11.72  1.20 Y 
8  1 "O5'" A DT  5  ? A "C5'" A DT  5  ? A "C4'" A DT 5  ? ? 104.47 109.40 -4.93  0.80 N 
9  1 "C5'" A DT  5  ? A "C4'" A DT  5  ? ? "C3'" A DT 5  ? ? 124.35 115.70 8.65   1.20 N 
10 1 "C3'" A DC  7  ? ? "O3'" A DC  7  ? B P     A DT 8  ? B 127.88 119.70 8.18   1.20 Y 
11 1 "O4'" B DC  1  ? ? "C4'" B DC  1  ? ? "C3'" B DC 1  ? ? 100.90 104.50 -3.60  0.40 N 
12 1 "O4'" B DA  3  ? ? "C1'" B DA  3  ? ? N9    B DA 3  ? ? 112.97 108.30 4.67   0.30 N 
13 1 "C4'" B DG  4  ? ? "C3'" B DG  4  ? ? "O3'" B DG 4  ? A 91.33  109.70 -18.37 2.50 N 
14 1 "C4'" B DG  4  ? ? "C3'" B DG  4  ? ? "O3'" B DG 4  ? B 126.59 112.30 14.29  2.00 N 
15 1 "C3'" B DG  4  ? ? "O3'" B DG  4  ? B P     B DT 5  ? B 137.21 119.70 17.51  1.20 Y 
16 1 "O5'" B DT  5  ? A "C5'" B DT  5  ? A "C4'" B DT 5  ? ? 102.28 109.40 -7.12  0.80 N 
17 1 "C5'" B DT  5  ? A "C4'" B DT  5  ? ? "C3'" B DT 5  ? ? 126.53 115.70 10.83  1.20 N 
18 1 "C1'" B DT  8  ? ? "O4'" B DT  8  ? ? "C4'" B DT 8  ? ? 104.02 110.10 -6.08  1.00 N 
19 1 "C3'" B DT  8  ? ? "O3'" B DT  8  ? ? P     B DG 9  ? A 132.42 119.70 12.72  1.20 Y 
20 1 "O3'" B DT  8  ? ? P     B DG  9  ? B OP2   B DG 9  ? B 118.46 110.50 7.96   1.10 Y 
21 1 "O5'" B DG  9  ? A "C5'" B DG  9  ? A "C4'" B DG 9  ? ? 101.46 109.40 -7.94  0.80 N 
22 1 C5    B DG  9  ? ? N7    B DG  9  ? ? C8    B DG 9  ? ? 100.61 104.30 -3.69  0.50 N 
23 1 N7    B DG  9  ? ? C8    B DG  9  ? ? N9    B DG 9  ? ? 116.64 113.10 3.54   0.50 N 
24 1 "O5'" B DG  10 ? B "C5'" B DG  10 ? B "C4'" B DG 10 ? ? 99.87  109.40 -9.53  0.80 N 
# 
loop_
_pdbx_validate_planes.id 
_pdbx_validate_planes.PDB_model_num 
_pdbx_validate_planes.auth_comp_id 
_pdbx_validate_planes.auth_asym_id 
_pdbx_validate_planes.auth_seq_id 
_pdbx_validate_planes.PDB_ins_code 
_pdbx_validate_planes.label_alt_id 
_pdbx_validate_planes.rmsd 
_pdbx_validate_planes.type 
1 1 DC A 1 ? ? 0.088 'SIDE CHAIN' 
2 1 DG A 4 ? A 0.081 'SIDE CHAIN' 
3 1 DT A 5 ? A 0.083 'SIDE CHAIN' 
4 1 DC B 1 ? ? 0.105 'SIDE CHAIN' 
5 1 DG B 4 ? ? 0.079 'SIDE CHAIN' 
6 1 DT B 5 ? A 0.082 'SIDE CHAIN' 
# 
loop_
_pdbx_struct_mod_residue.id 
_pdbx_struct_mod_residue.label_asym_id 
_pdbx_struct_mod_residue.label_comp_id 
_pdbx_struct_mod_residue.label_seq_id 
_pdbx_struct_mod_residue.auth_asym_id 
_pdbx_struct_mod_residue.auth_comp_id 
_pdbx_struct_mod_residue.auth_seq_id 
_pdbx_struct_mod_residue.PDB_ins_code 
_pdbx_struct_mod_residue.parent_comp_id 
_pdbx_struct_mod_residue.details 
1 A C38 2 A C38 2 ? DC ? 
2 B C38 2 B C38 2 ? DC ? 
# 
_pdbx_struct_special_symmetry.id              1 
_pdbx_struct_special_symmetry.PDB_model_num   1 
_pdbx_struct_special_symmetry.auth_asym_id    B 
_pdbx_struct_special_symmetry.auth_comp_id    CA 
_pdbx_struct_special_symmetry.auth_seq_id     303 
_pdbx_struct_special_symmetry.PDB_ins_code    ? 
_pdbx_struct_special_symmetry.label_asym_id   G 
_pdbx_struct_special_symmetry.label_comp_id   CA 
_pdbx_struct_special_symmetry.label_seq_id    . 
# 
loop_
_chem_comp_atom.comp_id 
_chem_comp_atom.atom_id 
_chem_comp_atom.type_symbol 
_chem_comp_atom.pdbx_aromatic_flag 
_chem_comp_atom.pdbx_stereo_config 
_chem_comp_atom.pdbx_ordinal 
1P2 C      C  N N 1   
1P2 N      N  N N 2   
1P2 O      O  N N 3   
1P2 C1     C  Y N 4   
1P2 N1     N  Y N 5   
1P2 O1     O  N N 6   
1P2 C2     C  Y N 7   
1P2 N2     N  N N 8   
1P2 O2     O  N N 9   
1P2 C3     C  Y N 10  
1P2 N3     N  Y N 11  
1P2 O3     O  N N 12  
1P2 C4     C  N N 13  
1P2 N4     N  N N 14  
1P2 O4     O  N N 15  
1P2 C5     C  Y N 16  
1P2 N5     N  Y N 17  
1P2 O5     O  N N 18  
1P2 C6     C  N N 19  
1P2 O6     O  N N 20  
1P2 C7     C  Y N 21  
1P2 N7     N  N N 22  
1P2 O7     O  N N 23  
1P2 C8     C  Y N 24  
1P2 N8     N  Y N 25  
1P2 O8     O  N N 26  
1P2 C9     C  N N 27  
1P2 N9     N  Y N 28  
1P2 O9     O  N N 29  
1P2 C10    C  Y N 30  
1P2 N10    N  N N 31  
1P2 C11    C  Y N 32  
1P2 N11    N  N N 33  
1P2 C12    C  N N 34  
1P2 N12    N  N N 35  
1P2 C13    C  Y N 36  
1P2 N13    N  Y N 37  
1P2 C14    C  Y N 38  
1P2 N14    N  N N 39  
1P2 C15    C  N N 40  
1P2 N15    N  Y N 41  
1P2 C16    C  Y N 42  
1P2 N16    N  N N 43  
1P2 C17    C  N N 44  
1P2 N17    N  Y N 45  
1P2 C18    C  Y N 46  
1P2 C19    C  Y N 47  
1P2 N19    N  N N 48  
1P2 C20    C  Y N 49  
1P2 N20    N  Y N 50  
1P2 C21    C  N N 51  
1P2 N21    N  Y N 52  
1P2 C22    C  N N 53  
1P2 N22    N  N N 54  
1P2 C23    C  N N 55  
1P2 N23    N  N N 56  
1P2 C24    C  N R 57  
1P2 C25    C  N N 58  
1P2 C26    C  N N 59  
1P2 C27    C  Y N 60  
1P2 C28    C  Y N 61  
1P2 C29    C  Y N 62  
1P2 C30    C  N N 63  
1P2 C31    C  Y N 64  
1P2 C32    C  N N 65  
1P2 C33    C  Y N 66  
1P2 C34    C  Y N 67  
1P2 C35    C  Y N 68  
1P2 C36    C  N N 69  
1P2 C37    C  Y N 70  
1P2 C38    C  N N 71  
1P2 C39    C  Y N 72  
1P2 C40    C  Y N 73  
1P2 C41    C  N N 74  
1P2 C42    C  Y N 75  
1P2 C43    C  N N 76  
1P2 C44    C  Y N 77  
1P2 C45    C  Y N 78  
1P2 C46    C  Y N 79  
1P2 C47    C  N N 80  
1P2 C48    C  N N 81  
1P2 C49    C  N N 82  
1P2 C50    C  N R 83  
1P2 C51    C  N N 84  
1P2 C60    C  Y N 85  
1P2 C61    C  Y N 86  
1P2 HN     H  N N 87  
1P2 H2     H  N N 88  
1P2 HN2    H  N N 89  
1P2 H3     H  N N 90  
1P2 H4     H  N N 91  
1P2 H4A    H  N N 92  
1P2 H4B    H  N N 93  
1P2 HN4    H  N N 94  
1P2 HN7    H  N N 95  
1P2 H8     H  N N 96  
1P2 H9     H  N N 97  
1P2 H9A    H  N N 98  
1P2 H9B    H  N N 99  
1P2 HN10   H  N N 100 
1P2 H11    H  N N 101 
1P2 HN11   H  N N 102 
1P2 HN1A   H  N N 103 
1P2 HN12   H  N N 104 
1P2 H14    H  N N 105 
1P2 HN14   H  N N 106 
1P2 H15    H  N N 107 
1P2 H15A   H  N N 108 
1P2 H15B   H  N N 109 
1P2 HN16   H  N N 110 
1P2 HN19   H  N N 111 
1P2 H20    H  N N 112 
1P2 H21    H  N N 113 
1P2 H21A   H  N N 114 
1P2 H21B   H  N N 115 
1P2 HN22   H  N N 116 
1P2 H23    H  N N 117 
1P2 H23A   H  N N 118 
1P2 HN23   H  N N 119 
1P2 HN2A   H  N N 120 
1P2 H24    H  N N 121 
1P2 H25    H  N N 122 
1P2 H25A   H  N N 123 
1P2 H28    H  N N 124 
1P2 H29    H  N N 125 
1P2 H30    H  N N 126 
1P2 H30A   H  N N 127 
1P2 H30B   H  N N 128 
1P2 H33    H  N N 129 
1P2 H35    H  N N 130 
1P2 H36    H  N N 131 
1P2 H36A   H  N N 132 
1P2 H36B   H  N N 133 
1P2 H40    H  N N 134 
1P2 H41    H  N N 135 
1P2 H41A   H  N N 136 
1P2 H41B   H  N N 137 
1P2 H46    H  N N 138 
1P2 H47    H  N N 139 
1P2 H47A   H  N N 140 
1P2 H47B   H  N N 141 
1P2 H49    H  N N 142 
1P2 H49A   H  N N 143 
1P2 H50    H  N N 144 
1P2 H51    H  N N 145 
1P2 H51A   H  N N 146 
1P2 H60    H  N N 147 
1P2 H61    H  N N 148 
C38 O3P    O  N N 149 
C38 P      P  N N 150 
C38 O1P    O  N N 151 
C38 O2P    O  N N 152 
C38 "O5'"  O  N N 153 
C38 "C5'"  C  N N 154 
C38 "C4'"  C  N R 155 
C38 "O4'"  O  N N 156 
C38 "C3'"  C  N S 157 
C38 "O3'"  O  N N 158 
C38 "C2'"  C  N N 159 
C38 "C1'"  C  N R 160 
C38 N1     N  N N 161 
C38 C2     C  N N 162 
C38 O2     O  N N 163 
C38 N3     N  N N 164 
C38 C4     C  N N 165 
C38 N4     N  N N 166 
C38 C5     C  N N 167 
C38 C6     C  N N 168 
C38 I      I  N N 169 
C38 H3P    H  N N 170 
C38 H2P    H  N N 171 
C38 "H5'1" H  N N 172 
C38 "H5'2" H  N N 173 
C38 "H4'"  H  N N 174 
C38 "H3'"  H  N N 175 
C38 HA     H  N N 176 
C38 "H2'1" H  N N 177 
C38 "H2'2" H  N N 178 
C38 "H1'"  H  N N 179 
C38 H4N1   H  N N 180 
C38 H4N2   H  N N 181 
C38 H6     H  N N 182 
CA  CA     CA N N 183 
DA  OP3    O  N N 184 
DA  P      P  N N 185 
DA  OP1    O  N N 186 
DA  OP2    O  N N 187 
DA  "O5'"  O  N N 188 
DA  "C5'"  C  N N 189 
DA  "C4'"  C  N R 190 
DA  "O4'"  O  N N 191 
DA  "C3'"  C  N S 192 
DA  "O3'"  O  N N 193 
DA  "C2'"  C  N N 194 
DA  "C1'"  C  N R 195 
DA  N9     N  Y N 196 
DA  C8     C  Y N 197 
DA  N7     N  Y N 198 
DA  C5     C  Y N 199 
DA  C6     C  Y N 200 
DA  N6     N  N N 201 
DA  N1     N  Y N 202 
DA  C2     C  Y N 203 
DA  N3     N  Y N 204 
DA  C4     C  Y N 205 
DA  HOP3   H  N N 206 
DA  HOP2   H  N N 207 
DA  "H5'"  H  N N 208 
DA  "H5''" H  N N 209 
DA  "H4'"  H  N N 210 
DA  "H3'"  H  N N 211 
DA  "HO3'" H  N N 212 
DA  "H2'"  H  N N 213 
DA  "H2''" H  N N 214 
DA  "H1'"  H  N N 215 
DA  H8     H  N N 216 
DA  H61    H  N N 217 
DA  H62    H  N N 218 
DA  H2     H  N N 219 
DC  OP3    O  N N 220 
DC  P      P  N N 221 
DC  OP1    O  N N 222 
DC  OP2    O  N N 223 
DC  "O5'"  O  N N 224 
DC  "C5'"  C  N N 225 
DC  "C4'"  C  N R 226 
DC  "O4'"  O  N N 227 
DC  "C3'"  C  N S 228 
DC  "O3'"  O  N N 229 
DC  "C2'"  C  N N 230 
DC  "C1'"  C  N R 231 
DC  N1     N  N N 232 
DC  C2     C  N N 233 
DC  O2     O  N N 234 
DC  N3     N  N N 235 
DC  C4     C  N N 236 
DC  N4     N  N N 237 
DC  C5     C  N N 238 
DC  C6     C  N N 239 
DC  HOP3   H  N N 240 
DC  HOP2   H  N N 241 
DC  "H5'"  H  N N 242 
DC  "H5''" H  N N 243 
DC  "H4'"  H  N N 244 
DC  "H3'"  H  N N 245 
DC  "HO3'" H  N N 246 
DC  "H2'"  H  N N 247 
DC  "H2''" H  N N 248 
DC  "H1'"  H  N N 249 
DC  H41    H  N N 250 
DC  H42    H  N N 251 
DC  H5     H  N N 252 
DC  H6     H  N N 253 
DG  OP3    O  N N 254 
DG  P      P  N N 255 
DG  OP1    O  N N 256 
DG  OP2    O  N N 257 
DG  "O5'"  O  N N 258 
DG  "C5'"  C  N N 259 
DG  "C4'"  C  N R 260 
DG  "O4'"  O  N N 261 
DG  "C3'"  C  N S 262 
DG  "O3'"  O  N N 263 
DG  "C2'"  C  N N 264 
DG  "C1'"  C  N R 265 
DG  N9     N  Y N 266 
DG  C8     C  Y N 267 
DG  N7     N  Y N 268 
DG  C5     C  Y N 269 
DG  C6     C  N N 270 
DG  O6     O  N N 271 
DG  N1     N  N N 272 
DG  C2     C  N N 273 
DG  N2     N  N N 274 
DG  N3     N  N N 275 
DG  C4     C  Y N 276 
DG  HOP3   H  N N 277 
DG  HOP2   H  N N 278 
DG  "H5'"  H  N N 279 
DG  "H5''" H  N N 280 
DG  "H4'"  H  N N 281 
DG  "H3'"  H  N N 282 
DG  "HO3'" H  N N 283 
DG  "H2'"  H  N N 284 
DG  "H2''" H  N N 285 
DG  "H1'"  H  N N 286 
DG  H8     H  N N 287 
DG  H1     H  N N 288 
DG  H21    H  N N 289 
DG  H22    H  N N 290 
DT  OP3    O  N N 291 
DT  P      P  N N 292 
DT  OP1    O  N N 293 
DT  OP2    O  N N 294 
DT  "O5'"  O  N N 295 
DT  "C5'"  C  N N 296 
DT  "C4'"  C  N R 297 
DT  "O4'"  O  N N 298 
DT  "C3'"  C  N S 299 
DT  "O3'"  O  N N 300 
DT  "C2'"  C  N N 301 
DT  "C1'"  C  N R 302 
DT  N1     N  N N 303 
DT  C2     C  N N 304 
DT  O2     O  N N 305 
DT  N3     N  N N 306 
DT  C4     C  N N 307 
DT  O4     O  N N 308 
DT  C5     C  N N 309 
DT  C7     C  N N 310 
DT  C6     C  N N 311 
DT  HOP3   H  N N 312 
DT  HOP2   H  N N 313 
DT  "H5'"  H  N N 314 
DT  "H5''" H  N N 315 
DT  "H4'"  H  N N 316 
DT  "H3'"  H  N N 317 
DT  "HO3'" H  N N 318 
DT  "H2'"  H  N N 319 
DT  "H2''" H  N N 320 
DT  "H1'"  H  N N 321 
DT  H3     H  N N 322 
DT  H71    H  N N 323 
DT  H72    H  N N 324 
DT  H73    H  N N 325 
DT  H6     H  N N 326 
HOH O      O  N N 327 
HOH H1     H  N N 328 
HOH H2     H  N N 329 
# 
loop_
_chem_comp_bond.comp_id 
_chem_comp_bond.atom_id_1 
_chem_comp_bond.atom_id_2 
_chem_comp_bond.value_order 
_chem_comp_bond.pdbx_aromatic_flag 
_chem_comp_bond.pdbx_stereo_config 
_chem_comp_bond.pdbx_ordinal 
1P2 O     C      doub N N 1   
1P2 C5    C      sing N N 2   
1P2 C     N      sing N N 3   
1P2 N     C25    sing N N 4   
1P2 N     HN     sing N N 5   
1P2 C3    C1     doub Y N 6   
1P2 C1    N2     sing N N 7   
1P2 C1    C2     sing Y N 8   
1P2 C4    N1     sing N N 9   
1P2 C3    N1     sing Y N 10  
1P2 N1    C5     sing Y N 11  
1P2 O1    C6     doub N N 12  
1P2 C5    C2     doub Y N 13  
1P2 C2    H2     sing N N 14  
1P2 C6    N2     sing N N 15  
1P2 N2    HN2    sing N N 16  
1P2 O2    C12    doub N N 17  
1P2 C3    H3     sing N N 18  
1P2 C9    N3     sing N N 19  
1P2 N3    C10    sing Y N 20  
1P2 N3    C8     sing Y N 21  
1P2 C17   O3     doub N N 22  
1P2 C4    H4     sing N N 23  
1P2 C4    H4A    sing N N 24  
1P2 C4    H4B    sing N N 25  
1P2 C7    N4     sing N N 26  
1P2 N4    C12    sing N N 27  
1P2 N4    HN4    sing N N 28  
1P2 C22   O4     doub N N 29  
1P2 C16   N5     sing Y N 30  
1P2 N5    C14    sing Y N 31  
1P2 N5    C15    sing N N 32  
1P2 C26   O5     doub N N 33  
1P2 C6    C10    sing N N 34  
1P2 C32   O6     doub N N 35  
1P2 C8    C7     doub Y N 36  
1P2 C11   C7     sing Y N 37  
1P2 N7    C13    sing N N 38  
1P2 N7    C17    sing N N 39  
1P2 N7    HN7    sing N N 40  
1P2 C38   O7     doub N N 41  
1P2 C8    H8     sing N N 42  
1P2 C18   N8     sing Y N 43  
1P2 C20   N8     sing Y N 44  
1P2 N8    C21    sing N N 45  
1P2 O8    C43    doub N N 46  
1P2 C9    H9     sing N N 47  
1P2 C9    H9A    sing N N 48  
1P2 C9    H9B    sing N N 49  
1P2 N9    C19    sing Y N 50  
1P2 N9    C18    doub Y N 51  
1P2 O9    C48    doub N N 52  
1P2 C10   C11    doub Y N 53  
1P2 C22   N10    sing N N 54  
1P2 N10   C19    sing N N 55  
1P2 N10   HN10   sing N N 56  
1P2 C11   H11    sing N N 57  
1P2 C24   N11    sing N N 58  
1P2 N11   HN11   sing N N 59  
1P2 N11   HN1A   sing N N 60  
1P2 C12   C16    sing N N 61  
1P2 C51   N12    sing N N 62  
1P2 N12   C26    sing N N 63  
1P2 N12   HN12   sing N N 64  
1P2 C60   C13    sing Y N 65  
1P2 C13   C14    doub Y N 66  
1P2 C31   N13    sing Y N 67  
1P2 N13   C29    sing Y N 68  
1P2 N13   C30    sing N N 69  
1P2 C14   H14    sing N N 70  
1P2 N14   C27    sing N N 71  
1P2 N14   C32    sing N N 72  
1P2 N14   HN14   sing N N 73  
1P2 C15   H15    sing N N 74  
1P2 C15   H15A   sing N N 75  
1P2 C15   H15B   sing N N 76  
1P2 C37   N15    sing Y N 77  
1P2 C35   N15    sing Y N 78  
1P2 N15   C36    sing N N 79  
1P2 C60   C16    doub Y N 80  
1P2 C38   N16    sing N N 81  
1P2 N16   C34    sing N N 82  
1P2 N16   HN16   sing N N 83  
1P2 C18   C17    sing N N 84  
1P2 C41   N17    sing N N 85  
1P2 C40   N17    sing Y N 86  
1P2 N17   C42    sing Y N 87  
1P2 C19   C20    doub Y N 88  
1P2 C43   N19    sing N N 89  
1P2 C39   N19    sing N N 90  
1P2 N19   HN19   sing N N 91  
1P2 C20   H20    sing N N 92  
1P2 C47   N20    sing N N 93  
1P2 N20   C46    sing Y N 94  
1P2 N20   C44    sing Y N 95  
1P2 C21   H21    sing N N 96  
1P2 C21   H21A   sing N N 97  
1P2 C21   H21B   sing N N 98  
1P2 C44   N21    doub Y N 99  
1P2 C45   N21    sing Y N 100 
1P2 C49   C22    sing N N 101 
1P2 C45   N22    sing N N 102 
1P2 N22   C48    sing N N 103 
1P2 N22   HN22   sing N N 104 
1P2 C48   C23    sing N N 105 
1P2 C23   C24    sing N N 106 
1P2 C23   H23    sing N N 107 
1P2 C23   H23A   sing N N 108 
1P2 N23   C50    sing N N 109 
1P2 N23   HN23   sing N N 110 
1P2 N23   HN2A   sing N N 111 
1P2 C24   C25    sing N N 112 
1P2 C24   H24    sing N N 113 
1P2 C25   H25    sing N N 114 
1P2 C25   H25A   sing N N 115 
1P2 C26   C31    sing N N 116 
1P2 C28   C27    sing Y N 117 
1P2 C27   C29    doub Y N 118 
1P2 C28   C31    doub Y N 119 
1P2 C28   H28    sing N N 120 
1P2 C29   H29    sing N N 121 
1P2 C30   H30    sing N N 122 
1P2 C30   H30A   sing N N 123 
1P2 C30   H30B   sing N N 124 
1P2 C37   C32    sing N N 125 
1P2 C34   C33    sing Y N 126 
1P2 C33   C37    doub Y N 127 
1P2 C33   H33    sing N N 128 
1P2 C34   C35    doub Y N 129 
1P2 C35   H35    sing N N 130 
1P2 C36   H36    sing N N 131 
1P2 C36   H36A   sing N N 132 
1P2 C36   H36B   sing N N 133 
1P2 C42   C38    sing N N 134 
1P2 C40   C39    doub Y N 135 
1P2 C39   C61    sing Y N 136 
1P2 C40   H40    sing N N 137 
1P2 C41   H41    sing N N 138 
1P2 C41   H41A   sing N N 139 
1P2 C41   H41B   sing N N 140 
1P2 C42   C61    doub Y N 141 
1P2 C43   C44    sing N N 142 
1P2 C46   C45    doub Y N 143 
1P2 C46   H46    sing N N 144 
1P2 C47   H47    sing N N 145 
1P2 C47   H47A   sing N N 146 
1P2 C47   H47B   sing N N 147 
1P2 C50   C49    sing N N 148 
1P2 C49   H49    sing N N 149 
1P2 C49   H49A   sing N N 150 
1P2 C51   C50    sing N N 151 
1P2 C50   H50    sing N N 152 
1P2 C51   H51    sing N N 153 
1P2 C51   H51A   sing N N 154 
1P2 C60   H60    sing N N 155 
1P2 C61   H61    sing N N 156 
C38 O3P   P      sing N N 157 
C38 O3P   H3P    sing N N 158 
C38 P     O1P    doub N N 159 
C38 P     O2P    sing N N 160 
C38 P     "O5'"  sing N N 161 
C38 O2P   H2P    sing N N 162 
C38 "O5'" "C5'"  sing N N 163 
C38 "C5'" "C4'"  sing N N 164 
C38 "C5'" "H5'1" sing N N 165 
C38 "C5'" "H5'2" sing N N 166 
C38 "C4'" "O4'"  sing N N 167 
C38 "C4'" "C3'"  sing N N 168 
C38 "C4'" "H4'"  sing N N 169 
C38 "O4'" "C1'"  sing N N 170 
C38 "C3'" "O3'"  sing N N 171 
C38 "C3'" "C2'"  sing N N 172 
C38 "C3'" "H3'"  sing N N 173 
C38 "O3'" HA     sing N N 174 
C38 "C2'" "C1'"  sing N N 175 
C38 "C2'" "H2'1" sing N N 176 
C38 "C2'" "H2'2" sing N N 177 
C38 "C1'" N1     sing N N 178 
C38 "C1'" "H1'"  sing N N 179 
C38 N1    C2     sing N N 180 
C38 N1    C6     sing N N 181 
C38 C2    O2     doub N N 182 
C38 C2    N3     sing N N 183 
C38 N3    C4     doub N N 184 
C38 C4    N4     sing N N 185 
C38 C4    C5     sing N N 186 
C38 N4    H4N1   sing N N 187 
C38 N4    H4N2   sing N N 188 
C38 C5    C6     doub N N 189 
C38 C5    I      sing N N 190 
C38 C6    H6     sing N N 191 
DA  OP3   P      sing N N 192 
DA  OP3   HOP3   sing N N 193 
DA  P     OP1    doub N N 194 
DA  P     OP2    sing N N 195 
DA  P     "O5'"  sing N N 196 
DA  OP2   HOP2   sing N N 197 
DA  "O5'" "C5'"  sing N N 198 
DA  "C5'" "C4'"  sing N N 199 
DA  "C5'" "H5'"  sing N N 200 
DA  "C5'" "H5''" sing N N 201 
DA  "C4'" "O4'"  sing N N 202 
DA  "C4'" "C3'"  sing N N 203 
DA  "C4'" "H4'"  sing N N 204 
DA  "O4'" "C1'"  sing N N 205 
DA  "C3'" "O3'"  sing N N 206 
DA  "C3'" "C2'"  sing N N 207 
DA  "C3'" "H3'"  sing N N 208 
DA  "O3'" "HO3'" sing N N 209 
DA  "C2'" "C1'"  sing N N 210 
DA  "C2'" "H2'"  sing N N 211 
DA  "C2'" "H2''" sing N N 212 
DA  "C1'" N9     sing N N 213 
DA  "C1'" "H1'"  sing N N 214 
DA  N9    C8     sing Y N 215 
DA  N9    C4     sing Y N 216 
DA  C8    N7     doub Y N 217 
DA  C8    H8     sing N N 218 
DA  N7    C5     sing Y N 219 
DA  C5    C6     sing Y N 220 
DA  C5    C4     doub Y N 221 
DA  C6    N6     sing N N 222 
DA  C6    N1     doub Y N 223 
DA  N6    H61    sing N N 224 
DA  N6    H62    sing N N 225 
DA  N1    C2     sing Y N 226 
DA  C2    N3     doub Y N 227 
DA  C2    H2     sing N N 228 
DA  N3    C4     sing Y N 229 
DC  OP3   P      sing N N 230 
DC  OP3   HOP3   sing N N 231 
DC  P     OP1    doub N N 232 
DC  P     OP2    sing N N 233 
DC  P     "O5'"  sing N N 234 
DC  OP2   HOP2   sing N N 235 
DC  "O5'" "C5'"  sing N N 236 
DC  "C5'" "C4'"  sing N N 237 
DC  "C5'" "H5'"  sing N N 238 
DC  "C5'" "H5''" sing N N 239 
DC  "C4'" "O4'"  sing N N 240 
DC  "C4'" "C3'"  sing N N 241 
DC  "C4'" "H4'"  sing N N 242 
DC  "O4'" "C1'"  sing N N 243 
DC  "C3'" "O3'"  sing N N 244 
DC  "C3'" "C2'"  sing N N 245 
DC  "C3'" "H3'"  sing N N 246 
DC  "O3'" "HO3'" sing N N 247 
DC  "C2'" "C1'"  sing N N 248 
DC  "C2'" "H2'"  sing N N 249 
DC  "C2'" "H2''" sing N N 250 
DC  "C1'" N1     sing N N 251 
DC  "C1'" "H1'"  sing N N 252 
DC  N1    C2     sing N N 253 
DC  N1    C6     sing N N 254 
DC  C2    O2     doub N N 255 
DC  C2    N3     sing N N 256 
DC  N3    C4     doub N N 257 
DC  C4    N4     sing N N 258 
DC  C4    C5     sing N N 259 
DC  N4    H41    sing N N 260 
DC  N4    H42    sing N N 261 
DC  C5    C6     doub N N 262 
DC  C5    H5     sing N N 263 
DC  C6    H6     sing N N 264 
DG  OP3   P      sing N N 265 
DG  OP3   HOP3   sing N N 266 
DG  P     OP1    doub N N 267 
DG  P     OP2    sing N N 268 
DG  P     "O5'"  sing N N 269 
DG  OP2   HOP2   sing N N 270 
DG  "O5'" "C5'"  sing N N 271 
DG  "C5'" "C4'"  sing N N 272 
DG  "C5'" "H5'"  sing N N 273 
DG  "C5'" "H5''" sing N N 274 
DG  "C4'" "O4'"  sing N N 275 
DG  "C4'" "C3'"  sing N N 276 
DG  "C4'" "H4'"  sing N N 277 
DG  "O4'" "C1'"  sing N N 278 
DG  "C3'" "O3'"  sing N N 279 
DG  "C3'" "C2'"  sing N N 280 
DG  "C3'" "H3'"  sing N N 281 
DG  "O3'" "HO3'" sing N N 282 
DG  "C2'" "C1'"  sing N N 283 
DG  "C2'" "H2'"  sing N N 284 
DG  "C2'" "H2''" sing N N 285 
DG  "C1'" N9     sing N N 286 
DG  "C1'" "H1'"  sing N N 287 
DG  N9    C8     sing Y N 288 
DG  N9    C4     sing Y N 289 
DG  C8    N7     doub Y N 290 
DG  C8    H8     sing N N 291 
DG  N7    C5     sing Y N 292 
DG  C5    C6     sing N N 293 
DG  C5    C4     doub Y N 294 
DG  C6    O6     doub N N 295 
DG  C6    N1     sing N N 296 
DG  N1    C2     sing N N 297 
DG  N1    H1     sing N N 298 
DG  C2    N2     sing N N 299 
DG  C2    N3     doub N N 300 
DG  N2    H21    sing N N 301 
DG  N2    H22    sing N N 302 
DG  N3    C4     sing N N 303 
DT  OP3   P      sing N N 304 
DT  OP3   HOP3   sing N N 305 
DT  P     OP1    doub N N 306 
DT  P     OP2    sing N N 307 
DT  P     "O5'"  sing N N 308 
DT  OP2   HOP2   sing N N 309 
DT  "O5'" "C5'"  sing N N 310 
DT  "C5'" "C4'"  sing N N 311 
DT  "C5'" "H5'"  sing N N 312 
DT  "C5'" "H5''" sing N N 313 
DT  "C4'" "O4'"  sing N N 314 
DT  "C4'" "C3'"  sing N N 315 
DT  "C4'" "H4'"  sing N N 316 
DT  "O4'" "C1'"  sing N N 317 
DT  "C3'" "O3'"  sing N N 318 
DT  "C3'" "C2'"  sing N N 319 
DT  "C3'" "H3'"  sing N N 320 
DT  "O3'" "HO3'" sing N N 321 
DT  "C2'" "C1'"  sing N N 322 
DT  "C2'" "H2'"  sing N N 323 
DT  "C2'" "H2''" sing N N 324 
DT  "C1'" N1     sing N N 325 
DT  "C1'" "H1'"  sing N N 326 
DT  N1    C2     sing N N 327 
DT  N1    C6     sing N N 328 
DT  C2    O2     doub N N 329 
DT  C2    N3     sing N N 330 
DT  N3    C4     sing N N 331 
DT  N3    H3     sing N N 332 
DT  C4    O4     doub N N 333 
DT  C4    C5     sing N N 334 
DT  C5    C7     sing N N 335 
DT  C5    C6     doub N N 336 
DT  C7    H71    sing N N 337 
DT  C7    H72    sing N N 338 
DT  C7    H73    sing N N 339 
DT  C6    H6     sing N N 340 
HOH O     H1     sing N N 341 
HOH O     H2     sing N N 342 
# 
_ndb_struct_conf_na.entry_id   3OMJ 
_ndb_struct_conf_na.feature    'b-form double helix' 
# 
loop_
_ndb_struct_na_base_pair.model_number 
_ndb_struct_na_base_pair.i_label_asym_id 
_ndb_struct_na_base_pair.i_label_comp_id 
_ndb_struct_na_base_pair.i_label_seq_id 
_ndb_struct_na_base_pair.i_symmetry 
_ndb_struct_na_base_pair.j_label_asym_id 
_ndb_struct_na_base_pair.j_label_comp_id 
_ndb_struct_na_base_pair.j_label_seq_id 
_ndb_struct_na_base_pair.j_symmetry 
_ndb_struct_na_base_pair.shear 
_ndb_struct_na_base_pair.stretch 
_ndb_struct_na_base_pair.stagger 
_ndb_struct_na_base_pair.buckle 
_ndb_struct_na_base_pair.propeller 
_ndb_struct_na_base_pair.opening 
_ndb_struct_na_base_pair.pair_number 
_ndb_struct_na_base_pair.pair_name 
_ndb_struct_na_base_pair.i_auth_asym_id 
_ndb_struct_na_base_pair.i_auth_seq_id 
_ndb_struct_na_base_pair.i_PDB_ins_code 
_ndb_struct_na_base_pair.j_auth_asym_id 
_ndb_struct_na_base_pair.j_auth_seq_id 
_ndb_struct_na_base_pair.j_PDB_ins_code 
_ndb_struct_na_base_pair.hbond_type_28 
_ndb_struct_na_base_pair.hbond_type_12 
1 A DC  1  1_555 B DG  10 1_555 0.148  -0.140 0.274  -10.588 -16.868 0.678  1  A_DC1:DG10_B A 1  ? B 10 ? 19 1 
1 A C38 2  1_555 B DG  9  1_555 0.186  -0.097 -0.016 -7.076  -6.312  1.706  2  A_C382:DG9_B A 2  ? B 9  ? 19 1 
1 A DA  3  1_555 B DT  8  1_555 0.128  -0.106 -0.097 6.150   -10.920 3.835  3  A_DA3:DT8_B  A 3  ? B 8  ? 20 1 
1 A DG  4  1_555 B DC  7  1_555 -0.119 -0.073 0.089  -2.231  -4.045  -0.784 4  A_DG4:DC7_B  A 4  ? B 7  ? 19 1 
1 A DT  5  1_555 B DA  6  1_555 -0.130 -0.098 -0.025 0.367   -14.693 -4.867 5  A_DT5:DA6_B  A 5  ? B 6  ? 20 1 
1 A DA  6  1_555 B DT  5  1_555 0.132  -0.094 0.038  1.174   -16.258 -4.883 6  A_DA6:DT5_B  A 6  ? B 5  ? 20 1 
1 A DC  7  1_555 B DG  4  1_555 0.120  -0.099 0.092  2.390   -4.657  -1.098 7  A_DC7:DG4_B  A 7  ? B 4  ? 19 1 
1 A DT  8  1_555 B DA  3  1_555 -0.095 -0.128 -0.135 -2.932  -7.957  3.784  8  A_DT8:DA3_B  A 8  ? B 3  ? 20 1 
1 A DG  9  1_555 B C38 2  1_555 -0.160 -0.044 0.073  16.582  -5.000  0.866  9  A_DG9:C382_B A 9  ? B 2  ? 19 1 
1 A DG  10 1_555 B DC  1  1_555 -0.165 -0.103 0.607  22.996  -17.052 -0.148 10 A_DG10:DC1_B A 10 ? B 1  ? 19 1 
# 
loop_
_ndb_struct_na_base_pair_step.model_number 
_ndb_struct_na_base_pair_step.i_label_asym_id_1 
_ndb_struct_na_base_pair_step.i_label_comp_id_1 
_ndb_struct_na_base_pair_step.i_label_seq_id_1 
_ndb_struct_na_base_pair_step.i_symmetry_1 
_ndb_struct_na_base_pair_step.j_label_asym_id_1 
_ndb_struct_na_base_pair_step.j_label_comp_id_1 
_ndb_struct_na_base_pair_step.j_label_seq_id_1 
_ndb_struct_na_base_pair_step.j_symmetry_1 
_ndb_struct_na_base_pair_step.i_label_asym_id_2 
_ndb_struct_na_base_pair_step.i_label_comp_id_2 
_ndb_struct_na_base_pair_step.i_label_seq_id_2 
_ndb_struct_na_base_pair_step.i_symmetry_2 
_ndb_struct_na_base_pair_step.j_label_asym_id_2 
_ndb_struct_na_base_pair_step.j_label_comp_id_2 
_ndb_struct_na_base_pair_step.j_label_seq_id_2 
_ndb_struct_na_base_pair_step.j_symmetry_2 
_ndb_struct_na_base_pair_step.shift 
_ndb_struct_na_base_pair_step.slide 
_ndb_struct_na_base_pair_step.rise 
_ndb_struct_na_base_pair_step.tilt 
_ndb_struct_na_base_pair_step.roll 
_ndb_struct_na_base_pair_step.twist 
_ndb_struct_na_base_pair_step.x_displacement 
_ndb_struct_na_base_pair_step.y_displacement 
_ndb_struct_na_base_pair_step.helical_rise 
_ndb_struct_na_base_pair_step.inclination 
_ndb_struct_na_base_pair_step.tip 
_ndb_struct_na_base_pair_step.helical_twist 
_ndb_struct_na_base_pair_step.step_number 
_ndb_struct_na_base_pair_step.step_name 
_ndb_struct_na_base_pair_step.i_auth_asym_id_1 
_ndb_struct_na_base_pair_step.i_auth_seq_id_1 
_ndb_struct_na_base_pair_step.i_PDB_ins_code_1 
_ndb_struct_na_base_pair_step.j_auth_asym_id_1 
_ndb_struct_na_base_pair_step.j_auth_seq_id_1 
_ndb_struct_na_base_pair_step.j_PDB_ins_code_1 
_ndb_struct_na_base_pair_step.i_auth_asym_id_2 
_ndb_struct_na_base_pair_step.i_auth_seq_id_2 
_ndb_struct_na_base_pair_step.i_PDB_ins_code_2 
_ndb_struct_na_base_pair_step.j_auth_asym_id_2 
_ndb_struct_na_base_pair_step.j_auth_seq_id_2 
_ndb_struct_na_base_pair_step.j_PDB_ins_code_2 
1 A DC  1 1_555 B DG  10 1_555 A C38 2  1_555 B DG  9 1_555 -0.067 -0.122 3.279 5.806  7.696  33.677 -1.361 0.984  3.122 12.958 
-9.775  34.991 1 AA_DC1C382:DG9DG10_BB A 1 ? B 10 ? A 2  ? B 9 ? 
1 A C38 2 1_555 B DG  9  1_555 A DA  3  1_555 B DT  8 1_555 0.447  0.859  3.159 0.739  8.793  30.232 -0.069 -0.685 3.283 16.425 
-1.381  31.465 2 AA_C382DA3:DT8DG9_BB  A 2 ? B 9  ? A 3  ? B 8 ? 
1 A DA  3 1_555 B DT  8  1_555 A DG  4  1_555 B DC  7 1_555 -1.721 0.255  3.386 -8.440 11.191 35.164 -1.209 1.450  3.606 17.680 
13.334  37.773 3 AA_DA3DG4:DC7DT8_BB   A 3 ? B 8  ? A 4  ? B 7 ? 
1 A DG  4 1_555 B DC  7  1_555 A DT  5  1_555 B DA  6 1_555 -0.737 -0.150 3.202 0.184  2.852  32.126 -0.765 1.359  3.173 5.142  
-0.332  32.250 4 AA_DG4DT5:DA6DC7_BB   A 4 ? B 7  ? A 5  ? B 6 ? 
1 A DT  5 1_555 B DA  6  1_555 A DA  6  1_555 B DT  5 1_555 -0.043 0.903  3.276 -0.164 7.231  35.926 0.415  0.046  3.389 11.578 
0.263   36.623 5 AA_DT5DA6:DT5DA6_BB   A 5 ? B 6  ? A 6  ? B 5 ? 
1 A DA  6 1_555 B DT  5  1_555 A DC  7  1_555 B DG  4 1_555 0.783  -0.208 3.237 0.403  2.471  32.039 -0.813 -1.344 3.222 4.468  
-0.729  32.134 6 AA_DA6DC7:DG4DT5_BB   A 6 ? B 5  ? A 7  ? B 4 ? 
1 A DC  7 1_555 B DG  4  1_555 A DT  8  1_555 B DA  3 1_555 1.752  0.281  3.331 7.944  10.589 35.324 -1.065 -1.590 3.566 16.742 
-12.561 37.649 7 AA_DC7DT8:DA3DG4_BB   A 7 ? B 4  ? A 8  ? B 3 ? 
1 A DT  8 1_555 B DA  3  1_555 A DG  9  1_555 B C38 2 1_555 -0.796 1.292  3.057 0.636  9.571  29.677 0.589  1.603  3.288 18.101 
-1.203  31.155 8 AA_DT8DG9:C382DA3_BB  A 8 ? B 3  ? A 9  ? B 2 ? 
1 A DG  9 1_555 B C38 2  1_555 A DG  10 1_555 B DC  1 1_555 0.344  0.135  3.188 -5.676 3.579  32.641 -0.342 -1.516 3.083 6.285  
9.967   33.306 9 AA_DG9DG10:DC1C382_BB A 9 ? B 2  ? A 10 ? B 1 ? 
# 
_atom_sites.entry_id                    3OMJ 
_atom_sites.fract_transf_matrix[1][1]   0.01716648 
_atom_sites.fract_transf_matrix[1][2]   -0.01058725 
_atom_sites.fract_transf_matrix[1][3]   -0.01495103 
_atom_sites.fract_transf_matrix[2][1]   -0.01507554 
_atom_sites.fract_transf_matrix[2][2]   0.00347796 
_atom_sites.fract_transf_matrix[2][3]   -0.01977228 
_atom_sites.fract_transf_matrix[3][1]   0.00490276 
_atom_sites.fract_transf_matrix[3][2]   0.01059626 
_atom_sites.fract_transf_matrix[3][3]   -0.00187426 
_atom_sites.fract_transf_vector[1]      0.040166 
_atom_sites.fract_transf_vector[2]      0.508826 
_atom_sites.fract_transf_vector[3]      -0.124607 
# 
loop_
_atom_type.symbol 
C  
CA 
I  
N  
O  
P  
# 
loop_
_atom_site.group_PDB 
_atom_site.id 
_atom_site.type_symbol 
_atom_site.label_atom_id 
_atom_site.label_alt_id 
_atom_site.label_comp_id 
_atom_site.label_asym_id 
_atom_site.label_entity_id 
_atom_site.label_seq_id 
_atom_site.pdbx_PDB_ins_code 
_atom_site.Cartn_x 
_atom_site.Cartn_y 
_atom_site.Cartn_z 
_atom_site.occupancy 
_atom_site.B_iso_or_equiv 
_atom_site.pdbx_formal_charge 
_atom_site.auth_seq_id 
_atom_site.auth_comp_id 
_atom_site.auth_asym_id 
_atom_site.auth_atom_id 
_atom_site.pdbx_PDB_model_num 
ATOM   1   O  "O5'" . DC  A 1 1  ? 12.912  9.928   -5.377  1.00 10.52 ? 1   DC  A "O5'" 1 
ATOM   2   C  "C5'" . DC  A 1 1  ? 13.890  9.584   -6.268  1.00 10.46 ? 1   DC  A "C5'" 1 
ATOM   3   C  "C4'" . DC  A 1 1  ? 14.566  8.254   -5.903  1.00 8.09  ? 1   DC  A "C4'" 1 
ATOM   4   O  "O4'" . DC  A 1 1  ? 15.022  8.379   -4.549  1.00 7.19  ? 1   DC  A "O4'" 1 
ATOM   5   C  "C3'" . DC  A 1 1  ? 13.649  7.028   -5.855  1.00 8.05  ? 1   DC  A "C3'" 1 
ATOM   6   O  "O3'" . DC  A 1 1  ? 13.617  6.560   -7.200  1.00 7.27  ? 1   DC  A "O3'" 1 
ATOM   7   C  "C2'" . DC  A 1 1  ? 14.352  6.164   -4.865  1.00 7.13  ? 1   DC  A "C2'" 1 
ATOM   8   C  "C1'" . DC  A 1 1  ? 14.951  7.147   -3.906  1.00 7.64  ? 1   DC  A "C1'" 1 
ATOM   9   N  N1    . DC  A 1 1  ? 14.154  7.343   -2.643  1.00 5.92  ? 1   DC  A N1    1 
ATOM   10  C  C2    . DC  A 1 1  ? 14.306  6.351   -1.684  1.00 5.85  ? 1   DC  A C2    1 
ATOM   11  O  O2    . DC  A 1 1  ? 14.970  5.310   -1.982  1.00 7.00  ? 1   DC  A O2    1 
ATOM   12  N  N3    . DC  A 1 1  ? 13.806  6.543   -0.458  1.00 5.01  ? 1   DC  A N3    1 
ATOM   13  C  C4    . DC  A 1 1  ? 13.159  7.689   -0.188  1.00 4.92  ? 1   DC  A C4    1 
ATOM   14  N  N4    . DC  A 1 1  ? 12.734  7.865   1.101   1.00 5.32  ? 1   DC  A N4    1 
ATOM   15  C  C5    . DC  A 1 1  ? 12.895  8.650   -1.160  1.00 5.80  ? 1   DC  A C5    1 
ATOM   16  C  C6    . DC  A 1 1  ? 13.404  8.423   -2.386  1.00 6.11  ? 1   DC  A C6    1 
HETATM 17  P  P     . C38 A 1 2  ? 12.413  5.677   -7.728  1.00 7.15  ? 2   C38 A P     1 
HETATM 18  O  O1P   . C38 A 1 2  ? 12.745  5.405   -9.147  1.00 8.59  ? 2   C38 A O1P   1 
HETATM 19  O  O2P   . C38 A 1 2  ? 11.110  6.302   -7.431  1.00 8.14  ? 2   C38 A O2P   1 
HETATM 20  O  "O5'" . C38 A 1 2  ? 12.419  4.359   -6.864  1.00 7.11  ? 2   C38 A "O5'" 1 
HETATM 21  C  "C5'" . C38 A 1 2  ? 13.565  3.465   -6.949  1.00 7.58  ? 2   C38 A "C5'" 1 
HETATM 22  C  "C4'" . C38 A 1 2  ? 13.321  2.319   -5.983  1.00 6.54  ? 2   C38 A "C4'" 1 
HETATM 23  O  "O4'" . C38 A 1 2  ? 13.213  2.862   -4.657  1.00 7.16  ? 2   C38 A "O4'" 1 
HETATM 24  C  "C3'" . C38 A 1 2  ? 12.082  1.536   -6.256  1.00 7.50  ? 2   C38 A "C3'" 1 
HETATM 25  O  "O3'" . C38 A 1 2  ? 12.449  0.190   -6.408  1.00 8.48  ? 2   C38 A "O3'" 1 
HETATM 26  C  "C2'" . C38 A 1 2  ? 11.148  1.775   -5.074  1.00 7.69  ? 2   C38 A "C2'" 1 
HETATM 27  C  "C1'" . C38 A 1 2  ? 12.091  2.194   -3.991  1.00 7.41  ? 2   C38 A "C1'" 1 
HETATM 28  N  N1    . C38 A 1 2  ? 11.538  3.199   -3.060  1.00 6.68  ? 2   C38 A N1    1 
HETATM 29  C  C2    . C38 A 1 2  ? 11.525  2.966   -1.683  1.00 6.39  ? 2   C38 A C2    1 
HETATM 30  O  O2    . C38 A 1 2  ? 11.909  1.821   -1.286  1.00 6.97  ? 2   C38 A O2    1 
HETATM 31  N  N3    . C38 A 1 2  ? 11.128  3.921   -0.817  1.00 5.64  ? 2   C38 A N3    1 
HETATM 32  C  C4    . C38 A 1 2  ? 10.673  5.093   -1.313  1.00 5.86  ? 2   C38 A C4    1 
HETATM 33  N  N4    . C38 A 1 2  ? 10.290  5.995   -0.405  1.00 6.05  ? 2   C38 A N4    1 
HETATM 34  C  C5    . C38 A 1 2  ? 10.611  5.320   -2.704  1.00 6.68  ? 2   C38 A C5    1 
HETATM 35  C  C6    . C38 A 1 2  ? 11.055  4.381   -3.540  1.00 6.85  ? 2   C38 A C6    1 
HETATM 36  I  I     . C38 A 1 2  ? 9.791   7.089   -3.543  1.00 7.06  ? 2   C38 A I     1 
ATOM   37  P  P     A DA  A 1 3  ? 11.529  -0.986  -6.901  0.80 9.53  ? 3   DA  A P     1 
ATOM   38  P  P     B DA  A 1 3  ? 11.056  -0.553  -7.243  0.20 7.60  ? 3   DA  A P     1 
ATOM   39  O  OP1   A DA  A 1 3  ? 12.449  -2.049  -7.394  0.80 12.98 ? 3   DA  A OP1   1 
ATOM   40  O  OP1   B DA  A 1 3  ? 11.708  -1.533  -8.122  0.20 5.63  ? 3   DA  A OP1   1 
ATOM   41  O  OP2   A DA  A 1 3  ? 10.564  -0.408  -7.811  0.80 10.57 ? 3   DA  A OP2   1 
ATOM   42  O  OP2   B DA  A 1 3  ? 9.946   0.266   -7.850  0.20 7.07  ? 3   DA  A OP2   1 
ATOM   43  O  "O5'" A DA  A 1 3  ? 10.748  -1.506  -5.651  0.80 8.88  ? 3   DA  A "O5'" 1 
ATOM   44  O  "O5'" B DA  A 1 3  ? 10.366  -1.367  -5.986  0.20 7.21  ? 3   DA  A "O5'" 1 
ATOM   45  C  "C5'" A DA  A 1 3  ? 11.438  -2.184  -4.614  0.80 9.31  ? 3   DA  A "C5'" 1 
ATOM   46  C  "C5'" B DA  A 1 3  ? 11.124  -2.150  -4.956  0.20 6.52  ? 3   DA  A "C5'" 1 
ATOM   47  C  "C4'" . DA  A 1 3  ? 10.438  -2.455  -3.575  1.00 7.83  ? 3   DA  A "C4'" 1 
ATOM   48  O  "O4'" . DA  A 1 3  ? 10.133  -1.176  -2.933  1.00 7.07  ? 3   DA  A "O4'" 1 
ATOM   49  C  "C3'" . DA  A 1 3  ? 9.105   -3.047  -3.974  1.00 7.87  ? 3   DA  A "C3'" 1 
ATOM   50  O  "O3'" . DA  A 1 3  ? 8.692   -3.915  -2.910  1.00 8.42  ? 3   DA  A "O3'" 1 
ATOM   51  C  "C2'" . DA  A 1 3  ? 8.161   -1.847  -3.933  1.00 7.42  ? 3   DA  A "C2'" 1 
ATOM   52  C  "C1'" . DA  A 1 3  ? 8.707   -1.095  -2.763  1.00 6.23  ? 3   DA  A "C1'" 1 
ATOM   53  N  N9    . DA  A 1 3  ? 8.346   0.300   -2.672  1.00 5.88  ? 3   DA  A N9    1 
ATOM   54  C  C8    . DA  A 1 3  ? 8.001   1.169   -3.666  1.00 6.54  ? 3   DA  A C8    1 
ATOM   55  N  N7    . DA  A 1 3  ? 7.773   2.386   -3.227  1.00 6.04  ? 3   DA  A N7    1 
ATOM   56  C  C5    . DA  A 1 3  ? 7.934   2.302   -1.845  1.00 5.53  ? 3   DA  A C5    1 
ATOM   57  C  C6    . DA  A 1 3  ? 7.804   3.224   -0.802  1.00 4.89  ? 3   DA  A C6    1 
ATOM   58  N  N6    . DA  A 1 3  ? 7.432   4.469   -0.987  1.00 5.88  ? 3   DA  A N6    1 
ATOM   59  N  N1    . DA  A 1 3  ? 8.014   2.765   0.459   1.00 5.53  ? 3   DA  A N1    1 
ATOM   60  C  C2    . DA  A 1 3  ? 8.358   1.483   0.654   1.00 5.68  ? 3   DA  A C2    1 
ATOM   61  N  N3    . DA  A 1 3  ? 8.521   0.529   -0.258  1.00 5.86  ? 3   DA  A N3    1 
ATOM   62  C  C4    . DA  A 1 3  ? 8.305   1.010   -1.504  1.00 5.93  ? 3   DA  A C4    1 
ATOM   63  P  P     A DG  A 1 4  ? 7.936   -5.301  -3.257  0.80 7.38  ? 4   DG  A P     1 
ATOM   64  P  P     B DG  A 1 4  ? 8.861   -5.522  -2.780  0.20 7.19  ? 4   DG  A P     1 
ATOM   65  O  OP1   A DG  A 1 4  ? 8.899   -6.255  -3.780  0.80 10.09 ? 4   DG  A OP1   1 
ATOM   66  O  OP1   B DG  A 1 4  ? 10.278  -5.926  -2.792  0.20 9.88  ? 4   DG  A OP1   1 
ATOM   67  O  OP2   A DG  A 1 4  ? 6.747   -5.039  -4.103  0.80 9.87  ? 4   DG  A OP2   1 
ATOM   68  O  OP2   B DG  A 1 4  ? 7.855   -6.006  -3.879  0.20 10.00 ? 4   DG  A OP2   1 
ATOM   69  O  "O5'" A DG  A 1 4  ? 7.447   -5.629  -1.820  0.80 7.25  ? 4   DG  A "O5'" 1 
ATOM   70  O  "O5'" B DG  A 1 4  ? 8.106   -5.888  -1.469  0.20 8.92  ? 4   DG  A "O5'" 1 
ATOM   71  C  "C5'" A DG  A 1 4  ? 8.356   -5.896  -0.775  0.80 7.24  ? 4   DG  A "C5'" 1 
ATOM   72  C  "C5'" B DG  A 1 4  ? 8.798   -5.857  -0.330  0.20 6.18  ? 4   DG  A "C5'" 1 
ATOM   73  C  "C4'" . DG  A 1 4  ? 7.686   -5.770  0.625   1.00 8.53  ? 4   DG  A "C4'" 1 
ATOM   74  O  "O4'" . DG  A 1 4  ? 7.358   -4.384  0.855   1.00 7.62  ? 4   DG  A "O4'" 1 
ATOM   75  C  "C3'" . DG  A 1 4  ? 6.376   -6.491  0.675   1.00 8.50  ? 4   DG  A "C3'" 1 
ATOM   76  O  "O3'" A DG  A 1 4  ? 6.351   -6.998  2.063   0.80 10.24 ? 4   DG  A "O3'" 1 
ATOM   77  O  "O3'" B DG  A 1 4  ? 6.088   -7.409  1.789   0.20 6.53  ? 4   DG  A "O3'" 1 
ATOM   78  C  "C2'" . DG  A 1 4  ? 5.317   -5.468  0.378   1.00 7.45  ? 4   DG  A "C2'" 1 
ATOM   79  C  "C1'" . DG  A 1 4  ? 5.936   -4.203  0.996   1.00 6.50  ? 4   DG  A "C1'" 1 
ATOM   80  N  N9    . DG  A 1 4  ? 5.614   -2.961  0.340   1.00 5.45  ? 4   DG  A N9    1 
ATOM   81  C  C8    . DG  A 1 4  ? 5.832   -2.691  -0.989  1.00 6.46  ? 4   DG  A C8    1 
ATOM   82  N  N7    . DG  A 1 4  ? 5.640   -1.433  -1.281  1.00 5.85  ? 4   DG  A N7    1 
ATOM   83  C  C5    . DG  A 1 4  ? 5.282   -0.843  -0.064  1.00 5.04  ? 4   DG  A C5    1 
ATOM   84  C  C6    . DG  A 1 4  ? 5.008   0.504   0.260   1.00 4.65  ? 4   DG  A C6    1 
ATOM   85  O  O6    . DG  A 1 4  ? 5.064   1.490   -0.482  1.00 5.25  ? 4   DG  A O6    1 
ATOM   86  N  N1    . DG  A 1 4  ? 4.630   0.671   1.590   1.00 4.57  ? 4   DG  A N1    1 
ATOM   87  C  C2    . DG  A 1 4  ? 4.562   -0.354  2.508   1.00 4.54  ? 4   DG  A C2    1 
ATOM   88  N  N2    . DG  A 1 4  ? 4.118   -0.045  3.733   1.00 4.85  ? 4   DG  A N2    1 
ATOM   89  N  N3    . DG  A 1 4  ? 4.933   -1.605  2.228   1.00 4.64  ? 4   DG  A N3    1 
ATOM   90  C  C4    . DG  A 1 4  ? 5.264   -1.782  0.935   1.00 5.04  ? 4   DG  A C4    1 
ATOM   91  P  P     A DT  A 1 5  ? 5.413   -8.059  2.602   0.50 9.43  ? 5   DT  A P     1 
ATOM   92  P  P     B DT  A 1 5  ? 4.873   -8.264  2.097   0.50 9.92  ? 5   DT  A P     1 
ATOM   93  O  OP1   A DT  A 1 5  ? 6.065   -8.851  3.708   0.50 11.93 ? 5   DT  A OP1   1 
ATOM   94  O  OP1   B DT  A 1 5  ? 5.457   -9.289  3.008   0.50 14.27 ? 5   DT  A OP1   1 
ATOM   95  O  OP2   A DT  A 1 5  ? 4.818   -8.751  1.375   0.50 9.95  ? 5   DT  A OP2   1 
ATOM   96  O  OP2   B DT  A 1 5  ? 4.169   -8.734  0.802   0.50 11.27 ? 5   DT  A OP2   1 
ATOM   97  O  "O5'" A DT  A 1 5  ? 4.208   -7.247  3.236   0.50 7.30  ? 5   DT  A "O5'" 1 
ATOM   98  O  "O5'" B DT  A 1 5  ? 3.811   -7.382  2.856   0.50 6.63  ? 5   DT  A "O5'" 1 
ATOM   99  C  "C5'" A DT  A 1 5  ? 4.426   -6.572  4.394   0.50 6.39  ? 5   DT  A "C5'" 1 
ATOM   100 C  "C5'" B DT  A 1 5  ? 4.114   -6.853  4.177   0.50 6.61  ? 5   DT  A "C5'" 1 
ATOM   101 C  "C4'" . DT  A 1 5  ? 3.131   -5.797  4.633   1.00 6.01  ? 5   DT  A "C4'" 1 
ATOM   102 O  "O4'" . DT  A 1 5  ? 3.125   -4.723  3.700   1.00 5.90  ? 5   DT  A "O4'" 1 
ATOM   103 C  "C3'" . DT  A 1 5  ? 1.734   -6.405  4.538   1.00 5.88  ? 5   DT  A "C3'" 1 
ATOM   104 O  "O3'" . DT  A 1 5  ? 1.330   -6.730  5.878   1.00 6.15  ? 5   DT  A "O3'" 1 
ATOM   105 C  "C2'" . DT  A 1 5  ? 0.853   -5.337  3.884   1.00 6.13  ? 5   DT  A "C2'" 1 
ATOM   106 C  "C1'" . DT  A 1 5  ? 1.818   -4.131  3.763   1.00 5.17  ? 5   DT  A "C1'" 1 
ATOM   107 N  N1    . DT  A 1 5  ? 1.687   -3.312  2.584   1.00 5.20  ? 5   DT  A N1    1 
ATOM   108 C  C2    . DT  A 1 5  ? 1.458   -1.955  2.692   1.00 4.72  ? 5   DT  A C2    1 
ATOM   109 O  O2    . DT  A 1 5  ? 1.179   -1.428  3.765   1.00 5.14  ? 5   DT  A O2    1 
ATOM   110 N  N3    . DT  A 1 5  ? 1.545   -1.247  1.540   1.00 4.88  ? 5   DT  A N3    1 
ATOM   111 C  C4    . DT  A 1 5  ? 1.877   -1.753  0.276   1.00 4.94  ? 5   DT  A C4    1 
ATOM   112 O  O4    . DT  A 1 5  ? 2.021   -0.984  -0.672  1.00 5.50  ? 5   DT  A O4    1 
ATOM   113 C  C5    . DT  A 1 5  ? 2.010   -3.201  0.218   1.00 5.65  ? 5   DT  A C5    1 
ATOM   114 C  C7    . DT  A 1 5  ? 2.260   -3.794  -1.145  1.00 6.86  ? 5   DT  A C7    1 
ATOM   115 C  C6    . DT  A 1 5  ? 1.922   -3.896  1.326   1.00 5.56  ? 5   DT  A C6    1 
ATOM   116 P  P     . DA  A 1 6  ? -0.051  -7.478  6.202   1.00 6.27  ? 6   DA  A P     1 
ATOM   117 O  OP1   . DA  A 1 6  ? 0.148   -8.155  7.498   1.00 7.74  ? 6   DA  A OP1   1 
ATOM   118 O  OP2   . DA  A 1 6  ? -0.495  -8.270  5.063   1.00 7.44  ? 6   DA  A OP2   1 
ATOM   119 O  "O5'" . DA  A 1 6  ? -1.124  -6.311  6.364   1.00 6.16  ? 6   DA  A "O5'" 1 
ATOM   120 C  "C5'" . DA  A 1 6  ? -0.944  -5.326  7.383   1.00 5.98  ? 6   DA  A "C5'" 1 
ATOM   121 C  "C4'" . DA  A 1 6  ? -1.934  -4.216  7.144   1.00 4.91  ? 6   DA  A "C4'" 1 
ATOM   122 O  "O4'" . DA  A 1 6  ? -1.603  -3.591  5.898   1.00 5.19  ? 6   DA  A "O4'" 1 
ATOM   123 C  "C3'" . DA  A 1 6  ? -3.379  -4.595  7.088   1.00 4.91  ? 6   DA  A "C3'" 1 
ATOM   124 O  "O3'" . DA  A 1 6  ? -4.074  -3.794  8.104   1.00 4.96  ? 6   DA  A "O3'" 1 
ATOM   125 C  "C2'" . DA  A 1 6  ? -3.809  -4.295  5.667   1.00 5.58  ? 6   DA  A "C2'" 1 
ATOM   126 C  "C1'" . DA  A 1 6  ? -2.833  -3.201  5.244   1.00 4.89  ? 6   DA  A "C1'" 1 
ATOM   127 N  N9    . DA  A 1 6  ? -2.539  -3.167  3.836   1.00 5.02  ? 6   DA  A N9    1 
ATOM   128 C  C8    . DA  A 1 6  ? -2.202  -4.268  3.066   1.00 5.28  ? 6   DA  A C8    1 
ATOM   129 N  N7    . DA  A 1 6  ? -1.848  -3.923  1.839   1.00 4.63  ? 6   DA  A N7    1 
ATOM   130 C  C5    . DA  A 1 6  ? -1.961  -2.551  1.803   1.00 4.60  ? 6   DA  A C5    1 
ATOM   131 C  C6    . DA  A 1 6  ? -1.714  -1.616  0.805   1.00 4.31  ? 6   DA  A C6    1 
ATOM   132 N  N6    . DA  A 1 6  ? -1.254  -1.965  -0.435  1.00 5.09  ? 6   DA  A N6    1 
ATOM   133 N  N1    . DA  A 1 6  ? -1.932  -0.299  1.074   1.00 4.38  ? 6   DA  A N1    1 
ATOM   134 C  C2    . DA  A 1 6  ? -2.342  0.018   2.325   1.00 4.32  ? 6   DA  A C2    1 
ATOM   135 N  N3    . DA  A 1 6  ? -2.592  -0.766  3.341   1.00 4.57  ? 6   DA  A N3    1 
ATOM   136 C  C4    . DA  A 1 6  ? -2.383  -2.054  3.040   1.00 4.65  ? 6   DA  A C4    1 
ATOM   137 P  P     . DC  A 1 7  ? -5.649  -3.844  8.297   1.00 4.79  ? 7   DC  A P     1 
ATOM   138 O  OP1   . DC  A 1 7  ? -5.883  -3.322  9.677   1.00 5.15  ? 7   DC  A OP1   1 
ATOM   139 O  OP2   . DC  A 1 7  ? -6.227  -5.185  7.945   1.00 5.65  ? 7   DC  A OP2   1 
ATOM   140 O  "O5'" . DC  A 1 7  ? -6.233  -2.868  7.201   1.00 4.73  ? 7   DC  A "O5'" 1 
ATOM   141 C  "C5'" . DC  A 1 7  ? -5.951  -1.450  7.266   1.00 4.92  ? 7   DC  A "C5'" 1 
ATOM   142 C  "C4'" . DC  A 1 7  ? -6.549  -0.798  6.052   1.00 5.73  ? 7   DC  A "C4'" 1 
ATOM   143 O  "O4'" . DC  A 1 7  ? -5.840  -1.241  4.894   1.00 5.24  ? 7   DC  A "O4'" 1 
ATOM   144 C  "C3'" . DC  A 1 7  ? -8.035  -1.160  5.816   1.00 7.18  ? 7   DC  A "C3'" 1 
ATOM   145 O  "O3'" A DC  A 1 7  ? -8.622  0.365   5.950   0.50 5.99  ? 7   DC  A "O3'" 1 
ATOM   146 O  "O3'" B DC  A 1 7  ? -8.965  -0.299  5.990   0.50 7.69  ? 7   DC  A "O3'" 1 
ATOM   147 C  "C2'" . DC  A 1 7  ? -8.047  -1.695  4.414   1.00 6.56  ? 7   DC  A "C2'" 1 
ATOM   148 C  "C1'" . DC  A 1 7  ? -6.786  -1.134  3.802   1.00 5.42  ? 7   DC  A "C1'" 1 
ATOM   149 N  N1    . DC  A 1 7  ? -6.208  -1.901  2.694   1.00 5.06  ? 7   DC  A N1    1 
ATOM   150 C  C2    . DC  A 1 7  ? -5.757  -1.202  1.536   1.00 5.41  ? 7   DC  A C2    1 
ATOM   151 O  O2    . DC  A 1 7  ? -5.917  0.019   1.468   1.00 5.31  ? 7   DC  A O2    1 
ATOM   152 N  N3    . DC  A 1 7  ? -5.176  -1.907  0.539   1.00 5.35  ? 7   DC  A N3    1 
ATOM   153 C  C4    . DC  A 1 7  ? -4.983  -3.237  0.668   1.00 5.29  ? 7   DC  A C4    1 
ATOM   154 N  N4    . DC  A 1 7  ? -4.422  -3.909  -0.348  1.00 6.12  ? 7   DC  A N4    1 
ATOM   155 C  C5    . DC  A 1 7  ? -5.407  -3.946  1.826   1.00 5.70  ? 7   DC  A C5    1 
ATOM   156 C  C6    . DC  A 1 7  ? -6.011  -3.257  2.808   1.00 5.70  ? 7   DC  A C6    1 
ATOM   157 P  P     A DT  A 1 8  ? -10.215 0.517   6.010   0.60 8.27  ? 8   DT  A P     1 
ATOM   158 P  P     B DT  A 1 8  ? -10.538 -0.517  5.850   0.40 6.75  ? 8   DT  A P     1 
ATOM   159 O  OP1   A DT  A 1 8  ? -10.450 1.902   6.484   0.60 11.09 ? 8   DT  A OP1   1 
ATOM   160 O  OP1   B DT  A 1 8  ? -11.106 0.500   6.745   0.40 8.88  ? 8   DT  A OP1   1 
ATOM   161 O  OP2   A DT  A 1 8  ? -10.853 -0.726  6.687   0.60 9.63  ? 8   DT  A OP2   1 
ATOM   162 O  OP2   B DT  A 1 8  ? -10.998 -1.989  6.112   0.40 7.43  ? 8   DT  A OP2   1 
ATOM   163 O  "O5'" A DT  A 1 8  ? -10.635 0.476   4.456   0.60 6.56  ? 8   DT  A "O5'" 1 
ATOM   164 O  "O5'" B DT  A 1 8  ? -10.854 -0.202  4.342   0.40 4.32  ? 8   DT  A "O5'" 1 
ATOM   165 C  "C5'" A DT  A 1 8  ? -10.276 1.483   3.547   0.60 6.24  ? 8   DT  A "C5'" 1 
ATOM   166 C  "C5'" B DT  A 1 8  ? -10.526 1.022   3.721   0.40 4.96  ? 8   DT  A "C5'" 1 
ATOM   167 C  "C4'" . DT  A 1 8  ? -10.540 0.947   2.168   1.00 5.92  ? 8   DT  A "C4'" 1 
ATOM   168 O  "O4'" . DT  A 1 8  ? -9.573  -0.037  1.774   1.00 5.39  ? 8   DT  A "O4'" 1 
ATOM   169 C  "C3'" . DT  A 1 8  ? -11.889 0.354   1.789   1.00 6.32  ? 8   DT  A "C3'" 1 
ATOM   170 O  "O3'" . DT  A 1 8  ? -12.768 1.461   1.524   1.00 8.20  ? 8   DT  A "O3'" 1 
ATOM   171 C  "C2'" . DT  A 1 8  ? -11.571 -0.542  0.588   1.00 6.49  ? 8   DT  A "C2'" 1 
ATOM   172 C  "C1'" . DT  A 1 8  ? -10.034 -0.508  0.505   1.00 5.87  ? 8   DT  A "C1'" 1 
ATOM   173 N  N1    . DT  A 1 8  ? -9.411  -1.780  0.236   1.00 5.76  ? 8   DT  A N1    1 
ATOM   174 C  C2    . DT  A 1 8  ? -8.550  -1.921  -0.848  1.00 5.29  ? 8   DT  A C2    1 
ATOM   175 O  O2    . DT  A 1 8  ? -8.359  -0.985  -1.645  1.00 6.14  ? 8   DT  A O2    1 
ATOM   176 N  N3    . DT  A 1 8  ? -8.032  -3.142  -1.025  1.00 5.21  ? 8   DT  A N3    1 
ATOM   177 C  C4    . DT  A 1 8  ? -8.162  -4.258  -0.175  1.00 5.41  ? 8   DT  A C4    1 
ATOM   178 O  O4    . DT  A 1 8  ? -7.608  -5.286  -0.465  1.00 5.67  ? 8   DT  A O4    1 
ATOM   179 C  C5    . DT  A 1 8  ? -9.011  -4.010  0.992   1.00 5.60  ? 8   DT  A C5    1 
ATOM   180 C  C7    . DT  A 1 8  ? -9.150  -5.152  1.961   1.00 6.58  ? 8   DT  A C7    1 
ATOM   181 C  C6    . DT  A 1 8  ? -9.589  -2.813  1.144   1.00 5.38  ? 8   DT  A C6    1 
ATOM   182 P  P     . DG  A 1 9  ? -14.221 1.329   0.973   1.00 9.29  ? 9   DG  A P     1 
ATOM   183 O  OP1   . DG  A 1 9  ? -14.913 2.581   1.373   1.00 14.06 ? 9   DG  A OP1   1 
ATOM   184 O  OP2   . DG  A 1 9  ? -14.808 0.010   1.277   1.00 11.01 ? 9   DG  A OP2   1 
ATOM   185 O  "O5'" . DG  A 1 9  ? -14.047 1.334   -0.586  1.00 9.44  ? 9   DG  A "O5'" 1 
ATOM   186 C  "C5'" . DG  A 1 9  ? -13.411 2.479   -1.228  1.00 10.66 ? 9   DG  A "C5'" 1 
ATOM   187 C  "C4'" . DG  A 1 9  ? -13.594 2.375   -2.693  1.00 9.10  ? 9   DG  A "C4'" 1 
ATOM   188 O  "O4'" . DG  A 1 9  ? -12.853 1.235   -3.223  1.00 10.34 ? 9   DG  A "O4'" 1 
ATOM   189 C  "C3'" . DG  A 1 9  ? -15.084 2.137   -3.080  1.00 7.84  ? 9   DG  A "C3'" 1 
ATOM   190 O  "O3'" . DG  A 1 9  ? -15.313 2.911   -4.242  1.00 9.03  ? 9   DG  A "O3'" 1 
ATOM   191 C  "C2'" . DG  A 1 9  ? -15.123 0.662   -3.355  1.00 8.54  ? 9   DG  A "C2'" 1 
ATOM   192 C  "C1'" . DG  A 1 9  ? -13.719 0.233   -3.734  1.00 8.06  ? 9   DG  A "C1'" 1 
ATOM   193 N  N9    . DG  A 1 9  ? -13.276 -1.024  -3.167  1.00 6.94  ? 9   DG  A N9    1 
ATOM   194 C  C8    . DG  A 1 9  ? -13.670 -1.656  -2.023  1.00 7.15  ? 9   DG  A C8    1 
ATOM   195 N  N7    . DG  A 1 9  ? -12.963 -2.708  -1.758  1.00 6.90  ? 9   DG  A N7    1 
ATOM   196 C  C5    . DG  A 1 9  ? -12.023 -2.785  -2.781  1.00 6.76  ? 9   DG  A C5    1 
ATOM   197 C  C6    . DG  A 1 9  ? -11.002 -3.689  -3.052  1.00 6.05  ? 9   DG  A C6    1 
ATOM   198 O  O6    . DG  A 1 9  ? -10.686 -4.727  -2.405  1.00 6.87  ? 9   DG  A O6    1 
ATOM   199 N  N1    . DG  A 1 9  ? -10.293 -3.423  -4.223  1.00 6.65  ? 9   DG  A N1    1 
ATOM   200 C  C2    . DG  A 1 9  ? -10.569 -2.341  -5.044  1.00 6.91  ? 9   DG  A C2    1 
ATOM   201 N  N2    . DG  A 1 9  ? -9.777  -2.214  -6.134  1.00 8.14  ? 9   DG  A N2    1 
ATOM   202 N  N3    . DG  A 1 9  ? -11.520 -1.470  -4.782  1.00 6.96  ? 9   DG  A N3    1 
ATOM   203 C  C4    . DG  A 1 9  ? -12.204 -1.750  -3.648  1.00 6.35  ? 9   DG  A C4    1 
ATOM   204 P  P     . DG  A 1 10 ? -16.666 2.946   -5.068  1.00 8.79  ? 10  DG  A P     1 
ATOM   205 O  OP1   . DG  A 1 10 ? -16.795 4.287   -5.611  1.00 9.72  ? 10  DG  A OP1   1 
ATOM   206 O  OP2   . DG  A 1 10 ? -17.775 2.370   -4.276  1.00 8.73  ? 10  DG  A OP2   1 
ATOM   207 O  "O5'" . DG  A 1 10 ? -16.388 1.919   -6.213  1.00 9.41  ? 10  DG  A "O5'" 1 
ATOM   208 C  "C5'" . DG  A 1 10 ? -15.313 2.204   -7.169  1.00 9.23  ? 10  DG  A "C5'" 1 
ATOM   209 C  "C4'" . DG  A 1 10 ? -15.019 1.008   -8.033  1.00 10.09 ? 10  DG  A "C4'" 1 
ATOM   210 O  "O4'" . DG  A 1 10 ? -14.514 -0.050  -7.195  1.00 8.89  ? 10  DG  A "O4'" 1 
ATOM   211 C  "C3'" . DG  A 1 10 ? -16.232 0.444   -8.687  1.00 11.69 ? 10  DG  A "C3'" 1 
ATOM   212 O  "O3'" . DG  A 1 10 ? -15.965 0.279   -10.087 1.00 19.74 ? 10  DG  A "O3'" 1 
ATOM   213 C  "C2'" . DG  A 1 10 ? -16.476 -0.879  -8.064  1.00 11.74 ? 10  DG  A "C2'" 1 
ATOM   214 C  "C1'" . DG  A 1 10 ? -15.063 -1.249  -7.605  1.00 9.91  ? 10  DG  A "C1'" 1 
ATOM   215 N  N9    . DG  A 1 10 ? -15.028 -2.174  -6.467  1.00 8.27  ? 10  DG  A N9    1 
ATOM   216 C  C8    . DG  A 1 10 ? -15.843 -2.199  -5.383  1.00 8.86  ? 10  DG  A C8    1 
ATOM   217 N  N7    . DG  A 1 10 ? -15.562 -3.159  -4.537  1.00 8.57  ? 10  DG  A N7    1 
ATOM   218 C  C5    . DG  A 1 10 ? -14.486 -3.814  -5.118  1.00 7.40  ? 10  DG  A C5    1 
ATOM   219 C  C6    . DG  A 1 10 ? -13.760 -4.945  -4.715  1.00 7.47  ? 10  DG  A C6    1 
ATOM   220 O  O6    . DG  A 1 10 ? -13.944 -5.640  -3.699  1.00 8.40  ? 10  DG  A O6    1 
ATOM   221 N  N1    . DG  A 1 10 ? -12.777 -5.332  -5.614  1.00 7.59  ? 10  DG  A N1    1 
ATOM   222 C  C2    . DG  A 1 10 ? -12.544 -4.652  -6.790  1.00 8.00  ? 10  DG  A C2    1 
ATOM   223 N  N2    . DG  A 1 10 ? -11.517 -5.177  -7.534  1.00 9.31  ? 10  DG  A N2    1 
ATOM   224 N  N3    . DG  A 1 10 ? -13.181 -3.573  -7.162  1.00 8.26  ? 10  DG  A N3    1 
ATOM   225 C  C4    . DG  A 1 10 ? -14.170 -3.215  -6.298  1.00 7.79  ? 10  DG  A C4    1 
ATOM   226 O  "O5'" . DC  B 1 1  ? -8.838  -13.285 -5.306  1.00 10.82 ? 1   DC  B "O5'" 1 
ATOM   227 C  "C5'" . DC  B 1 1  ? -8.996  -13.734 -6.651  1.00 10.50 ? 1   DC  B "C5'" 1 
ATOM   228 C  "C4'" . DC  B 1 1  ? -9.288  -12.580 -7.541  1.00 9.28  ? 1   DC  B "C4'" 1 
ATOM   229 O  "O4'" . DC  B 1 1  ? -10.504 -11.878 -7.113  1.00 9.14  ? 1   DC  B "O4'" 1 
ATOM   230 C  "C3'" . DC  B 1 1  ? -8.292  -11.442 -7.557  1.00 8.41  ? 1   DC  B "C3'" 1 
ATOM   231 O  "O3'" . DC  B 1 1  ? -7.220  -11.817 -8.475  1.00 8.75  ? 1   DC  B "O3'" 1 
ATOM   232 C  "C2'" . DC  B 1 1  ? -9.082  -10.235 -8.011  1.00 9.18  ? 1   DC  B "C2'" 1 
ATOM   233 C  "C1'" . DC  B 1 1  ? -10.437 -10.503 -7.390  1.00 8.38  ? 1   DC  B "C1'" 1 
ATOM   234 N  N1    . DC  B 1 1  ? -10.634 -9.782  -6.072  1.00 7.70  ? 1   DC  B N1    1 
ATOM   235 C  C2    . DC  B 1 1  ? -10.992 -8.452  -6.182  1.00 7.35  ? 1   DC  B C2    1 
ATOM   236 O  O2    . DC  B 1 1  ? -10.867 -7.875  -7.280  1.00 9.56  ? 1   DC  B O2    1 
ATOM   237 N  N3    . DC  B 1 1  ? -11.445 -7.836  -5.061  1.00 7.07  ? 1   DC  B N3    1 
ATOM   238 C  C4    . DC  B 1 1  ? -11.558 -8.478  -3.910  1.00 6.51  ? 1   DC  B C4    1 
ATOM   239 N  N4    . DC  B 1 1  ? -12.093 -7.795  -2.862  1.00 7.32  ? 1   DC  B N4    1 
ATOM   240 C  C5    . DC  B 1 1  ? -11.091 -9.766  -3.739  1.00 6.83  ? 1   DC  B C5    1 
ATOM   241 C  C6    . DC  B 1 1  ? -10.687 -10.438 -4.847  1.00 8.14  ? 1   DC  B C6    1 
HETATM 242 P  P     . C38 B 1 2  ? -5.769  -11.235 -8.366  1.00 8.44  ? 2   C38 B P     1 
HETATM 243 O  O1P   . C38 B 1 2  ? -5.026  -11.981 -9.403  1.00 9.51  ? 2   C38 B O1P   1 
HETATM 244 O  O2P   . C38 B 1 2  ? -5.282  -11.190 -6.965  1.00 9.29  ? 2   C38 B O2P   1 
HETATM 245 O  "O5'" . C38 B 1 2  ? -5.911  -9.683  -8.770  1.00 8.46  ? 2   C38 B "O5'" 1 
HETATM 246 C  "C5'" . C38 B 1 2  ? -6.455  -9.420  -10.099 1.00 9.20  ? 2   C38 B "C5'" 1 
HETATM 247 C  "C4'" . C38 B 1 2  ? -6.667  -7.914  -10.248 1.00 8.15  ? 2   C38 B "C4'" 1 
HETATM 248 O  "O4'" . C38 B 1 2  ? -7.538  -7.473  -9.181  1.00 8.16  ? 2   C38 B "O4'" 1 
HETATM 249 C  "C3'" . C38 B 1 2  ? -5.441  -7.091  -10.193 1.00 8.96  ? 2   C38 B "C3'" 1 
HETATM 250 O  "O3'" . C38 B 1 2  ? -5.565  -6.149  -11.254 1.00 9.61  ? 2   C38 B "O3'" 1 
HETATM 251 C  "C2'" . C38 B 1 2  ? -5.512  -6.439  -8.783  1.00 8.76  ? 2   C38 B "C2'" 1 
HETATM 252 C  "C1'" . C38 B 1 2  ? -6.991  -6.349  -8.546  1.00 8.19  ? 2   C38 B "C1'" 1 
HETATM 253 N  N1    . C38 B 1 2  ? -7.356  -6.386  -7.108  1.00 7.05  ? 2   C38 B N1    1 
HETATM 254 C  C2    . C38 B 1 2  ? -8.083  -5.397  -6.539  1.00 6.91  ? 2   C38 B C2    1 
HETATM 255 O  O2    . C38 B 1 2  ? -8.277  -4.354  -7.179  1.00 8.23  ? 2   C38 B O2    1 
HETATM 256 N  N3    . C38 B 1 2  ? -8.529  -5.510  -5.280  1.00 6.44  ? 2   C38 B N3    1 
HETATM 257 C  C4    . C38 B 1 2  ? -8.243  -6.607  -4.561  1.00 6.81  ? 2   C38 B C4    1 
HETATM 258 N  N4    . C38 B 1 2  ? -8.773  -6.680  -3.331  1.00 6.91  ? 2   C38 B N4    1 
HETATM 259 C  C5    . C38 B 1 2  ? -7.418  -7.696  -5.123  1.00 7.54  ? 2   C38 B C5    1 
HETATM 260 C  C6    . C38 B 1 2  ? -7.011  -7.523  -6.373  1.00 7.48  ? 2   C38 B C6    1 
HETATM 261 I  I     . C38 B 1 2  ? -6.877  -9.324  -4.000  1.00 7.97  ? 2   C38 B I     1 
ATOM   262 P  P     . DA  B 1 3  ? -4.349  -5.403  -11.930 1.00 9.85  ? 3   DA  B P     1 
ATOM   263 O  OP1   . DA  B 1 3  ? -4.795  -4.965  -13.237 1.00 12.19 ? 3   DA  B OP1   1 
ATOM   264 O  OP2   . DA  B 1 3  ? -3.111  -6.262  -11.858 1.00 10.53 ? 3   DA  B OP2   1 
ATOM   265 O  "O5'" . DA  B 1 3  ? -4.043  -4.144  -10.990 1.00 10.10 ? 3   DA  B "O5'" 1 
ATOM   266 C  "C5'" . DA  B 1 3  ? -4.929  -3.059  -10.999 1.00 10.63 ? 3   DA  B "C5'" 1 
ATOM   267 C  "C4'" . DA  B 1 3  ? -4.594  -2.182  -9.845  1.00 10.74 ? 3   DA  B "C4'" 1 
ATOM   268 O  "O4'" . DA  B 1 3  ? -5.041  -2.799  -8.669  1.00 9.31  ? 3   DA  B "O4'" 1 
ATOM   269 C  "C3'" . DA  B 1 3  ? -3.129  -1.865  -9.607  1.00 10.42 ? 3   DA  B "C3'" 1 
ATOM   270 O  "O3'" . DA  B 1 3  ? -3.021  -0.456  -9.158  1.00 11.31 ? 3   DA  B "O3'" 1 
ATOM   271 C  "C2'" . DA  B 1 3  ? -2.734  -2.709  -8.400  1.00 10.07 ? 3   DA  B "C2'" 1 
ATOM   272 C  "C1'" . DA  B 1 3  ? -4.064  -2.643  -7.618  1.00 8.85  ? 3   DA  B "C1'" 1 
ATOM   273 N  N9    . DA  B 1 3  ? -4.195  -3.608  -6.598  1.00 7.81  ? 3   DA  B N9    1 
ATOM   274 C  C8    . DA  B 1 3  ? -3.591  -4.815  -6.437  1.00 8.51  ? 3   DA  B C8    1 
ATOM   275 N  N7    . DA  B 1 3  ? -4.008  -5.406  -5.356  1.00 8.64  ? 3   DA  B N7    1 
ATOM   276 C  C5    . DA  B 1 3  ? -4.979  -4.555  -4.772  1.00 7.29  ? 3   DA  B C5    1 
ATOM   277 C  C6    . DA  B 1 3  ? -5.735  -4.623  -3.611  1.00 5.89  ? 3   DA  B C6    1 
ATOM   278 N  N6    . DA  B 1 3  ? -5.686  -5.630  -2.771  1.00 6.92  ? 3   DA  B N6    1 
ATOM   279 N  N1    . DA  B 1 3  ? -6.523  -3.535  -3.343  1.00 5.92  ? 3   DA  B N1    1 
ATOM   280 C  C2    . DA  B 1 3  ? -6.565  -2.528  -4.184  1.00 6.57  ? 3   DA  B C2    1 
ATOM   281 N  N3    . DA  B 1 3  ? -5.877  -2.357  -5.314  1.00 7.25  ? 3   DA  B N3    1 
ATOM   282 C  C4    . DA  B 1 3  ? -5.089  -3.438  -5.548  1.00 6.92  ? 3   DA  B C4    1 
ATOM   283 P  P     . DG  B 1 4  ? -2.239  0.639   -9.967  1.00 8.25  ? 4   DG  B P     1 
ATOM   284 O  OP1   . DG  B 1 4  ? -2.730  0.668   -11.367 1.00 9.98  ? 4   DG  B OP1   1 
ATOM   285 O  OP2   . DG  B 1 4  ? -0.777  0.473   -9.786  1.00 10.62 ? 4   DG  B OP2   1 
ATOM   286 O  "O5'" . DG  B 1 4  ? -2.661  1.890   -9.129  1.00 8.43  ? 4   DG  B "O5'" 1 
ATOM   287 C  "C5'" . DG  B 1 4  ? -3.993  2.452   -9.226  1.00 8.16  ? 4   DG  B "C5'" 1 
ATOM   288 C  "C4'" . DG  B 1 4  ? -4.288  3.262   -7.989  1.00 9.15  ? 4   DG  B "C4'" 1 
ATOM   289 O  "O4'" . DG  B 1 4  ? -4.524  2.359   -6.868  1.00 8.33  ? 4   DG  B "O4'" 1 
ATOM   290 C  "C3'" . DG  B 1 4  ? -3.177  4.136   -7.571  1.00 10.40 ? 4   DG  B "C3'" 1 
ATOM   291 O  "O3'" A DG  B 1 4  ? -4.227  5.336   -7.153  0.50 7.79  ? 4   DG  B "O3'" 1 
ATOM   292 O  "O3'" B DG  B 1 4  ? -3.263  5.464   -7.228  0.50 7.68  ? 4   DG  B "O3'" 1 
ATOM   293 C  "C2'" . DG  B 1 4  ? -2.505  3.439   -6.413  1.00 9.04  ? 4   DG  B "C2'" 1 
ATOM   294 C  "C1'" . DG  B 1 4  ? -3.625  2.683   -5.790  1.00 7.85  ? 4   DG  B "C1'" 1 
ATOM   295 N  N9    . DG  B 1 4  ? -3.255  1.389   -5.184  1.00 6.63  ? 4   DG  B N9    1 
ATOM   296 C  C8    . DG  B 1 4  ? -2.648  0.346   -5.823  1.00 7.19  ? 4   DG  B C8    1 
ATOM   297 N  N7    . DG  B 1 4  ? -2.634  -0.757  -5.120  1.00 6.48  ? 4   DG  B N7    1 
ATOM   298 C  C5    . DG  B 1 4  ? -3.281  -0.413  -3.942  1.00 5.75  ? 4   DG  B C5    1 
ATOM   299 C  C6    . DG  B 1 4  ? -3.644  -1.207  -2.836  1.00 5.59  ? 4   DG  B C6    1 
ATOM   300 O  O6    . DG  B 1 4  ? -3.453  -2.420  -2.674  1.00 6.27  ? 4   DG  B O6    1 
ATOM   301 N  N1    . DG  B 1 4  ? -4.280  -0.465  -1.834  1.00 5.16  ? 4   DG  B N1    1 
ATOM   302 C  C2    . DG  B 1 4  ? -4.584  0.855   -1.926  1.00 4.99  ? 4   DG  B C2    1 
ATOM   303 N  N2    . DG  B 1 4  ? -5.136  1.437   -0.835  1.00 5.11  ? 4   DG  B N2    1 
ATOM   304 N  N3    . DG  B 1 4  ? -4.328  1.615   -3.012  1.00 5.51  ? 4   DG  B N3    1 
ATOM   305 C  C4    . DG  B 1 4  ? -3.696  0.915   -3.970  1.00 5.58  ? 4   DG  B C4    1 
ATOM   306 P  P     A DT  B 1 5  ? -3.522  6.750   -6.861  0.50 9.22  ? 5   DT  B P     1 
ATOM   307 P  P     B DT  B 1 5  ? -2.285  6.602   -6.796  0.50 8.46  ? 5   DT  B P     1 
ATOM   308 O  OP1   A DT  B 1 5  ? -4.504  7.783   -7.192  0.50 12.82 ? 5   DT  B OP1   1 
ATOM   309 O  OP1   B DT  B 1 5  ? -2.862  7.905   -7.348  0.50 11.09 ? 5   DT  B OP1   1 
ATOM   310 O  OP2   A DT  B 1 5  ? -2.224  6.843   -7.599  0.50 11.11 ? 5   DT  B OP2   1 
ATOM   311 O  OP2   B DT  B 1 5  ? -0.879  6.258   -7.126  0.50 9.97  ? 5   DT  B OP2   1 
ATOM   312 O  "O5'" A DT  B 1 5  ? -3.160  6.772   -5.322  0.50 7.32  ? 5   DT  B "O5'" 1 
ATOM   313 O  "O5'" B DT  B 1 5  ? -2.341  6.615   -5.226  0.50 7.17  ? 5   DT  B "O5'" 1 
ATOM   314 C  "C5'" A DT  B 1 5  ? -4.274  6.868   -4.389  0.50 6.25  ? 5   DT  B "C5'" 1 
ATOM   315 C  "C5'" B DT  B 1 5  ? -3.624  6.910   -4.611  0.50 6.88  ? 5   DT  B "C5'" 1 
ATOM   316 C  "C4'" . DT  B 1 5  ? -3.594  6.673   -3.057  1.00 6.15  ? 5   DT  B "C4'" 1 
ATOM   317 O  "O4'" . DT  B 1 5  ? -3.275  5.282   -2.892  1.00 5.69  ? 5   DT  B "O4'" 1 
ATOM   318 C  "C3'" . DT  B 1 5  ? -2.389  7.420   -2.547  1.00 6.08  ? 5   DT  B "C3'" 1 
ATOM   319 O  "O3'" . DT  B 1 5  ? -2.902  8.549   -1.817  1.00 6.61  ? 5   DT  B "O3'" 1 
ATOM   320 C  "C2'" . DT  B 1 5  ? -1.619  6.445   -1.679  1.00 5.99  ? 5   DT  B "C2'" 1 
ATOM   321 C  "C1'" . DT  B 1 5  ? -2.534  5.192   -1.660  1.00 5.27  ? 5   DT  B "C1'" 1 
ATOM   322 N  N1    . DT  B 1 5  ? -1.846  3.925   -1.687  1.00 5.13  ? 5   DT  B N1    1 
ATOM   323 C  C2    . DT  B 1 5  ? -2.077  2.984   -0.690  1.00 4.76  ? 5   DT  B C2    1 
ATOM   324 O  O2    . DT  B 1 5  ? -2.715  3.249   0.331   1.00 5.01  ? 5   DT  B O2    1 
ATOM   325 N  N3    . DT  B 1 5  ? -1.567  1.765   -0.907  1.00 4.71  ? 5   DT  B N3    1 
ATOM   326 C  C4    . DT  B 1 5  ? -0.828  1.336   -2.038  1.00 4.77  ? 5   DT  B C4    1 
ATOM   327 O  O4    . DT  B 1 5  ? -0.504  0.177   -2.162  1.00 5.39  ? 5   DT  B O4    1 
ATOM   328 C  C5    . DT  B 1 5  ? -0.558  2.398   -2.989  1.00 5.68  ? 5   DT  B C5    1 
ATOM   329 C  C7    . DT  B 1 5  ? 0.323   2.039   -4.186  1.00 6.98  ? 5   DT  B C7    1 
ATOM   330 C  C6    . DT  B 1 5  ? -1.074  3.602   -2.810  1.00 5.37  ? 5   DT  B C6    1 
ATOM   331 P  P     . DA  B 1 6  ? -1.911  9.660   -1.223  1.00 7.23  ? 6   DA  B P     1 
ATOM   332 O  OP1   . DA  B 1 6  ? -2.696  10.905  -1.065  1.00 9.86  ? 6   DA  B OP1   1 
ATOM   333 O  OP2   . DA  B 1 6  ? -0.651  9.696   -1.992  1.00 8.90  ? 6   DA  B OP2   1 
ATOM   334 O  "O5'" . DA  B 1 6  ? -1.527  9.136   0.230   1.00 6.86  ? 6   DA  B "O5'" 1 
ATOM   335 C  "C5'" . DA  B 1 6  ? -2.553  8.893   1.204   1.00 6.80  ? 6   DA  B "C5'" 1 
ATOM   336 C  "C4'" . DA  B 1 6  ? -1.957  8.141   2.346   1.00 6.04  ? 6   DA  B "C4'" 1 
ATOM   337 O  "O4'" . DA  B 1 6  ? -1.533  6.848   1.869   1.00 5.44  ? 6   DA  B "O4'" 1 
ATOM   338 C  "C3'" . DA  B 1 6  ? -0.763  8.778   3.008   1.00 5.52  ? 6   DA  B "C3'" 1 
ATOM   339 O  "O3'" . DA  B 1 6  ? -1.099  8.923   4.442   1.00 5.92  ? 6   DA  B "O3'" 1 
ATOM   340 C  "C2'" . DA  B 1 6  ? 0.388   7.809   2.759   1.00 5.90  ? 6   DA  B "C2'" 1 
ATOM   341 C  "C1'" . DA  B 1 6  ? -0.330  6.467   2.547   1.00 5.60  ? 6   DA  B "C1'" 1 
ATOM   342 N  N9    . DA  B 1 6  ? 0.378   5.567   1.675   1.00 5.22  ? 6   DA  B N9    1 
ATOM   343 C  C8    . DA  B 1 6  ? 0.892   5.862   0.444   1.00 5.61  ? 6   DA  B C8    1 
ATOM   344 N  N7    . DA  B 1 6  ? 1.330   4.829   -0.212  1.00 5.06  ? 6   DA  B N7    1 
ATOM   345 C  C5    . DA  B 1 6  ? 1.102   3.755   0.651   1.00 5.00  ? 6   DA  B C5    1 
ATOM   346 C  C6    . DA  B 1 6  ? 1.368   2.385   0.526   1.00 4.53  ? 6   DA  B C6    1 
ATOM   347 N  N6    . DA  B 1 6  ? 1.928   1.849   -0.565  1.00 5.19  ? 6   DA  B N6    1 
ATOM   348 N  N1    . DA  B 1 6  ? 1.044   1.588   1.568   1.00 5.09  ? 6   DA  B N1    1 
ATOM   349 C  C2    . DA  B 1 6  ? 0.468   2.155   2.671   1.00 4.86  ? 6   DA  B C2    1 
ATOM   350 N  N3    . DA  B 1 6  ? 0.154   3.433   2.872   1.00 4.86  ? 6   DA  B N3    1 
ATOM   351 C  C4    . DA  B 1 6  ? 0.501   4.191   1.831   1.00 4.69  ? 6   DA  B C4    1 
ATOM   352 P  P     . DC  B 1 7  ? -0.059  9.540   5.478   1.00 5.65  ? 7   DC  B P     1 
ATOM   353 O  OP1   . DC  B 1 7  ? -0.896  10.032  6.618   1.00 6.25  ? 7   DC  B OP1   1 
ATOM   354 O  OP2   . DC  B 1 7  ? 0.917   10.478  4.817   1.00 5.94  ? 7   DC  B OP2   1 
ATOM   355 O  "O5'" . DC  B 1 7  ? 0.836   8.313   5.931   1.00 5.34  ? 7   DC  B "O5'" 1 
ATOM   356 C  "C5'" . DC  B 1 7  ? 0.176   7.160   6.586   1.00 5.60  ? 7   DC  B "C5'" 1 
ATOM   357 C  "C4'" . DC  B 1 7  ? 1.197   6.085   6.795   1.00 5.42  ? 7   DC  B "C4'" 1 
ATOM   358 O  "O4'" . DC  B 1 7  ? 1.579   5.554   5.481   1.00 4.91  ? 7   DC  B "O4'" 1 
ATOM   359 C  "C3'" . DC  B 1 7  ? 2.509   6.561   7.449   1.00 5.70  ? 7   DC  B "C3'" 1 
ATOM   360 O  "O3'" . DC  B 1 7  ? 2.574   5.795   8.689   1.00 6.64  ? 7   DC  B "O3'" 1 
ATOM   361 C  "C2'" . DC  B 1 7  ? 3.602   6.152   6.442   1.00 5.04  ? 7   DC  B "C2'" 1 
ATOM   362 C  "C1'" . DC  B 1 7  ? 2.921   5.094   5.629   1.00 4.89  ? 7   DC  B "C1'" 1 
ATOM   363 N  N1    . DC  B 1 7  ? 3.435   4.868   4.279   1.00 4.46  ? 7   DC  B N1    1 
ATOM   364 C  C2    . DC  B 1 7  ? 3.679   3.564   3.829   1.00 4.75  ? 7   DC  B C2    1 
ATOM   365 O  O2    . DC  B 1 7  ? 3.580   2.618   4.607   1.00 5.01  ? 7   DC  B O2    1 
ATOM   366 N  N3    . DC  B 1 7  ? 4.086   3.395   2.536   1.00 4.76  ? 7   DC  B N3    1 
ATOM   367 C  C4    . DC  B 1 7  ? 4.161   4.448   1.696   1.00 4.37  ? 7   DC  B C4    1 
ATOM   368 N  N4    . DC  B 1 7  ? 4.547   4.212   0.453   1.00 5.20  ? 7   DC  B N4    1 
ATOM   369 C  C5    . DC  B 1 7  ? 3.897   5.792   2.143   1.00 4.88  ? 7   DC  B C5    1 
ATOM   370 C  C6    . DC  B 1 7  ? 3.521   5.945   3.429   1.00 4.95  ? 7   DC  B C6    1 
ATOM   371 P  P     . DT  B 1 8  ? 3.660   6.058   9.802   1.00 7.51  ? 8   DT  B P     1 
ATOM   372 O  OP1   . DT  B 1 8  ? 3.160   5.460   11.048  1.00 10.53 ? 8   DT  B OP1   1 
ATOM   373 O  OP2   . DT  B 1 8  ? 4.032   7.526   9.783   1.00 9.72  ? 8   DT  B OP2   1 
ATOM   374 O  "O5'" . DT  B 1 8  ? 4.991   5.303   9.284   1.00 6.55  ? 8   DT  B "O5'" 1 
ATOM   375 C  "C5'" . DT  B 1 8  ? 4.957   3.884   9.189   1.00 6.89  ? 8   DT  B "C5'" 1 
ATOM   376 C  "C4'" . DT  B 1 8  ? 6.120   3.415   8.412   1.00 6.13  ? 8   DT  B "C4'" 1 
ATOM   377 O  "O4'" . DT  B 1 8  ? 5.949   3.735   7.026   1.00 5.67  ? 8   DT  B "O4'" 1 
ATOM   378 C  "C3'" . DT  B 1 8  ? 7.471   4.000   8.790   1.00 6.65  ? 8   DT  B "C3'" 1 
ATOM   379 O  "O3'" . DT  B 1 8  ? 7.950   3.165   9.872   1.00 9.16  ? 8   DT  B "O3'" 1 
ATOM   380 C  "C2'" . DT  B 1 8  ? 8.273   3.923   7.483   1.00 6.61  ? 8   DT  B "C2'" 1 
ATOM   381 C  "C1'" . DT  B 1 8  ? 7.234   3.445   6.439   1.00 5.64  ? 8   DT  B "C1'" 1 
ATOM   382 N  N1    . DT  B 1 8  ? 7.273   4.144   5.149   1.00 5.34  ? 8   DT  B N1    1 
ATOM   383 C  C2    . DT  B 1 8  ? 7.432   3.422   4.014   1.00 5.52  ? 8   DT  B C2    1 
ATOM   384 O  O2    . DT  B 1 8  ? 7.579   2.202   3.994   1.00 5.98  ? 8   DT  B O2    1 
ATOM   385 N  N3    . DT  B 1 8  ? 7.489   4.180   2.852   1.00 5.17  ? 8   DT  B N3    1 
ATOM   386 C  C4    . DT  B 1 8  ? 7.297   5.527   2.733   1.00 5.42  ? 8   DT  B C4    1 
ATOM   387 O  O4    . DT  B 1 8  ? 7.321   6.030   1.610   1.00 5.67  ? 8   DT  B O4    1 
ATOM   388 C  C5    . DT  B 1 8  ? 7.103   6.225   3.972   1.00 5.62  ? 8   DT  B C5    1 
ATOM   389 C  C7    . DT  B 1 8  ? 6.874   7.708   3.911   1.00 6.92  ? 8   DT  B C7    1 
ATOM   390 C  C6    . DT  B 1 8  ? 7.094   5.516   5.104   1.00 5.58  ? 8   DT  B C6    1 
ATOM   391 P  P     A DG  B 1 9  ? 9.348   3.018   10.549  0.50 8.76  ? 9   DG  B P     1 
ATOM   392 P  P     B DG  B 1 9  ? 9.491   3.569   10.359  0.50 9.45  ? 9   DG  B P     1 
ATOM   393 O  OP1   A DG  B 1 9  ? 9.207   2.338   11.812  0.50 10.69 ? 9   DG  B OP1   1 
ATOM   394 O  OP1   B DG  B 1 9  ? 9.487   3.191   11.758  0.50 13.92 ? 9   DG  B OP1   1 
ATOM   395 O  OP2   A DG  B 1 9  ? 9.898   4.417   10.545  0.50 11.26 ? 9   DG  B OP2   1 
ATOM   396 O  OP2   B DG  B 1 9  ? 10.007  4.896   10.015  0.50 11.04 ? 9   DG  B OP2   1 
ATOM   397 O  "O5'" A DG  B 1 9  ? 10.218  2.136   9.586   0.50 7.10  ? 9   DG  B "O5'" 1 
ATOM   398 O  "O5'" B DG  B 1 9  ? 10.456  2.593   9.501   0.50 7.21  ? 9   DG  B "O5'" 1 
ATOM   399 C  "C5'" A DG  B 1 9  ? 9.897   0.776   9.408   0.50 8.04  ? 9   DG  B "C5'" 1 
ATOM   400 C  "C5'" B DG  B 1 9  ? 10.021  1.194   9.367   0.50 6.89  ? 9   DG  B "C5'" 1 
ATOM   401 C  "C4'" . DG  B 1 9  ? 10.913  0.361   8.377   1.00 7.74  ? 9   DG  B "C4'" 1 
ATOM   402 O  "O4'" . DG  B 1 9  ? 10.734  0.984   7.106   1.00 7.77  ? 9   DG  B "O4'" 1 
ATOM   403 C  "C3'" . DG  B 1 9  ? 12.375  0.472   8.766   1.00 9.08  ? 9   DG  B "C3'" 1 
ATOM   404 O  "O3'" A DG  B 1 9  ? 13.066  -0.564  8.387   0.50 12.02 ? 9   DG  B "O3'" 1 
ATOM   405 O  "O3'" B DG  B 1 9  ? 12.876  -0.972  8.428   0.50 5.92  ? 9   DG  B "O3'" 1 
ATOM   406 C  "C2'" . DG  B 1 9  ? 12.855  1.592   7.872   1.00 8.67  ? 9   DG  B "C2'" 1 
ATOM   407 C  "C1'" . DG  B 1 9  ? 12.002  1.448   6.612   1.00 7.80  ? 9   DG  B "C1'" 1 
ATOM   408 N  N9    . DG  B 1 9  ? 11.767  2.633   5.854   1.00 6.96  ? 9   DG  B N9    1 
ATOM   409 C  C8    . DG  B 1 9  ? 11.457  3.808   6.312   1.00 7.28  ? 9   DG  B C8    1 
ATOM   410 N  N7    . DG  B 1 9  ? 11.107  4.719   5.420   1.00 7.53  ? 9   DG  B N7    1 
ATOM   411 C  C5    . DG  B 1 9  ? 11.191  3.975   4.247   1.00 6.73  ? 9   DG  B C5    1 
ATOM   412 C  C6    . DG  B 1 9  ? 10.981  4.356   2.891   1.00 6.68  ? 9   DG  B C6    1 
ATOM   413 O  O6    . DG  B 1 9  ? 10.607  5.456   2.423   1.00 6.77  ? 9   DG  B O6    1 
ATOM   414 N  N1    . DG  B 1 9  ? 11.219  3.298   2.039   1.00 6.13  ? 9   DG  B N1    1 
ATOM   415 C  C2    . DG  B 1 9  ? 11.628  2.051   2.401   1.00 6.06  ? 9   DG  B C2    1 
ATOM   416 N  N2    . DG  B 1 9  ? 11.788  1.143   1.451   1.00 7.03  ? 9   DG  B N2    1 
ATOM   417 N  N3    . DG  B 1 9  ? 11.810  1.712   3.665   1.00 6.58  ? 9   DG  B N3    1 
ATOM   418 C  C4    . DG  B 1 9  ? 11.600  2.701   4.496   1.00 6.51  ? 9   DG  B C4    1 
ATOM   419 P  P     A DG  B 1 10 ? 14.647  -0.801  8.768   0.50 12.28 ? 10  DG  B P     1 
ATOM   420 P  P     B DG  B 1 10 ? 14.389  -1.352  8.691   0.50 7.71  ? 10  DG  B P     1 
ATOM   421 O  OP1   A DG  B 1 10 ? 14.751  -2.203  9.268   0.50 15.95 ? 10  DG  B OP1   1 
ATOM   422 O  OP1   B DG  B 1 10 ? 14.390  -2.798  9.014   0.50 9.02  ? 10  DG  B OP1   1 
ATOM   423 O  OP2   A DG  B 1 10 ? 15.217  0.380   9.558   0.50 15.75 ? 10  DG  B OP2   1 
ATOM   424 O  OP2   B DG  B 1 10 ? 15.056  -0.383  9.672   0.50 7.38  ? 10  DG  B OP2   1 
ATOM   425 O  "O5'" A DG  B 1 10 ? 15.336  -0.675  7.324   0.50 8.31  ? 10  DG  B "O5'" 1 
ATOM   426 O  "O5'" B DG  B 1 10 ? 15.134  -1.130  7.304   0.50 6.47  ? 10  DG  B "O5'" 1 
ATOM   427 C  "C5'" A DG  B 1 10 ? 15.054  -1.596  6.309   0.50 6.89  ? 10  DG  B "C5'" 1 
ATOM   428 C  "C5'" B DG  B 1 10 ? 14.814  -2.099  6.236   0.50 5.69  ? 10  DG  B "C5'" 1 
ATOM   429 C  "C4'" . DG  B 1 10 ? 15.660  -1.467  5.028   1.00 6.28  ? 10  DG  B "C4'" 1 
ATOM   430 O  "O4'" . DG  B 1 10 ? 15.075  -0.263  4.494   1.00 6.44  ? 10  DG  B "O4'" 1 
ATOM   431 C  "C3'" . DG  B 1 10 ? 17.141  -1.172  5.244   1.00 6.01  ? 10  DG  B "C3'" 1 
ATOM   432 O  "O3'" . DG  B 1 10 ? 17.871  -1.674  4.103   1.00 6.12  ? 10  DG  B "O3'" 1 
ATOM   433 C  "C2'" . DG  B 1 10 ? 17.186  0.359   5.264   1.00 5.47  ? 10  DG  B "C2'" 1 
ATOM   434 C  "C1'" . DG  B 1 10 ? 16.107  0.661   4.254   1.00 5.46  ? 10  DG  B "C1'" 1 
ATOM   435 N  N9    . DG  B 1 10 ? 15.555  2.027   4.336   1.00 4.88  ? 10  DG  B N9    1 
ATOM   436 C  C8    . DG  B 1 10 ? 15.312  2.772   5.440   1.00 5.58  ? 10  DG  B C8    1 
ATOM   437 N  N7    . DG  B 1 10 ? 14.814  3.956   5.158   1.00 5.23  ? 10  DG  B N7    1 
ATOM   438 C  C5    . DG  B 1 10 ? 14.719  3.968   3.765   1.00 4.48  ? 10  DG  B C5    1 
ATOM   439 C  C6    . DG  B 1 10 ? 14.332  4.975   2.874   1.00 4.52  ? 10  DG  B C6    1 
ATOM   440 O  O6    . DG  B 1 10 ? 13.902  6.116   3.123   1.00 5.42  ? 10  DG  B O6    1 
ATOM   441 N  N1    . DG  B 1 10 ? 14.437  4.592   1.539   1.00 4.63  ? 10  DG  B N1    1 
ATOM   442 C  C2    . DG  B 1 10 ? 14.874  3.359   1.125   1.00 5.18  ? 10  DG  B C2    1 
ATOM   443 N  N2    . DG  B 1 10 ? 14.947  3.155   -0.209  1.00 6.26  ? 10  DG  B N2    1 
ATOM   444 N  N3    . DG  B 1 10 ? 15.254  2.389   1.962   1.00 5.33  ? 10  DG  B N3    1 
ATOM   445 C  C4    . DG  B 1 10 ? 15.167  2.768   3.278   1.00 4.65  ? 10  DG  B C4    1 
HETATM 446 CA CA    . CA  C 2 .  ? 5.438   5.852   -5.472  1.00 7.43  ? 302 CA  A CA    1 
HETATM 447 CA CA    A CA  D 2 .  ? -10.741 -3.055  10.753  0.50 19.12 ? 300 CA  A CA    1 
HETATM 448 CA CA    B CA  E 2 .  ? -10.020 -3.870  10.201  0.50 6.45  ? 301 CA  A CA    1 
HETATM 449 C  C     . 1P2 F 3 .  ? 7.980   -0.845  6.371   1.00 6.63  ? 500 1P2 B C     1 
HETATM 450 N  N     . 1P2 F 3 .  ? 8.234   -0.402  5.109   1.00 6.33  ? 500 1P2 B N     1 
HETATM 451 O  O     . 1P2 F 3 .  ? 8.770   -1.638  6.933   1.00 7.74  ? 500 1P2 B O     1 
HETATM 452 C  C1    . 1P2 F 3 .  ? 4.718   0.475   7.354   1.00 5.72  ? 500 1P2 B C1    1 
HETATM 453 N  N1    . 1P2 F 3 .  ? 6.296   -0.826  8.185   1.00 6.78  ? 500 1P2 B N1    1 
HETATM 454 O  O1    . 1P2 F 3 .  ? 2.617   0.761   9.202   1.00 7.48  ? 500 1P2 B O1    1 
HETATM 455 C  C2    . 1P2 F 3 .  ? 5.743   0.435   6.449   1.00 5.42  ? 500 1P2 B C2    1 
HETATM 456 N  N2    . 1P2 F 3 .  ? 3.513   1.215   7.163   1.00 5.64  ? 500 1P2 B N2    1 
HETATM 457 O  O2    . 1P2 F 3 .  ? -2.494  4.813   7.096   1.00 7.06  ? 500 1P2 B O2    1 
HETATM 458 C  C3    . 1P2 F 3 .  ? 5.072   -0.285  8.431   1.00 6.49  ? 500 1P2 B C3    1 
HETATM 459 N  N3    . 1P2 F 3 .  ? 0.349   2.331   8.592   1.00 7.54  ? 500 1P2 B N3    1 
HETATM 460 O  O3    . 1P2 F 3 .  ? -6.079  6.842   1.693   1.00 8.85  ? 500 1P2 B O3    1 
HETATM 461 C  C4    . 1P2 F 3 .  ? 6.941   -1.738  9.140   1.00 9.44  ? 500 1P2 B C4    1 
HETATM 462 N  N4    . 1P2 F 3 .  ? -1.148  3.679   5.658   1.00 5.63  ? 500 1P2 B N4    1 
HETATM 463 O  O4    . 1P2 F 3 .  ? -7.950  4.736   -4.494  1.00 8.31  ? 500 1P2 B O4    1 
HETATM 464 C  C5    . 1P2 F 3 .  ? 6.738   -0.375  6.956   1.00 6.14  ? 500 1P2 B C5    1 
HETATM 465 N  N5    . 1P2 F 3 .  ? -3.801  6.154   4.921   1.00 7.79  ? 500 1P2 B N5    1 
HETATM 466 O  O5    . 1P2 F 3 .  ? -10.316 3.314   -2.997  1.00 8.14  ? 500 1P2 B O5    1 
HETATM 467 C  C6    . 1P2 F 3 .  ? 2.502   1.304   8.086   1.00 6.01  ? 500 1P2 B C6    1 
HETATM 468 O  O6    . 1P2 F 3 .  ? -7.745  4.352   3.382   1.00 8.45  ? 500 1P2 B O6    1 
HETATM 469 C  C7    . 1P2 F 3 .  ? -0.352  3.104   6.654   1.00 5.22  ? 500 1P2 B C7    1 
HETATM 470 N  N7    . 1P2 F 3 .  ? -4.613  5.139   1.571   1.00 5.52  ? 500 1P2 B N7    1 
HETATM 471 O  O7    . 1P2 F 3 .  ? -3.640  1.304   7.933   1.00 6.11  ? 500 1P2 B O7    1 
HETATM 472 C  C8    . 1P2 F 3 .  ? -0.667  3.005   7.964   1.00 6.42  ? 500 1P2 B C8    1 
HETATM 473 N  N8    . 1P2 F 3 .  ? -6.734  6.537   -1.001  1.00 6.84  ? 500 1P2 B N8    1 
HETATM 474 O  O8    . 1P2 F 3 .  ? 1.879   -2.645  8.669   1.00 7.68  ? 500 1P2 B O8    1 
HETATM 475 C  C9    . 1P2 F 3 .  ? 0.348   2.039   10.029  1.00 11.51 ? 500 1P2 B C9    1 
HETATM 476 N  N9    . 1P2 F 3 .  ? -5.746  4.518   -1.025  1.00 5.43  ? 500 1P2 B N9    1 
HETATM 477 O  O9    . 1P2 F 3 .  ? 7.716   -4.144  5.458   1.00 7.75  ? 500 1P2 B O9    1 
HETATM 478 C  C10   . 1P2 F 3 .  ? 1.312   2.036   7.691   1.00 5.76  ? 500 1P2 B C10   1 
HETATM 479 N  N10   . 1P2 F 3 .  ? -6.375  3.727   -3.177  1.00 5.99  ? 500 1P2 B N10   1 
HETATM 480 C  C11   . 1P2 F 3 .  ? 0.885   2.471   6.452   1.00 5.24  ? 500 1P2 B C11   1 
HETATM 481 N  N11   . 1P2 F 3 .  ? 10.541  -2.515  3.030   1.00 7.18  ? 500 1P2 B N11   1 
HETATM 482 C  C12   . 1P2 F 3 .  ? -2.177  4.510   5.935   1.00 5.87  ? 500 1P2 B C12   1 
HETATM 483 N  N12   . 1P2 F 3 .  ? -8.913  1.522   -2.917  1.00 6.24  ? 500 1P2 B N12   1 
HETATM 484 C  C13   . 1P2 F 3 .  ? -4.126  5.294   2.908   1.00 6.13  ? 500 1P2 B C13   1 
HETATM 485 N  N13   . 1P2 F 3 .  ? -9.471  4.043   -0.319  1.00 6.55  ? 500 1P2 B N13   1 
HETATM 486 C  C14   . 1P2 F 3 .  ? -4.522  6.289   3.767   1.00 8.17  ? 500 1P2 B C14   1 
HETATM 487 N  N14   . 1P2 F 3 .  ? -7.214  2.593   2.063   1.00 5.52  ? 500 1P2 B N14   1 
HETATM 488 C  C15   . 1P2 F 3 .  ? -3.917  7.049   6.060   1.00 9.45  ? 500 1P2 B C15   1 
HETATM 489 N  N15   . 1P2 F 3 .  ? -6.044  3.413   5.444   1.00 7.62  ? 500 1P2 B N15   1 
HETATM 490 C  C16   . 1P2 F 3 .  ? -2.961  5.023   4.784   1.00 6.21  ? 500 1P2 B C16   1 
HETATM 491 N  N16   . 1P2 F 3 .  ? -3.457  0.929   5.706   1.00 5.09  ? 500 1P2 B N16   1 
HETATM 492 C  C17   . 1P2 F 3 .  ? -5.559  5.901   1.079   1.00 6.49  ? 500 1P2 B C17   1 
HETATM 493 N  N17   . 1P2 F 3 .  ? -1.639  -0.603  8.451   1.00 6.67  ? 500 1P2 B N17   1 
HETATM 494 C  C18   . 1P2 F 3 .  ? -5.988  5.667   -0.336  1.00 5.99  ? 500 1P2 B C18   1 
HETATM 495 C  C19   . 1P2 F 3 .  ? -6.389  4.766   -2.214  1.00 5.86  ? 500 1P2 B C19   1 
HETATM 496 N  N19   . 1P2 F 3 .  ? 1.311   -1.695  6.703   1.00 5.14  ? 500 1P2 B N19   1 
HETATM 497 C  C20   . 1P2 F 3 .  ? -7.028  5.943   -2.195  1.00 7.03  ? 500 1P2 B C20   1 
HETATM 498 N  N20   . 1P2 F 3 .  ? 4.156   -3.820  7.522   1.00 7.13  ? 500 1P2 B N20   1 
HETATM 499 C  C21   . 1P2 F 3 .  ? -7.253  7.848   -0.566  1.00 10.16 ? 500 1P2 B C21   1 
HETATM 500 N  N21   . 1P2 F 3 .  ? 3.965   -2.454  5.770   1.00 4.96  ? 500 1P2 B N21   1 
HETATM 501 C  C22   . 1P2 F 3 .  ? -7.228  3.761   -4.244  1.00 6.77  ? 500 1P2 B C22   1 
HETATM 502 N  N22   . 1P2 F 3 .  ? 6.001   -2.898  4.649   1.00 5.25  ? 500 1P2 B N22   1 
HETATM 503 C  C23   . 1P2 F 3 .  ? 8.149   -2.847  3.500   1.00 6.47  ? 500 1P2 B C23   1 
HETATM 504 N  N23   . 1P2 F 3 .  ? -8.761  1.401   -6.699  1.00 8.68  ? 500 1P2 B N23   1 
HETATM 505 C  C24   . 1P2 F 3 .  ? 9.492   -2.284  4.064   1.00 6.13  ? 500 1P2 B C24   1 
HETATM 506 C  C25   . 1P2 F 3 .  ? 9.456   -0.818  4.405   1.00 6.55  ? 500 1P2 B C25   1 
HETATM 507 C  C26   . 1P2 F 3 .  ? -9.511  2.602   -2.370  1.00 6.54  ? 500 1P2 B C26   1 
HETATM 508 C  C27   . 1P2 F 3 .  ? -8.059  2.957   1.021   1.00 5.89  ? 500 1P2 B C27   1 
HETATM 509 C  C28   . 1P2 F 3 .  ? -8.193  2.230   -0.178  1.00 5.85  ? 500 1P2 B C28   1 
HETATM 510 C  C29   . 1P2 F 3 .  ? -8.870  4.097   0.899   1.00 6.29  ? 500 1P2 B C29   1 
HETATM 511 C  C30   . 1P2 F 3 .  ? -10.370 5.128   -0.768  1.00 8.42  ? 500 1P2 B C30   1 
HETATM 512 C  C31   . 1P2 F 3 .  ? -9.082  2.901   -0.980  1.00 5.93  ? 500 1P2 B C31   1 
HETATM 513 C  C32   . 1P2 F 3 .  ? -7.091  3.300   3.189   1.00 6.50  ? 500 1P2 B C32   1 
HETATM 514 C  C33   . 1P2 F 3 .  ? -5.144  1.839   4.101   1.00 5.24  ? 500 1P2 B C33   1 
HETATM 515 C  C34   . 1P2 F 3 .  ? -4.523  1.769   5.376   1.00 5.40  ? 500 1P2 B C34   1 
HETATM 516 C  C35   . 1P2 F 3 .  ? -5.070  2.780   6.159   1.00 7.31  ? 500 1P2 B C35   1 
HETATM 517 C  C36   . 1P2 F 3 .  ? -6.868  4.499   5.996   1.00 10.06 ? 500 1P2 B C36   1 
HETATM 518 C  C37   . 1P2 F 3 .  ? -6.141  2.825   4.213   1.00 6.80  ? 500 1P2 B C37   1 
HETATM 519 C  C38   . 1P2 F 3 .  ? -3.056  0.757   6.976   1.00 4.91  ? 500 1P2 B C38   1 
HETATM 520 C  C39   . 1P2 F 3 .  ? 0.097   -1.149  7.169   1.00 5.44  ? 500 1P2 B C39   1 
HETATM 521 C  C40   . 1P2 F 3 .  ? -0.404  -1.234  8.440   1.00 6.70  ? 500 1P2 B C40   1 
HETATM 522 C  C41   . 1P2 F 3 .  ? -2.464  -0.585  9.636   1.00 9.71  ? 500 1P2 B C41   1 
HETATM 523 C  C42   . 1P2 F 3 .  ? -1.883  -0.096  7.212   1.00 5.02  ? 500 1P2 B C42   1 
HETATM 524 C  C43   . 1P2 F 3 .  ? 2.131   -2.394  7.500   1.00 5.62  ? 500 1P2 B C43   1 
HETATM 525 C  C44   . 1P2 F 3 .  ? 3.400   -2.896  6.909   1.00 5.54  ? 500 1P2 B C44   1 
HETATM 526 C  C45   . 1P2 F 3 .  ? 5.123   -3.172  5.708   1.00 5.45  ? 500 1P2 B C45   1 
HETATM 527 C  C46   . 1P2 F 3 .  ? 5.288   -4.020  6.764   1.00 6.82  ? 500 1P2 B C46   1 
HETATM 528 C  C47   . 1P2 F 3 .  ? 3.893   -4.570  8.742   1.00 10.27 ? 500 1P2 B C47   1 
HETATM 529 C  C48   . 1P2 F 3 .  ? 7.288   -3.370  4.619   1.00 6.24  ? 500 1P2 B C48   1 
HETATM 530 C  C49   . 1P2 F 3 .  ? -7.253  2.512   -5.099  1.00 6.68  ? 500 1P2 B C49   1 
HETATM 531 C  C50   . 1P2 F 3 .  ? -8.680  2.052   -5.346  1.00 6.69  ? 500 1P2 B C50   1 
HETATM 532 C  C51   . 1P2 F 3 .  ? -9.228  1.144   -4.284  1.00 7.10  ? 500 1P2 B C51   1 
HETATM 533 C  C60   . 1P2 F 3 .  ? -3.124  4.543   3.504   1.00 5.59  ? 500 1P2 B C60   1 
HETATM 534 C  C61   . 1P2 F 3 .  ? -0.847  -0.460  6.368   1.00 4.96  ? 500 1P2 B C61   1 
HETATM 535 CA CA    . CA  G 2 .  ? -3.114  -12.284 -10.665 0.50 19.91 ? 303 CA  B CA    1 
HETATM 536 O  O     . HOH H 4 .  ? -5.403  -7.726  7.977   1.00 6.77  ? 13  HOH A O     1 
HETATM 537 O  O     . HOH H 4 .  ? -2.959  -7.430  3.872   1.00 9.86  ? 14  HOH A O     1 
HETATM 538 O  O     . HOH H 4 .  ? -4.226  -6.847  0.182   1.00 14.53 ? 15  HOH A O     1 
HETATM 539 O  O     A HOH H 4 .  ? -6.324  -8.343  1.464   0.50 5.26  ? 16  HOH A O     1 
HETATM 540 O  O     . HOH H 4 .  ? -8.294  -7.914  -0.515  1.00 7.43  ? 18  HOH A O     1 
HETATM 541 O  O     B HOH H 4 .  ? -7.286  -7.587  3.943   0.50 3.99  ? 20  HOH A O     1 
HETATM 542 O  O     . HOH H 4 .  ? -10.029 -4.538  5.600   1.00 8.96  ? 22  HOH A O     1 
HETATM 543 O  O     . HOH H 4 .  ? -7.374  -5.196  5.283   1.00 6.77  ? 23  HOH A O     1 
HETATM 544 O  O     A HOH H 4 .  ? -12.800 -5.391  2.351   0.50 7.31  ? 24  HOH A O     1 
HETATM 545 O  O     B HOH H 4 .  ? -12.575 -4.720  2.381   0.50 21.15 ? 25  HOH A O     1 
HETATM 546 O  O     . HOH H 4 .  ? -11.831 -5.950  -0.159  1.00 7.69  ? 26  HOH A O     1 
HETATM 547 O  O     . HOH H 4 .  ? -9.711  -4.202  12.490  1.00 9.76  ? 32  HOH A O     1 
HETATM 548 O  O     . HOH H 4 .  ? -8.490  -2.277  9.873   1.00 9.21  ? 34  HOH A O     1 
HETATM 549 O  O     . HOH H 4 .  ? 2.001   -7.721  9.331   1.00 11.03 ? 35  HOH A O     1 
HETATM 550 O  O     . HOH H 4 .  ? 7.860   0.187   -6.756  1.00 10.92 ? 38  HOH A O     1 
HETATM 551 O  O     . HOH H 4 .  ? -8.309  -5.674  10.005  1.00 10.88 ? 41  HOH A O     1 
HETATM 552 O  O     . HOH H 4 .  ? -18.354 4.918   -7.750  1.00 11.34 ? 46  HOH A O     1 
HETATM 553 O  O     . HOH H 4 .  ? 13.641  -0.296  -1.354  1.00 11.21 ? 48  HOH A O     1 
HETATM 554 O  O     A HOH H 4 .  ? -0.639  -6.202  0.496   0.50 12.24 ? 49  HOH A O     1 
HETATM 555 O  O     B HOH H 4 .  ? -0.941  -5.300  -0.404  0.50 10.88 ? 50  HOH A O     1 
HETATM 556 O  O     . HOH H 4 .  ? -8.549  0.281   9.066   1.00 15.97 ? 51  HOH A O     1 
HETATM 557 O  O     . HOH H 4 .  ? 12.236  -2.542  -0.331  1.00 17.65 ? 52  HOH A O     1 
HETATM 558 O  O     . HOH H 4 .  ? 11.977  3.019   -10.286 1.00 19.97 ? 58  HOH A O     1 
HETATM 559 O  O     . HOH H 4 .  ? 5.054   -3.157  -5.285  1.00 12.16 ? 59  HOH A O     1 
HETATM 560 O  O     . HOH H 4 .  ? 15.451  5.344   -9.830  1.00 21.98 ? 60  HOH A O     1 
HETATM 561 O  O     . HOH H 4 .  ? 18.099  6.762   -5.011  1.00 23.23 ? 61  HOH A O     1 
HETATM 562 O  O     A HOH H 4 .  ? -15.838 -6.147  -2.011  0.50 6.05  ? 62  HOH A O     1 
HETATM 563 O  O     B HOH H 4 .  ? -14.410 -4.935  -0.679  0.50 16.86 ? 63  HOH A O     1 
HETATM 564 O  O     . HOH H 4 .  ? 1.344   -10.109 4.010   1.00 18.54 ? 66  HOH A O     1 
HETATM 565 O  O     . HOH H 4 .  ? 4.326   -8.626  7.727   1.00 33.52 ? 70  HOH A O     1 
HETATM 566 O  O     A HOH H 4 .  ? -10.724 -3.268  8.003   0.50 13.76 ? 73  HOH A O     1 
HETATM 567 O  O     B HOH H 4 .  ? -10.403 -4.603  8.553   0.50 20.05 ? 74  HOH A O     1 
HETATM 568 O  O     . HOH H 4 .  ? -16.810 -0.867  -0.543  1.00 25.47 ? 75  HOH A O     1 
HETATM 569 O  O     A HOH H 4 .  ? 12.952  -4.771  -1.929  0.50 18.70 ? 76  HOH A O     1 
HETATM 570 O  O     B HOH H 4 .  ? 11.406  -6.611  -2.805  0.50 21.47 ? 77  HOH A O     1 
HETATM 571 O  O     . HOH H 4 .  ? 12.010  7.112   -11.059 1.00 38.83 ? 81  HOH A O     1 
HETATM 572 O  O     . HOH H 4 .  ? 14.254  1.199   -9.832  1.00 25.93 ? 82  HOH A O     1 
HETATM 573 O  O     . HOH H 4 .  ? 8.665   6.673   -8.978  1.00 25.38 ? 88  HOH A O     1 
HETATM 574 O  O     . HOH H 4 .  ? 4.318   -5.936  -3.020  1.00 28.78 ? 89  HOH A O     1 
HETATM 575 O  O     . HOH H 4 .  ? 1.556   -7.082  0.526   1.00 33.45 ? 90  HOH A O     1 
HETATM 576 O  O     . HOH H 4 .  ? 15.088  -2.010  -5.842  1.00 31.73 ? 93  HOH A O     1 
HETATM 577 O  O     . HOH H 4 .  ? -2.772  -10.944 3.056   1.00 42.59 ? 94  HOH A O     1 
HETATM 578 O  O     . HOH H 4 .  ? -9.507  3.604   8.374   1.00 26.57 ? 96  HOH A O     1 
HETATM 579 O  O     . HOH H 4 .  ? 17.500  10.160  -4.965  1.00 25.72 ? 99  HOH A O     1 
HETATM 580 O  O     . HOH H 4 .  ? 14.869  11.455  -3.545  1.00 15.44 ? 100 HOH A O     1 
HETATM 581 O  O     . HOH H 4 .  ? -18.272 1.945   -1.602  1.00 16.59 ? 104 HOH A O     1 
HETATM 582 O  O     . HOH H 4 .  ? -19.109 -4.001  -4.678  1.00 32.93 ? 105 HOH A O     1 
HETATM 583 O  O     . HOH H 4 .  ? -17.209 -4.527  -7.620  1.00 30.11 ? 109 HOH A O     1 
HETATM 584 O  O     . HOH H 4 .  ? -16.798 4.901   -9.951  1.00 26.53 ? 110 HOH A O     1 
HETATM 585 O  O     . HOH H 4 .  ? -15.452 -8.172  -3.707  1.00 34.29 ? 113 HOH A O     1 
HETATM 586 O  O     . HOH H 4 .  ? -14.001 4.971   -9.405  1.00 46.56 ? 117 HOH A O     1 
HETATM 587 O  O     . HOH H 4 .  ? -13.975 1.832   -11.580 1.00 43.31 ? 118 HOH A O     1 
HETATM 588 O  O     . HOH H 4 .  ? -14.372 -3.767  5.916   1.00 35.70 ? 119 HOH A O     1 
HETATM 589 O  O     A HOH H 4 .  ? 12.323  -6.462  -6.693  0.50 14.90 ? 121 HOH A O     1 
HETATM 590 O  O     B HOH H 4 .  ? 13.548  -4.444  -6.436  0.50 26.75 ? 122 HOH A O     1 
HETATM 591 O  O     . HOH H 4 .  ? 4.071   2.654   -2.757  1.00 7.67  ? 123 HOH A O     1 
HETATM 592 O  O     . HOH H 4 .  ? 5.398   7.884   -4.143  1.00 9.45  ? 124 HOH A O     1 
HETATM 593 O  O     . HOH H 4 .  ? 4.340   -1.000  -3.725  1.00 10.61 ? 126 HOH A O     1 
HETATM 594 O  O     . HOH H 4 .  ? 4.228   1.420   -5.286  1.00 11.19 ? 128 HOH A O     1 
HETATM 595 O  O     . HOH H 4 .  ? -11.437 -5.657  10.374  1.00 21.35 ? 133 HOH A O     1 
HETATM 596 O  O     . HOH H 4 .  ? -11.437 -2.616  4.015   1.00 17.88 ? 135 HOH A O     1 
HETATM 597 O  O     . HOH H 4 .  ? -17.405 8.524   -5.996  1.00 17.45 ? 136 HOH A O     1 
HETATM 598 O  O     . HOH H 4 .  ? 16.434  0.815   -7.553  1.00 30.36 ? 141 HOH A O     1 
HETATM 599 O  O     B HOH H 4 .  ? 16.707  12.308  -7.525  0.50 17.56 ? 147 HOH A O     1 
HETATM 600 O  O     . HOH H 4 .  ? -15.767 -6.520  -7.007  1.00 49.11 ? 149 HOH A O     1 
HETATM 601 O  O     . HOH H 4 .  ? 7.780   -8.526  4.983   1.00 33.85 ? 152 HOH A O     1 
HETATM 602 O  O     . HOH H 4 .  ? 3.843   -10.339 5.107   1.00 30.74 ? 153 HOH A O     1 
HETATM 603 O  O     . HOH H 4 .  ? -11.473 0.518   -6.808  1.00 16.50 ? 160 HOH A O     1 
HETATM 604 O  O     A HOH H 4 .  ? -11.855 -3.412  12.578  0.50 14.19 ? 161 HOH A O     1 
HETATM 605 O  O     B HOH H 4 .  ? -11.391 -2.042  11.013  0.50 14.60 ? 161 HOH A O     1 
HETATM 606 O  O     . HOH H 4 .  ? -17.655 6.428   -4.137  1.00 12.41 ? 162 HOH A O     1 
HETATM 607 O  O     . HOH H 4 .  ? -14.412 5.654   -6.118  1.00 28.66 ? 174 HOH A O     1 
HETATM 608 O  O     . HOH H 4 .  ? 8.944   -8.790  -3.350  1.00 37.77 ? 177 HOH A O     1 
HETATM 609 O  O     . HOH H 4 .  ? 11.184  -4.422  -7.732  1.00 27.44 ? 185 HOH A O     1 
HETATM 610 O  O     . HOH H 4 .  ? -19.698 -1.802  -3.158  1.00 41.98 ? 186 HOH A O     1 
HETATM 611 O  O     . HOH H 4 .  ? 6.499   -7.210  7.439   1.00 27.50 ? 190 HOH A O     1 
HETATM 612 O  O     . HOH H 4 .  ? -2.258  -8.195  1.385   1.00 27.37 ? 191 HOH A O     1 
HETATM 613 O  O     . HOH H 4 .  ? -17.413 -5.975  -3.919  1.00 36.55 ? 192 HOH A O     1 
HETATM 614 O  O     . HOH H 4 .  ? 0.164   -8.785  2.336   1.00 31.74 ? 193 HOH A O     1 
HETATM 615 O  O     . HOH H 4 .  ? -11.907 -1.910  -9.052  1.00 41.92 ? 195 HOH A O     1 
HETATM 616 O  O     . HOH H 4 .  ? 16.422  8.314   -9.149  1.00 32.23 ? 199 HOH A O     1 
HETATM 617 O  O     A HOH H 4 .  ? -17.293 3.349   0.460   0.50 10.60 ? 201 HOH A O     1 
HETATM 618 O  O     . HOH H 4 .  ? 3.215   -7.721  -1.219  1.00 31.77 ? 206 HOH A O     1 
HETATM 619 O  O     . HOH H 4 .  ? 2.162   -10.071 1.540   1.00 36.61 ? 207 HOH A O     1 
HETATM 620 O  O     . HOH H 4 .  ? 6.917   -6.412  -6.550  1.00 39.46 ? 208 HOH A O     1 
HETATM 621 O  O     . HOH H 4 .  ? -13.905 -2.651  12.611  1.00 44.09 ? 211 HOH A O     1 
HETATM 622 O  O     . HOH H 4 .  ? -10.287 -3.953  -9.996  1.00 56.75 ? 215 HOH A O     1 
HETATM 623 O  O     . HOH H 4 .  ? 16.154  2.935   -3.355  0.50 12.19 ? 217 HOH A O     1 
HETATM 624 O  O     . HOH H 4 .  ? -11.900 -0.120  9.305   1.00 20.24 ? 218 HOH A O     1 
HETATM 625 O  O     . HOH H 4 .  ? 16.736  3.358   -6.182  0.50 15.97 ? 219 HOH A O     1 
HETATM 626 O  O     . HOH H 4 .  ? 13.583  -1.446  -9.796  1.00 20.99 ? 220 HOH A O     1 
HETATM 627 O  O     . HOH H 4 .  ? -1.382  -6.430  -2.268  1.00 43.91 ? 222 HOH A O     1 
HETATM 628 O  O     . HOH H 4 .  ? 11.017  -8.390  -1.068  1.00 31.02 ? 223 HOH A O     1 
HETATM 629 O  O     . HOH H 4 .  ? 4.572   -6.012  -7.940  1.00 37.97 ? 226 HOH A O     1 
HETATM 630 O  O     . HOH H 4 .  ? 10.476  -6.058  -5.980  1.00 56.27 ? 227 HOH A O     1 
HETATM 631 O  O     . HOH H 4 .  ? -18.668 2.881   2.645   1.00 42.09 ? 230 HOH A O     1 
HETATM 632 O  O     . HOH H 4 .  ? 5.610   -9.988  -0.861  1.00 46.98 ? 232 HOH A O     1 
HETATM 633 O  O     . HOH H 4 .  ? 2.560   -10.522 -3.268  1.00 53.86 ? 233 HOH A O     1 
HETATM 634 O  O     . HOH H 4 .  ? -11.752 0.846   -9.682  1.00 42.88 ? 235 HOH A O     1 
HETATM 635 O  O     B HOH H 4 .  ? -4.343  -8.796  5.892   0.50 18.52 ? 237 HOH A O     1 
HETATM 636 O  O     . HOH H 4 .  ? -16.785 -3.684  -2.156  1.00 21.15 ? 239 HOH A O     1 
HETATM 637 O  O     . HOH H 4 .  ? -15.476 -4.894  -3.418  1.00 55.58 ? 240 HOH A O     1 
HETATM 638 O  O     . HOH H 4 .  ? 8.251   7.908   -2.147  1.00 21.65 ? 241 HOH A O     1 
HETATM 639 O  O     . HOH H 4 .  ? 13.085  11.167  -4.051  1.00 30.03 ? 242 HOH A O     1 
HETATM 640 O  O     . HOH H 4 .  ? -16.633 -4.087  -0.183  1.00 25.10 ? 243 HOH A O     1 
HETATM 641 O  O     . HOH H 4 .  ? 14.502  -4.313  -3.946  1.00 32.43 ? 244 HOH A O     1 
HETATM 642 O  O     . HOH H 4 .  ? 7.169   7.158   -6.483  1.00 9.48  ? 246 HOH A O     1 
HETATM 643 O  O     . HOH H 4 .  ? 7.155   4.252   -5.180  1.00 9.57  ? 247 HOH A O     1 
HETATM 644 O  O     . HOH H 4 .  ? 9.159   4.336   -6.989  1.00 14.92 ? 248 HOH A O     1 
HETATM 645 O  O     . HOH H 4 .  ? 9.619   2.348   -8.898  1.00 14.01 ? 249 HOH A O     1 
HETATM 646 O  O     . HOH H 4 .  ? -18.494 -0.271  -4.940  1.00 11.58 ? 250 HOH A O     1 
HETATM 647 O  O     . HOH H 4 .  ? -20.566 2.620   -4.873  1.00 9.28  ? 251 HOH A O     1 
HETATM 648 O  O     . HOH H 4 .  ? 3.917   7.253   -6.763  1.00 13.43 ? 252 HOH A O     1 
HETATM 649 O  O     . HOH H 4 .  ? 5.269   5.165   -3.152  1.00 7.88  ? 253 HOH A O     1 
HETATM 650 O  O     B HOH I 4 .  ? 2.263   4.072   -2.650  0.50 15.24 ? 11  HOH B O     1 
HETATM 651 O  O     . HOH I 4 .  ? 4.271   6.741   -1.150  1.00 8.39  ? 12  HOH B O     1 
HETATM 652 O  O     B HOH I 4 .  ? 0.805   11.585  0.134   0.50 19.96 ? 17  HOH B O     1 
HETATM 653 O  O     . HOH I 4 .  ? 3.402   9.199   4.161   1.00 6.88  ? 21  HOH B O     1 
HETATM 654 O  O     A HOH I 4 .  ? 6.388   7.709   7.726   0.50 11.18 ? 27  HOH B O     1 
HETATM 655 O  O     B HOH I 4 .  ? 5.974   8.473   8.334   0.50 11.40 ? 28  HOH B O     1 
HETATM 656 O  O     . HOH I 4 .  ? 15.789  0.108   0.361   1.00 7.33  ? 29  HOH B O     1 
HETATM 657 O  O     . HOH I 4 .  ? 14.459  5.796   7.208   1.00 9.19  ? 30  HOH B O     1 
HETATM 658 O  O     . HOH I 4 .  ? 9.491   -1.949  0.535   1.00 11.93 ? 31  HOH B O     1 
HETATM 659 O  O     . HOH I 4 .  ? 1.480   -1.194  -3.756  1.00 9.94  ? 33  HOH B O     1 
HETATM 660 O  O     . HOH I 4 .  ? 1.705   8.807   -0.860  1.00 10.49 ? 36  HOH B O     1 
HETATM 661 O  O     . HOH I 4 .  ? 0.369   1.723   -7.588  1.00 11.87 ? 37  HOH B O     1 
HETATM 662 O  O     A HOH I 4 .  ? 12.943  -1.318  2.732   0.50 5.81  ? 39  HOH B O     1 
HETATM 663 O  O     B HOH I 4 .  ? 13.051  -1.042  2.905   0.50 11.50 ? 40  HOH B O     1 
HETATM 664 O  O     . HOH I 4 .  ? 16.174  2.012   8.679   1.00 12.96 ? 42  HOH B O     1 
HETATM 665 O  O     . HOH I 4 .  ? -6.035  -12.966 -5.061  1.00 11.12 ? 43  HOH B O     1 
HETATM 666 O  O     . HOH I 4 .  ? -2.691  -8.793  -12.577 1.00 14.79 ? 44  HOH B O     1 
HETATM 667 O  O     . HOH I 4 .  ? -3.937  -14.400 -11.040 1.00 17.63 ? 45  HOH B O     1 
HETATM 668 O  O     . HOH I 4 .  ? -6.450  -0.107  -6.880  1.00 10.90 ? 47  HOH B O     1 
HETATM 669 O  O     . HOH I 4 .  ? 10.763  -5.216  2.456   1.00 16.42 ? 53  HOH B O     1 
HETATM 670 O  O     . HOH I 4 .  ? 0.010   10.372  9.189   1.00 22.38 ? 54  HOH B O     1 
HETATM 671 O  O     . HOH I 4 .  ? -2.279  12.839  -3.068  1.00 17.69 ? 55  HOH B O     1 
HETATM 672 O  O     . HOH I 4 .  ? 9.673   -3.615  8.535   1.00 17.00 ? 56  HOH B O     1 
HETATM 673 O  O     . HOH I 4 .  ? -2.022  -6.185  -9.293  1.00 13.69 ? 57  HOH B O     1 
HETATM 674 O  O     . HOH I 4 .  ? 14.431  -5.004  4.180   1.00 16.71 ? 64  HOH B O     1 
HETATM 675 O  O     . HOH I 4 .  ? -1.662  4.670   12.125  1.00 48.72 ? 65  HOH B O     1 
HETATM 676 O  O     . HOH I 4 .  ? 8.113   -5.767  8.861   1.00 28.12 ? 67  HOH B O     1 
HETATM 677 O  O     A HOH I 4 .  ? -11.581 -13.801 -4.620  0.50 9.30  ? 68  HOH B O     1 
HETATM 678 O  O     B HOH I 4 .  ? -13.683 -12.055 -4.643  0.50 13.32 ? 69  HOH B O     1 
HETATM 679 O  O     . HOH I 4 .  ? -1.393  -4.175  -2.606  1.00 17.51 ? 71  HOH B O     1 
HETATM 680 O  O     . HOH I 4 .  ? -0.537  -2.712  -4.899  1.00 17.90 ? 72  HOH B O     1 
HETATM 681 O  O     . HOH I 4 .  ? 9.932   -2.819  11.049  1.00 34.13 ? 78  HOH B O     1 
HETATM 682 O  O     . HOH I 4 .  ? -3.722  -9.179  -6.197  1.00 24.94 ? 79  HOH B O     1 
HETATM 683 O  O     . HOH I 4 .  ? -1.950  -8.619  -8.070  1.00 20.16 ? 80  HOH B O     1 
HETATM 684 O  O     . HOH I 4 .  ? -7.222  7.915   8.076   1.00 26.81 ? 83  HOH B O     1 
HETATM 685 O  O     . HOH I 4 .  ? -11.955 3.032   -5.622  1.00 21.28 ? 84  HOH B O     1 
HETATM 686 O  O     . HOH I 4 .  ? -1.295  -12.796 -12.070 1.00 27.79 ? 85  HOH B O     1 
HETATM 687 O  O     A HOH I 4 .  ? -3.313  5.482   9.433   0.50 18.37 ? 86  HOH B O     1 
HETATM 688 O  O     B HOH I 4 .  ? -4.510  4.911   9.023   0.50 15.26 ? 87  HOH B O     1 
HETATM 689 O  O     . HOH I 4 .  ? 14.657  3.713   10.196  1.00 29.86 ? 91  HOH B O     1 
HETATM 690 O  O     . HOH I 4 .  ? -7.495  -4.680  -13.565 1.00 24.28 ? 92  HOH B O     1 
HETATM 691 O  O     . HOH I 4 .  ? -0.052  3.464   13.395  1.00 23.59 ? 95  HOH B O     1 
HETATM 692 O  O     . HOH I 4 .  ? 7.280   0.561   12.139  1.00 36.72 ? 97  HOH B O     1 
HETATM 693 O  O     . HOH I 4 .  ? 12.360  -6.594  9.135   1.00 30.92 ? 98  HOH B O     1 
HETATM 694 O  O     . HOH I 4 .  ? 14.114  1.572   11.666  1.00 41.13 ? 101 HOH B O     1 
HETATM 695 O  O     . HOH I 4 .  ? -8.322  7.125   3.738   1.00 13.74 ? 102 HOH B O     1 
HETATM 696 O  O     . HOH I 4 .  ? 14.448  -3.341  1.856   1.00 14.24 ? 103 HOH B O     1 
HETATM 697 O  O     . HOH I 4 .  ? -3.262  -3.995  -15.212 1.00 15.19 ? 106 HOH B O     1 
HETATM 698 O  O     . HOH I 4 .  ? -3.455  7.908   9.629   1.00 35.31 ? 107 HOH B O     1 
HETATM 699 O  O     . HOH I 4 .  ? -11.542 -11.617 -10.608 0.50 21.17 ? 108 HOH B O     1 
HETATM 700 O  O     . HOH I 4 .  ? 11.869  -0.994  12.198  1.00 49.43 ? 111 HOH B O     1 
HETATM 701 O  O     . HOH I 4 .  ? 16.803  -2.115  1.537   1.00 7.98  ? 112 HOH B O     1 
HETATM 702 O  O     . HOH I 4 .  ? 0.300   -4.622  -9.211  1.00 25.08 ? 114 HOH B O     1 
HETATM 703 O  O     . HOH I 4 .  ? 5.564   -4.196  12.063  1.00 36.41 ? 115 HOH B O     1 
HETATM 704 O  O     . HOH I 4 .  ? -5.954  9.727   -3.507  1.00 23.32 ? 116 HOH B O     1 
HETATM 705 O  O     . HOH I 4 .  ? 0.548   8.425   13.201  1.00 36.09 ? 120 HOH B O     1 
HETATM 706 O  O     . HOH I 4 .  ? 3.378   4.540   -5.353  1.00 10.90 ? 125 HOH B O     1 
HETATM 707 O  O     . HOH I 4 .  ? 2.104   -0.001  -6.278  1.00 10.51 ? 127 HOH B O     1 
HETATM 708 O  O     . HOH I 4 .  ? 1.895   -0.755  11.400  1.00 14.65 ? 129 HOH B O     1 
HETATM 709 O  O     . HOH I 4 .  ? 12.134  -4.056  5.283   1.00 15.34 ? 130 HOH B O     1 
HETATM 710 O  O     . HOH I 4 .  ? 1.212   4.365   -7.219  1.00 13.18 ? 131 HOH B O     1 
HETATM 711 O  O     . HOH I 4 .  ? -1.254  -0.369  -13.401 1.00 16.17 ? 132 HOH B O     1 
HETATM 712 O  O     . HOH I 4 .  ? -11.902 6.067   3.119   1.00 16.72 ? 134 HOH B O     1 
HETATM 713 O  O     . HOH I 4 .  ? 9.701   -5.948  5.142   1.00 18.57 ? 137 HOH B O     1 
HETATM 714 O  O     . HOH I 4 .  ? -10.379 4.588   4.545   1.00 18.14 ? 138 HOH B O     1 
HETATM 715 O  O     . HOH I 4 .  ? 3.157   4.834   -9.077  1.00 17.74 ? 139 HOH B O     1 
HETATM 716 O  O     . HOH I 4 .  ? 8.731   7.240   8.614   1.00 42.38 ? 140 HOH B O     1 
HETATM 717 O  O     . HOH I 4 .  ? -3.595  -7.569  -2.728  1.00 34.91 ? 142 HOH B O     1 
HETATM 718 O  O     A HOH I 4 .  ? -9.336  6.719   6.594   0.50 19.93 ? 143 HOH B O     1 
HETATM 719 O  O     B HOH I 4 .  ? -10.468 7.083   5.105   0.50 12.07 ? 143 HOH B O     1 
HETATM 720 O  O     . HOH I 4 .  ? 1.648   1.280   13.251  1.00 28.60 ? 144 HOH B O     1 
HETATM 721 O  O     . HOH I 4 .  ? -0.611  -9.394  -14.111 1.00 44.45 ? 145 HOH B O     1 
HETATM 722 O  O     A HOH I 4 .  ? 3.656   -2.164  10.969  0.50 15.64 ? 146 HOH B O     1 
HETATM 723 O  O     . HOH I 4 .  ? -8.061  -2.560  -9.261  1.00 26.85 ? 148 HOH B O     1 
HETATM 724 O  O     . HOH I 4 .  ? 0.268   -4.648  -6.445  1.00 27.65 ? 150 HOH B O     1 
HETATM 725 O  O     . HOH I 4 .  ? 0.614   5.494   12.040  1.00 31.22 ? 151 HOH B O     1 
HETATM 726 O  O     . HOH I 4 .  ? 1.442   -6.573  -10.608 1.00 47.43 ? 154 HOH B O     1 
HETATM 727 O  O     . HOH I 4 .  ? -13.298 -13.464 -7.657  1.00 40.53 ? 155 HOH B O     1 
HETATM 728 O  O     . HOH I 4 .  ? 5.013   9.762   6.298   1.00 9.37  ? 156 HOH B O     1 
HETATM 729 O  O     A HOH I 4 .  ? 0.062   12.515  -5.483  0.50 22.10 ? 157 HOH B O     1 
HETATM 730 O  O     B HOH I 4 .  ? -0.478  13.911  -3.936  0.50 7.38  ? 158 HOH B O     1 
HETATM 731 O  O     . HOH I 4 .  ? -7.940  3.286   -8.548  1.00 16.72 ? 159 HOH B O     1 
HETATM 732 O  O     . HOH I 4 .  ? 2.600   9.889   9.629   1.00 14.87 ? 163 HOH B O     1 
HETATM 733 O  O     . HOH I 4 .  ? -3.401  9.831   7.824   1.00 16.61 ? 164 HOH B O     1 
HETATM 734 O  O     . HOH I 4 .  ? 12.388  -4.183  8.058   1.00 18.07 ? 165 HOH B O     1 
HETATM 735 O  O     . HOH I 4 .  ? -13.555 6.548   -1.094  1.00 18.72 ? 166 HOH B O     1 
HETATM 736 O  O     . HOH I 4 .  ? -5.395  0.688   -12.139 1.00 22.91 ? 167 HOH B O     1 
HETATM 737 O  O     . HOH I 4 .  ? -9.889  7.990   -3.498  1.00 23.45 ? 168 HOH B O     1 
HETATM 738 O  O     A HOH I 4 .  ? -4.264  2.619   10.300  0.50 16.30 ? 169 HOH B O     1 
HETATM 739 O  O     B HOH I 4 .  ? -5.968  1.461   9.508   0.50 26.03 ? 170 HOH B O     1 
HETATM 740 O  O     . HOH I 4 .  ? 16.711  -4.044  8.870   1.00 34.23 ? 171 HOH B O     1 
HETATM 741 O  O     . HOH I 4 .  ? -9.460  -8.918  -11.868 0.50 19.52 ? 172 HOH B O     1 
HETATM 742 O  O     . HOH I 4 .  ? -10.839 -7.773  -9.993  1.00 22.04 ? 173 HOH B O     1 
HETATM 743 O  O     . HOH I 4 .  ? -5.911  6.342   9.579   1.00 24.14 ? 175 HOH B O     1 
HETATM 744 O  O     . HOH I 4 .  ? -1.642  6.179   9.374   1.00 25.96 ? 176 HOH B O     1 
HETATM 745 O  O     . HOH I 4 .  ? 0.508   -2.038  -9.675  1.00 14.61 ? 178 HOH B O     1 
HETATM 746 O  O     . HOH I 4 .  ? 12.507  5.305   9.275   1.00 22.93 ? 179 HOH B O     1 
HETATM 747 O  O     A HOH I 4 .  ? -1.276  -5.106  -13.476 0.50 11.63 ? 180 HOH B O     1 
HETATM 748 O  O     B HOH I 4 .  ? -0.277  -5.430  -12.796 0.50 17.53 ? 181 HOH B O     1 
HETATM 749 O  O     . HOH I 4 .  ? 4.158   1.306   11.555  1.00 27.85 ? 182 HOH B O     1 
HETATM 750 O  O     . HOH I 4 .  ? -13.233 5.668   -3.531  1.00 33.20 ? 184 HOH B O     1 
HETATM 751 O  O     . HOH I 4 .  ? -2.501  10.483  -6.078  1.00 42.62 ? 187 HOH B O     1 
HETATM 752 O  O     . HOH I 4 .  ? -14.175 -10.097 -6.589  1.00 33.51 ? 188 HOH B O     1 
HETATM 753 O  O     . HOH I 4 .  ? 11.473  1.352   13.101  1.00 47.87 ? 189 HOH B O     1 
HETATM 754 O  O     . HOH I 4 .  ? -5.668  -0.897  -14.177 1.00 29.76 ? 194 HOH B O     1 
HETATM 755 O  O     . HOH I 4 .  ? 0.838   7.474   -4.359  1.00 39.14 ? 196 HOH B O     1 
HETATM 756 O  O     . HOH I 4 .  ? 16.899  -0.981  11.387  1.00 37.07 ? 197 HOH B O     1 
HETATM 757 O  O     . HOH I 4 .  ? -9.265  -0.693  -8.863  1.00 39.58 ? 198 HOH B O     1 
HETATM 758 O  O     . HOH I 4 .  ? -10.810 5.672   -4.411  1.00 18.79 ? 200 HOH B O     1 
HETATM 759 O  O     B HOH I 4 .  ? 1.227   0.917   -11.371 0.50 13.09 ? 202 HOH B O     1 
HETATM 760 O  O     A HOH I 4 .  ? -9.121  6.472   -5.667  0.50 10.90 ? 203 HOH B O     1 
HETATM 761 O  O     B HOH I 4 .  ? -7.767  5.695   -7.181  0.50 28.83 ? 204 HOH B O     1 
HETATM 762 O  O     . HOH I 4 .  ? 0.254   12.001  -2.892  1.00 41.73 ? 205 HOH B O     1 
HETATM 763 O  O     . HOH I 4 .  ? -0.267  9.913   -4.602  1.00 33.05 ? 210 HOH B O     1 
HETATM 764 O  O     . HOH I 4 .  ? 11.369  -7.262  6.480   1.00 40.44 ? 212 HOH B O     1 
HETATM 765 O  O     . HOH I 4 .  ? -2.338  14.266  -5.700  1.00 48.19 ? 213 HOH B O     1 
HETATM 766 O  O     . HOH I 4 .  ? 4.023   3.464   12.663  1.00 23.95 ? 221 HOH B O     1 
HETATM 767 O  O     . HOH I 4 .  ? 1.449   -3.136  -8.084  1.00 20.36 ? 224 HOH B O     1 
HETATM 768 O  O     . HOH I 4 .  ? 4.845   8.577   12.229  1.00 47.36 ? 228 HOH B O     1 
HETATM 769 O  O     . HOH I 4 .  ? -13.392 -10.138 -10.023 1.00 41.26 ? 229 HOH B O     1 
HETATM 770 O  O     . HOH I 4 .  ? -7.407  -0.043  -9.659  1.00 46.56 ? 234 HOH B O     1 
HETATM 771 O  O     A HOH I 4 .  ? 5.675   9.035   -0.456  0.50 5.06  ? 236 HOH B O     1 
HETATM 772 O  O     . HOH I 4 .  ? 3.104   11.537  11.839  1.00 35.05 ? 238 HOH B O     1 
HETATM 773 O  O     . HOH I 4 .  ? 5.541   4.700   -7.631  1.00 11.63 ? 245 HOH B O     1 
HETATM 774 O  O     A HOH I 4 .  ? 1.812   5.416   -3.038  0.50 5.59  ? 254 HOH B O     1 
# 
loop_
_atom_site_anisotrop.id 
_atom_site_anisotrop.type_symbol 
_atom_site_anisotrop.pdbx_label_atom_id 
_atom_site_anisotrop.pdbx_label_alt_id 
_atom_site_anisotrop.pdbx_label_comp_id 
_atom_site_anisotrop.pdbx_label_asym_id 
_atom_site_anisotrop.pdbx_label_seq_id 
_atom_site_anisotrop.pdbx_PDB_ins_code 
_atom_site_anisotrop.U[1][1] 
_atom_site_anisotrop.U[2][2] 
_atom_site_anisotrop.U[3][3] 
_atom_site_anisotrop.U[1][2] 
_atom_site_anisotrop.U[1][3] 
_atom_site_anisotrop.U[2][3] 
_atom_site_anisotrop.pdbx_auth_seq_id 
_atom_site_anisotrop.pdbx_auth_comp_id 
_atom_site_anisotrop.pdbx_auth_asym_id 
_atom_site_anisotrop.pdbx_auth_atom_id 
1   O  "O5'" . DC  A 1  ? 0.1598 0.1170 0.1227 0.0225  -0.0009 0.0301  1   DC  A "O5'" 
2   C  "C5'" . DC  A 1  ? 0.2024 0.1041 0.0909 -0.0081 -0.0189 0.0214  1   DC  A "C5'" 
3   C  "C4'" . DC  A 1  ? 0.1126 0.1135 0.0813 -0.0166 -0.0055 0.0137  1   DC  A "C4'" 
4   O  "O4'" . DC  A 1  ? 0.0999 0.1115 0.0616 -0.0015 -0.0009 0.0190  1   DC  A "O4'" 
5   C  "C3'" . DC  A 1  ? 0.0989 0.1161 0.0906 0.0043  -0.0068 -0.0115 1   DC  A "C3'" 
6   O  "O3'" . DC  A 1  ? 0.1083 0.1121 0.0558 -0.0068 -0.0059 0.0142  1   DC  A "O3'" 
7   C  "C2'" . DC  A 1  ? 0.0995 0.1009 0.0701 0.0118  -0.0053 0.0172  1   DC  A "C2'" 
8   C  "C1'" . DC  A 1  ? 0.1034 0.1185 0.0682 0.0218  0.0029  0.0158  1   DC  A "C1'" 
9   N  N1    . DC  A 1  ? 0.0767 0.0886 0.0594 0.0229  0.0005  0.0060  1   DC  A N1    
10  C  C2    . DC  A 1  ? 0.0788 0.0847 0.0586 0.0192  -0.0024 0.0125  1   DC  A C2    
11  O  O2    . DC  A 1  ? 0.1049 0.0933 0.0676 0.0365  0.0103  0.0096  1   DC  A O2    
12  N  N3    . DC  A 1  ? 0.0653 0.0619 0.0631 0.0121  -0.0055 0.0069  1   DC  A N3    
13  C  C4    . DC  A 1  ? 0.0561 0.0665 0.0643 0.0103  -0.0178 -0.0002 1   DC  A C4    
14  N  N4    . DC  A 1  ? 0.0622 0.0748 0.0649 0.0208  -0.0096 -0.0072 1   DC  A N4    
15  C  C5    . DC  A 1  ? 0.0715 0.0791 0.0698 0.0120  -0.0069 -0.0020 1   DC  A C5    
16  C  C6    . DC  A 1  ? 0.0756 0.0889 0.0674 0.0146  -0.0104 0.0105  1   DC  A C6    
17  P  P     . C38 A 2  ? 0.0930 0.1078 0.0705 0.0035  -0.0078 0.0092  2   C38 A P     
18  O  O1P   . C38 A 2  ? 0.1340 0.1443 0.0480 -0.0243 -0.0066 0.0008  2   C38 A O1P   
19  O  O2P   . C38 A 2  ? 0.0891 0.1117 0.1084 0.0007  -0.0224 0.0115  2   C38 A O2P   
20  O  "O5'" . C38 A 2  ? 0.0889 0.1051 0.0759 0.0141  0.0043  0.0133  2   C38 A "O5'" 
21  C  "C5'" . C38 A 2  ? 0.0887 0.1156 0.0835 0.0044  0.0199  -0.0049 2   C38 A "C5'" 
22  C  "C4'" . C38 A 2  ? 0.0736 0.1133 0.0615 0.0167  0.0088  0.0108  2   C38 A "C4'" 
23  O  "O4'" . C38 A 2  ? 0.0748 0.1301 0.0671 0.0074  -0.0012 0.0108  2   C38 A "O4'" 
24  C  "C3'" . C38 A 2  ? 0.0839 0.1068 0.0942 0.0063  0.0095  0.0058  2   C38 A "C3'" 
25  O  "O3'" . C38 A 2  ? 0.1116 0.1041 0.1062 -0.0135 0.0420  -0.0160 2   C38 A "O3'" 
26  C  "C2'" . C38 A 2  ? 0.0813 0.1025 0.1083 0.0108  0.0195  -0.0124 2   C38 A "C2'" 
27  C  "C1'" . C38 A 2  ? 0.0800 0.1299 0.0718 0.0166  0.0215  0.0148  2   C38 A "C1'" 
28  N  N1    . C38 A 2  ? 0.0814 0.1023 0.0701 0.0206  0.0089  0.0138  2   C38 A N1    
29  C  C2    . C38 A 2  ? 0.0558 0.1083 0.0785 0.0130  0.0009  0.0195  2   C38 A C2    
30  O  O2    . C38 A 2  ? 0.0806 0.1047 0.0797 0.0133  0.0086  0.0216  2   C38 A O2    
31  N  N3    . C38 A 2  ? 0.0582 0.0949 0.0611 0.0155  0.0055  0.0112  2   C38 A N3    
32  C  C4    . C38 A 2  ? 0.0471 0.0968 0.0786 -0.0092 0.0013  -0.0004 2   C38 A C4    
33  N  N4    . C38 A 2  ? 0.0637 0.0863 0.0798 -0.0059 -0.0002 -0.0041 2   C38 A N4    
34  C  C5    . C38 A 2  ? 0.0749 0.1091 0.0697 0.0052  -0.0044 0.0050  2   C38 A C5    
35  C  C6    . C38 A 2  ? 0.0967 0.1011 0.0624 0.0134  0.0026  0.0101  2   C38 A C6    
36  I  I     . C38 A 2  ? 0.1059 0.0913 0.0708 0.0149  -0.0163 0.0032  2   C38 A I     
37  P  P     A DA  A 3  ? 0.1596 0.1235 0.0791 -0.0237 0.0346  -0.0182 3   DA  A P     
38  P  P     B DA  A 3  ? 0.1091 0.1313 0.0484 0.0069  -0.0009 0.0399  3   DA  A P     
39  O  OP1   A DA  A 3  ? 0.2005 0.1167 0.1760 -0.0148 0.0844  -0.0399 3   DA  A OP1   
40  O  OP1   B DA  A 3  ? 0.0847 0.1029 0.0261 0.0347  -0.0062 -0.0067 3   DA  A OP1   
41  O  OP2   A DA  A 3  ? 0.1633 0.1613 0.0769 -0.0574 0.0228  -0.0111 3   DA  A OP2   
42  O  OP2   B DA  A 3  ? 0.0524 0.1514 0.0646 0.0445  0.0021  0.0199  3   DA  A OP2   
43  O  "O5'" A DA  A 3  ? 0.1078 0.1441 0.0852 -0.0209 0.0236  -0.0062 3   DA  A "O5'" 
44  O  "O5'" B DA  A 3  ? 0.0832 0.1207 0.0700 0.0129  0.0418  0.0338  3   DA  A "O5'" 
45  C  "C5'" A DA  A 3  ? 0.1140 0.1168 0.1230 0.0341  0.0161  0.0016  3   DA  A "C5'" 
46  C  "C5'" B DA  A 3  ? 0.0750 0.1075 0.0651 0.0271  0.0266  -0.0270 3   DA  A "C5'" 
47  C  "C4'" . DA  A 3  ? 0.0979 0.0917 0.1078 0.0208  0.0211  0.0068  3   DA  A "C4'" 
48  O  "O4'" . DA  A 3  ? 0.0834 0.0886 0.0964 0.0155  0.0075  -0.0107 3   DA  A "O4'" 
49  C  "C3'" . DA  A 3  ? 0.1283 0.0934 0.0770 0.0140  0.0329  0.0076  3   DA  A "C3'" 
50  O  "O3'" . DA  A 3  ? 0.1513 0.0747 0.0936 -0.0047 0.0096  -0.0147 3   DA  A "O3'" 
51  C  "C2'" . DA  A 3  ? 0.0892 0.1139 0.0786 -0.0109 0.0150  -0.0184 3   DA  A "C2'" 
52  C  "C1'" . DA  A 3  ? 0.0647 0.0926 0.0794 0.0135  0.0122  0.0029  3   DA  A "C1'" 
53  N  N9    . DA  A 3  ? 0.0759 0.0874 0.0601 0.0179  -0.0015 -0.0072 3   DA  A N9    
54  C  C8    . DA  A 3  ? 0.0775 0.0958 0.0748 0.0179  0.0145  0.0007  3   DA  A C8    
55  N  N7    . DA  A 3  ? 0.0629 0.1099 0.0565 0.0059  0.0012  0.0017  3   DA  A N7    
56  C  C5    . DA  A 3  ? 0.0575 0.0884 0.0640 0.0087  0.0018  0.0107  3   DA  A C5    
57  C  C6    . DA  A 3  ? 0.0515 0.0753 0.0589 0.0126  -0.0010 -0.0020 3   DA  A C6    
58  N  N6    . DA  A 3  ? 0.0579 0.0931 0.0723 -0.0016 0.0051  -0.0056 3   DA  A N6    
59  N  N1    . DA  A 3  ? 0.0568 0.0879 0.0650 0.0071  0.0032  -0.0053 3   DA  A N1    
60  C  C2    . DA  A 3  ? 0.0559 0.0808 0.0790 0.0056  -0.0076 -0.0047 3   DA  A C2    
61  N  N3    . DA  A 3  ? 0.0694 0.0886 0.0645 0.0169  0.0074  0.0095  3   DA  A N3    
62  C  C4    . DA  A 3  ? 0.0429 0.1108 0.0714 0.0030  0.0087  0.0078  3   DA  A C4    
63  P  P     A DG  A 4  ? 0.1087 0.0863 0.0852 0.0082  0.0188  -0.0109 4   DG  A P     
64  P  P     B DG  A 4  ? 0.0870 0.0893 0.0968 0.0035  0.0106  -0.0150 4   DG  A P     
65  O  OP1   A DG  A 4  ? 0.1629 0.0888 0.1315 0.0263  0.0512  -0.0161 4   DG  A OP1   
66  O  OP1   B DG  A 4  ? 0.0830 0.0982 0.1941 0.0470  0.0184  -0.0345 4   DG  A OP1   
67  O  OP2   A DG  A 4  ? 0.1271 0.1328 0.1148 0.0038  -0.0054 0.0141  4   DG  A OP2   
68  O  OP2   B DG  A 4  ? 0.1563 0.1402 0.0832 0.0057  0.0243  -0.0434 4   DG  A OP2   
69  O  "O5'" A DG  A 4  ? 0.0925 0.0947 0.0880 0.0340  0.0218  0.0090  4   DG  A "O5'" 
70  O  "O5'" B DG  A 4  ? 0.0947 0.1193 0.1248 0.0406  0.0112  -0.0228 4   DG  A "O5'" 
71  C  "C5'" A DG  A 4  ? 0.0715 0.1022 0.1011 0.0178  0.0034  0.0021  4   DG  A "C5'" 
72  C  "C5'" B DG  A 4  ? 0.0341 0.1293 0.0713 0.0143  0.0200  0.0282  4   DG  A "C5'" 
73  C  "C4'" . DG  A 4  ? 0.1146 0.0921 0.1173 0.0539  0.0536  0.0131  4   DG  A "C4'" 
74  O  "O4'" . DG  A 4  ? 0.0873 0.0930 0.1090 0.0330  0.0117  0.0045  4   DG  A "O4'" 
75  C  "C3'" . DG  A 4  ? 0.1106 0.0863 0.1259 0.0329  0.0654  0.0142  4   DG  A "C3'" 
76  O  "O3'" A DG  A 4  ? 0.1288 0.1155 0.1448 0.0380  0.0760  0.0503  4   DG  A "O3'" 
77  O  "O3'" B DG  A 4  ? 0.0874 0.0490 0.1118 0.0273  0.0582  0.0062  4   DG  A "O3'" 
78  C  "C2'" . DG  A 4  ? 0.0997 0.0792 0.1040 0.0171  0.0222  -0.0001 4   DG  A "C2'" 
79  C  "C1'" . DG  A 4  ? 0.0898 0.0874 0.0695 0.0277  0.0205  0.0062  4   DG  A "C1'" 
80  N  N9    . DG  A 4  ? 0.0671 0.0701 0.0696 0.0186  0.0148  -0.0020 4   DG  A N9    
81  C  C8    . DG  A 4  ? 0.0806 0.0880 0.0766 0.0207  0.0171  -0.0017 4   DG  A C8    
82  N  N7    . DG  A 4  ? 0.0757 0.0741 0.0724 0.0193  0.0084  -0.0066 4   DG  A N7    
83  C  C5    . DG  A 4  ? 0.0574 0.0850 0.0491 0.0062  0.0171  -0.0014 4   DG  A C5    
84  C  C6    . DG  A 4  ? 0.0443 0.0848 0.0476 0.0076  0.0082  0.0031  4   DG  A C6    
85  O  O6    . DG  A 4  ? 0.0611 0.0835 0.0545 0.0064  0.0056  0.0069  4   DG  A O6    
86  N  N1    . DG  A 4  ? 0.0443 0.0739 0.0554 0.0139  -0.0020 -0.0002 4   DG  A N1    
87  C  C2    . DG  A 4  ? 0.0419 0.0693 0.0613 0.0112  0.0119  0.0071  4   DG  A C2    
88  N  N2    . DG  A 4  ? 0.0573 0.0675 0.0593 0.0096  0.0079  0.0003  4   DG  A N2    
89  N  N3    . DG  A 4  ? 0.0468 0.0663 0.0632 0.0106  0.0125  0.0016  4   DG  A N3    
90  C  C4    . DG  A 4  ? 0.0466 0.0798 0.0648 0.0115  0.0088  0.0089  4   DG  A C4    
91  P  P     A DT  A 5  ? 0.1133 0.0816 0.1632 0.0393  0.0733  0.0146  5   DT  A P     
92  P  P     B DT  A 5  ? 0.1543 0.0887 0.1339 0.0004  0.0790  0.0043  5   DT  A P     
93  O  OP1   A DT  A 5  ? 0.1447 0.1678 0.1405 0.0666  0.0648  0.0563  5   DT  A OP1   
94  O  OP1   B DT  A 5  ? 0.2467 0.1575 0.1377 0.0702  0.0580  0.0158  5   DT  A OP1   
95  O  OP2   A DT  A 5  ? 0.1143 0.1416 0.1220 -0.0425 0.0402  -0.0455 5   DT  A OP2   
96  O  OP2   B DT  A 5  ? 0.1724 0.1277 0.1281 -0.0492 0.0636  -0.0401 5   DT  A OP2   
97  O  "O5'" A DT  A 5  ? 0.0947 0.0794 0.1032 0.0225  0.0144  0.0054  5   DT  A "O5'" 
98  O  "O5'" B DT  A 5  ? 0.0783 0.0765 0.0970 0.0207  0.0313  -0.0058 5   DT  A "O5'" 
99  C  "C5'" A DT  A 5  ? 0.0745 0.0596 0.1086 0.0082  0.0098  0.0159  5   DT  A "C5'" 
100 C  "C5'" B DT  A 5  ? 0.0424 0.0790 0.1297 0.0102  0.0128  0.0050  5   DT  A "C5'" 
101 C  "C4'" . DT  A 5  ? 0.0560 0.0886 0.0836 0.0180  0.0092  0.0143  5   DT  A "C4'" 
102 O  "O4'" . DT  A 5  ? 0.0681 0.0769 0.0791 0.0214  0.0040  0.0097  5   DT  A "O4'" 
103 C  "C3'" . DT  A 5  ? 0.0715 0.0860 0.0656 0.0170  0.0174  0.0078  5   DT  A "C3'" 
104 O  "O3'" . DT  A 5  ? 0.0635 0.0873 0.0828 0.0168  0.0148  0.0112  5   DT  A "O3'" 
105 C  "C2'" . DT  A 5  ? 0.0609 0.0938 0.0780 0.0083  -0.0008 -0.0034 5   DT  A "C2'" 
106 C  "C1'" . DT  A 5  ? 0.0473 0.0838 0.0650 0.0212  0.0037  -0.0023 5   DT  A "C1'" 
107 N  N1    . DT  A 5  ? 0.0599 0.0798 0.0576 0.0115  0.0036  0.0024  5   DT  A N1    
108 C  C2    . DT  A 5  ? 0.0499 0.0681 0.0612 0.0078  -0.0040 -0.0055 5   DT  A C2    
109 O  O2    . DT  A 5  ? 0.0626 0.0748 0.0578 0.0160  0.0003  -0.0074 5   DT  A O2    
110 N  N3    . DT  A 5  ? 0.0550 0.0709 0.0594 0.0141  -0.0066 -0.0105 5   DT  A N3    
111 C  C4    . DT  A 5  ? 0.0592 0.0733 0.0550 0.0142  -0.0050 -0.0150 5   DT  A C4    
112 O  O4    . DT  A 5  ? 0.0787 0.0784 0.0518 0.0117  0.0021  -0.0044 5   DT  A O4    
113 C  C5    . DT  A 5  ? 0.0700 0.0741 0.0704 0.0213  -0.0046 -0.0191 5   DT  A C5    
114 C  C7    . DT  A 5  ? 0.1214 0.0732 0.0660 0.0235  -0.0021 -0.0152 5   DT  A C7    
115 C  C6    . DT  A 5  ? 0.0746 0.0720 0.0645 0.0167  0.0013  -0.0144 5   DT  A C6    
116 P  P     . DA  A 6  ? 0.0747 0.0786 0.0847 0.0162  0.0158  0.0037  6   DA  A P     
117 O  OP1   . DA  A 6  ? 0.0984 0.0954 0.1001 0.0289  0.0211  0.0232  6   DA  A OP1   
118 O  OP2   . DA  A 6  ? 0.0904 0.0861 0.1060 0.0047  0.0118  -0.0107 6   DA  A OP2   
119 O  "O5'" . DA  A 6  ? 0.0703 0.0792 0.0844 0.0171  0.0100  -0.0045 6   DA  A "O5'" 
120 C  "C5'" . DA  A 6  ? 0.0652 0.0901 0.0719 0.0127  0.0053  -0.0146 6   DA  A "C5'" 
121 C  "C4'" . DA  A 6  ? 0.0628 0.0732 0.0504 0.0122  -0.0026 -0.0009 6   DA  A "C4'" 
122 O  "O4'" . DA  A 6  ? 0.0511 0.0861 0.0599 0.0110  -0.0044 0.0027  6   DA  A "O4'" 
123 C  "C3'" . DA  A 6  ? 0.0542 0.0703 0.0618 0.0116  0.0082  -0.0039 6   DA  A "C3'" 
124 O  "O3'" . DA  A 6  ? 0.0562 0.0826 0.0495 0.0123  0.0004  -0.0053 6   DA  A "O3'" 
125 C  "C2'" . DA  A 6  ? 0.0570 0.1014 0.0534 -0.0116 0.0003  0.0015  6   DA  A "C2'" 
126 C  "C1'" . DA  A 6  ? 0.0550 0.0818 0.0487 0.0083  -0.0013 -0.0035 6   DA  A "C1'" 
127 N  N9    . DA  A 6  ? 0.0562 0.0811 0.0533 0.0160  0.0000  -0.0042 6   DA  A N9    
128 C  C8    . DA  A 6  ? 0.0580 0.0771 0.0653 0.0140  0.0012  -0.0158 6   DA  A C8    
129 N  N7    . DA  A 6  ? 0.0501 0.0711 0.0544 0.0195  0.0031  -0.0025 6   DA  A N7    
130 C  C5    . DA  A 6  ? 0.0431 0.0741 0.0575 0.0223  -0.0058 -0.0194 6   DA  A C5    
131 C  C6    . DA  A 6  ? 0.0446 0.0819 0.0371 0.0111  -0.0001 0.0024  6   DA  A C6    
132 N  N6    . DA  A 6  ? 0.0644 0.0758 0.0531 0.0093  0.0050  -0.0025 6   DA  A N6    
133 N  N1    . DA  A 6  ? 0.0473 0.0643 0.0548 0.0065  0.0037  -0.0044 6   DA  A N1    
134 C  C2    . DA  A 6  ? 0.0428 0.0811 0.0402 -0.0015 0.0018  -0.0104 6   DA  A C2    
135 N  N3    . DA  A 6  ? 0.0510 0.0735 0.0490 0.0161  0.0051  -0.0056 6   DA  A N3    
136 C  C4    . DA  A 6  ? 0.0440 0.0938 0.0387 0.0096  0.0010  -0.0023 6   DA  A C4    
137 P  P     . DC  A 7  ? 0.0621 0.0746 0.0453 0.0111  0.0064  -0.0011 7   DC  A P     
138 O  OP1   . DC  A 7  ? 0.0808 0.0792 0.0354 0.0137  0.0056  -0.0038 7   DC  A OP1   
139 O  OP2   . DC  A 7  ? 0.0773 0.0761 0.0611 -0.0036 0.0002  -0.0174 7   DC  A OP2   
140 O  "O5'" . DC  A 7  ? 0.0693 0.0692 0.0409 0.0186  -0.0009 -0.0030 7   DC  A "O5'" 
141 C  "C5'" . DC  A 7  ? 0.0721 0.0696 0.0449 0.0221  -0.0043 -0.0022 7   DC  A "C5'" 
142 C  "C4'" . DC  A 7  ? 0.0614 0.1085 0.0477 0.0206  0.0085  0.0125  7   DC  A "C4'" 
143 O  "O4'" . DC  A 7  ? 0.0524 0.1031 0.0434 0.0078  -0.0021 0.0111  7   DC  A "O4'" 
144 C  "C3'" . DC  A 7  ? 0.0582 0.1522 0.0622 0.0196  0.0084  0.0280  7   DC  A "C3'" 
145 O  "O3'" A DC  A 7  ? 0.0568 0.1016 0.0689 0.0260  -0.0166 -0.0177 7   DC  A "O3'" 
146 O  "O3'" B DC  A 7  ? 0.0705 0.1611 0.0603 0.0408  0.0033  0.0071  7   DC  A "O3'" 
147 C  "C2'" . DC  A 7  ? 0.0529 0.1200 0.0761 0.0016  -0.0041 0.0221  7   DC  A "C2'" 
148 C  "C1'" . DC  A 7  ? 0.0546 0.1026 0.0486 0.0077  -0.0042 0.0064  7   DC  A "C1'" 
149 N  N1    . DC  A 7  ? 0.0607 0.0814 0.0500 0.0042  -0.0029 0.0059  7   DC  A N1    
150 C  C2    . DC  A 7  ? 0.0582 0.1053 0.0419 0.0162  -0.0059 -0.0029 7   DC  A C2    
151 O  O2    . DC  A 7  ? 0.0638 0.0801 0.0577 0.0143  0.0027  0.0036  7   DC  A O2    
152 N  N3    . DC  A 7  ? 0.0532 0.0900 0.0599 0.0122  -0.0119 -0.0036 7   DC  A N3    
153 C  C4    . DC  A 7  ? 0.0731 0.0640 0.0639 0.0124  -0.0224 -0.0140 7   DC  A C4    
154 N  N4    . DC  A 7  ? 0.0801 0.0817 0.0706 0.0106  -0.0164 -0.0071 7   DC  A N4    
155 C  C5    . DC  A 7  ? 0.0685 0.0825 0.0656 0.0030  -0.0162 -0.0053 7   DC  A C5    
156 C  C6    . DC  A 7  ? 0.0598 0.0886 0.0679 -0.0011 -0.0201 0.0193  7   DC  A C6    
157 P  P     A DT  A 8  ? 0.0788 0.1667 0.0687 0.0496  -0.0113 -0.0350 8   DT  A P     
158 P  P     B DT  A 8  ? 0.0582 0.1406 0.0576 0.0301  0.0000  0.0025  8   DT  A P     
159 O  OP1   A DT  A 8  ? 0.1184 0.1710 0.1317 0.0837  -0.0333 -0.0774 8   DT  A OP1   
160 O  OP1   B DT  A 8  ? 0.0910 0.1903 0.0559 0.0405  0.0334  -0.0072 8   DT  A OP1   
161 O  OP2   A DT  A 8  ? 0.0828 0.1901 0.0928 0.0293  0.0361  0.0550  8   DT  A OP2   
162 O  OP2   B DT  A 8  ? 0.0755 0.1034 0.1031 -0.0030 0.0159  0.0536  8   DT  A OP2   
163 O  "O5'" A DT  A 8  ? 0.0658 0.0913 0.0921 -0.0018 -0.0037 -0.0050 8   DT  A "O5'" 
164 O  "O5'" B DT  A 8  ? 0.0488 0.0739 0.0413 -0.0131 0.0022  0.0221  8   DT  A "O5'" 
165 C  "C5'" A DT  A 8  ? 0.0618 0.0803 0.0948 -0.0083 0.0223  -0.0078 8   DT  A "C5'" 
166 C  "C5'" B DT  A 8  ? 0.0660 0.0725 0.0501 -0.0057 -0.0210 0.0114  8   DT  A "C5'" 
167 C  "C4'" . DT  A 8  ? 0.0583 0.0801 0.0863 0.0198  -0.0076 -0.0079 8   DT  A "C4'" 
168 O  "O4'" . DT  A 8  ? 0.0581 0.0883 0.0582 0.0194  -0.0065 -0.0064 8   DT  A "O4'" 
169 C  "C3'" . DT  A 8  ? 0.0575 0.1008 0.0817 0.0282  -0.0163 -0.0072 8   DT  A "C3'" 
170 O  "O3'" . DT  A 8  ? 0.0752 0.1057 0.1306 0.0280  -0.0348 -0.0150 8   DT  A "O3'" 
171 C  "C2'" . DT  A 8  ? 0.0690 0.1014 0.0761 0.0050  -0.0139 -0.0108 8   DT  A "C2'" 
172 C  "C1'" . DT  A 8  ? 0.0741 0.0907 0.0582 0.0175  -0.0169 -0.0166 8   DT  A "C1'" 
173 N  N1    . DT  A 8  ? 0.0725 0.0876 0.0585 0.0092  -0.0068 0.0089  8   DT  A N1    
174 C  C2    . DT  A 8  ? 0.0617 0.0869 0.0522 0.0082  -0.0086 0.0037  8   DT  A C2    
175 O  O2    . DT  A 8  ? 0.0927 0.0887 0.0519 0.0080  -0.0034 0.0049  8   DT  A O2    
176 N  N3    . DT  A 8  ? 0.0683 0.0781 0.0515 0.0061  -0.0001 0.0037  8   DT  A N3    
177 C  C4    . DT  A 8  ? 0.0657 0.0866 0.0532 0.0014  -0.0140 0.0063  8   DT  A C4    
178 O  O4    . DT  A 8  ? 0.0737 0.0678 0.0738 0.0034  0.0015  -0.0055 8   DT  A O4    
179 C  C5    . DT  A 8  ? 0.0707 0.0853 0.0565 0.0036  -0.0090 0.0077  8   DT  A C5    
180 C  C7    . DT  A 8  ? 0.1146 0.0847 0.0506 0.0039  0.0013  0.0061  8   DT  A C7    
181 C  C6    . DT  A 8  ? 0.0567 0.0861 0.0614 -0.0011 -0.0061 -0.0009 8   DT  A C6    
182 P  P     . DG  A 9  ? 0.0726 0.1416 0.1386 0.0335  -0.0304 -0.0107 9   DG  A P     
183 O  OP1   . DG  A 9  ? 0.1380 0.2110 0.1852 0.0768  -0.0567 -0.0554 9   DG  A OP1   
184 O  OP2   . DG  A 9  ? 0.0810 0.1839 0.1532 -0.0153 -0.0120 0.0136  9   DG  A OP2   
185 O  "O5'" . DG  A 9  ? 0.0937 0.1128 0.1521 0.0149  -0.0536 0.0097  9   DG  A "O5'" 
186 C  "C5'" . DG  A 9  ? 0.1300 0.1250 0.1499 0.0121  -0.0454 0.0188  9   DG  A "C5'" 
187 C  "C4'" . DG  A 9  ? 0.0901 0.0928 0.1626 0.0247  -0.0463 -0.0020 9   DG  A "C4'" 
188 O  "O4'" . DG  A 9  ? 0.0881 0.1065 0.1982 0.0159  -0.0112 0.0074  9   DG  A "O4'" 
189 C  "C3'" . DG  A 9  ? 0.0809 0.0981 0.1189 0.0151  -0.0278 0.0156  9   DG  A "C3'" 
190 O  "O3'" . DG  A 9  ? 0.0913 0.1241 0.1277 0.0139  -0.0244 0.0247  9   DG  A "O3'" 
191 C  "C2'" . DG  A 9  ? 0.0783 0.1102 0.1360 0.0173  -0.0398 -0.0034 9   DG  A "C2'" 
192 C  "C1'" . DG  A 9  ? 0.0790 0.1031 0.1241 -0.0009 -0.0225 0.0064  9   DG  A "C1'" 
193 N  N9    . DG  A 9  ? 0.0738 0.0901 0.0998 -0.0009 -0.0242 0.0011  9   DG  A N9    
194 C  C8    . DG  A 9  ? 0.0837 0.0961 0.0917 0.0163  -0.0181 -0.0019 9   DG  A C8    
195 N  N7    . DG  A 9  ? 0.0701 0.1091 0.0826 0.0012  0.0033  0.0020  9   DG  A N7    
196 C  C5    . DG  A 9  ? 0.0873 0.0863 0.0833 0.0116  -0.0275 -0.0007 9   DG  A C5    
197 C  C6    . DG  A 9  ? 0.0804 0.0758 0.0736 -0.0020 -0.0202 0.0049  9   DG  A C6    
198 O  O6    . DG  A 9  ? 0.0861 0.0942 0.0805 0.0043  -0.0084 0.0040  9   DG  A O6    
199 N  N1    . DG  A 9  ? 0.0894 0.0943 0.0689 0.0113  -0.0102 0.0020  9   DG  A N1    
200 C  C2    . DG  A 9  ? 0.0898 0.0867 0.0859 -0.0002 -0.0244 -0.0153 9   DG  A C2    
201 N  N2    . DG  A 9  ? 0.1276 0.1010 0.0805 0.0045  0.0033  -0.0110 9   DG  A N2    
202 N  N3    . DG  A 9  ? 0.0887 0.0929 0.0826 0.0094  -0.0203 -0.0101 9   DG  A N3    
203 C  C4    . DG  A 9  ? 0.0749 0.0822 0.0839 0.0131  -0.0206 -0.0026 9   DG  A C4    
204 P  P     . DG  A 10 ? 0.0880 0.1257 0.1201 0.0289  -0.0201 0.0143  10  DG  A P     
205 O  OP1   . DG  A 10 ? 0.1031 0.1298 0.1361 0.0432  -0.0182 0.0354  10  DG  A OP1   
206 O  OP2   . DG  A 10 ? 0.0806 0.1345 0.1166 0.0170  -0.0120 0.0155  10  DG  A OP2   
207 O  "O5'" . DG  A 10 ? 0.0915 0.1248 0.1410 0.0204  -0.0119 0.0247  10  DG  A "O5'" 
208 C  "C5'" . DG  A 10 ? 0.1081 0.1135 0.1291 0.0413  -0.0047 0.0047  10  DG  A "C5'" 
209 C  "C4'" . DG  A 10 ? 0.1046 0.1746 0.1040 0.0227  -0.0275 0.0457  10  DG  A "C4'" 
210 O  "O4'" . DG  A 10 ? 0.1052 0.1105 0.1221 0.0052  -0.0399 0.0081  10  DG  A "O4'" 
211 C  "C3'" . DG  A 10 ? 0.1815 0.1302 0.1324 0.0228  -0.0565 0.0234  10  DG  A "C3'" 
212 O  "O3'" . DG  A 10 ? 0.3822 0.2270 0.1406 -0.0757 -0.0795 0.0482  10  DG  A "O3'" 
213 C  "C2'" . DG  A 10 ? 0.1596 0.1278 0.1585 -0.0025 -0.0767 0.0298  10  DG  A "C2'" 
214 C  "C1'" . DG  A 10 ? 0.1518 0.1166 0.1081 0.0219  -0.0610 0.0091  10  DG  A "C1'" 
215 N  N9    . DG  A 10 ? 0.1189 0.0921 0.1030 0.0159  -0.0525 0.0114  10  DG  A N9    
216 C  C8    . DG  A 10 ? 0.1053 0.1236 0.1075 -0.0142 -0.0355 -0.0029 10  DG  A C8    
217 N  N7    . DG  A 10 ? 0.0939 0.1164 0.1152 0.0112  -0.0241 0.0025  10  DG  A N7    
218 C  C5    . DG  A 10 ? 0.0962 0.0980 0.0870 0.0047  -0.0221 -0.0100 10  DG  A C5    
219 C  C6    . DG  A 10 ? 0.1000 0.0993 0.0842 0.0051  -0.0146 -0.0062 10  DG  A C6    
220 O  O6    . DG  A 10 ? 0.1105 0.1155 0.0929 0.0163  -0.0078 0.0058  10  DG  A O6    
221 N  N1    . DG  A 10 ? 0.1144 0.0916 0.0820 0.0026  -0.0297 0.0024  10  DG  A N1    
222 C  C2    . DG  A 10 ? 0.1059 0.1019 0.0961 0.0072  -0.0137 0.0086  10  DG  A C2    
223 N  N2    . DG  A 10 ? 0.1437 0.1162 0.0937 0.0225  0.0027  0.0297  10  DG  A N2    
224 N  N3    . DG  A 10 ? 0.1232 0.0991 0.0913 0.0055  -0.0363 0.0028  10  DG  A N3    
225 C  C4    . DG  A 10 ? 0.1107 0.1030 0.0822 0.0023  -0.0302 0.0052  10  DG  A C4    
226 O  "O5'" . DC  B 1  ? 0.1695 0.0970 0.1444 0.0050  0.0020  0.0283  1   DC  B "O5'" 
227 C  "C5'" . DC  B 1  ? 0.1880 0.1081 0.1026 0.0076  -0.0096 -0.0286 1   DC  B "C5'" 
228 C  "C4'" . DC  B 1  ? 0.1427 0.1029 0.1069 0.0095  -0.0021 -0.0142 1   DC  B "C4'" 
229 O  "O4'" . DC  B 1  ? 0.1271 0.1070 0.1128 0.0074  0.0016  -0.0130 1   DC  B "O4'" 
230 C  "C3'" . DC  B 1  ? 0.1127 0.1104 0.0961 -0.0053 0.0158  -0.0210 1   DC  B "C3'" 
231 O  "O3'" . DC  B 1  ? 0.1212 0.1122 0.0990 0.0097  0.0117  -0.0207 1   DC  B "O3'" 
232 C  "C2'" . DC  B 1  ? 0.1414 0.1100 0.0972 0.0240  -0.0114 -0.0121 1   DC  B "C2'" 
233 C  "C1'" . DC  B 1  ? 0.1353 0.0909 0.0923 0.0125  -0.0020 -0.0193 1   DC  B "C1'" 
234 N  N1    . DC  B 1  ? 0.1164 0.1079 0.0682 0.0240  0.0061  -0.0026 1   DC  B N1    
235 C  C2    . DC  B 1  ? 0.1143 0.0846 0.0800 0.0217  -0.0022 -0.0075 1   DC  B C2    
236 O  O2    . DC  B 1  ? 0.1810 0.1245 0.0578 0.0326  0.0094  0.0158  1   DC  B O2    
237 N  N3    . DC  B 1  ? 0.1028 0.0902 0.0755 0.0066  -0.0058 -0.0016 1   DC  B N3    
238 C  C4    . DC  B 1  ? 0.0942 0.0883 0.0647 0.0133  -0.0060 0.0124  1   DC  B C4    
239 N  N4    . DC  B 1  ? 0.1093 0.1064 0.0621 0.0098  -0.0054 0.0039  1   DC  B N4    
240 C  C5    . DC  B 1  ? 0.0840 0.0935 0.0820 0.0092  -0.0062 0.0043  1   DC  B C5    
241 C  C6    . DC  B 1  ? 0.1194 0.1061 0.0837 0.0210  0.0080  0.0101  1   DC  B C6    
242 P  P     . C38 B 2  ? 0.1276 0.1182 0.0746 0.0118  0.0094  -0.0041 2   C38 B P     
243 O  O1P   . C38 B 2  ? 0.1608 0.0998 0.1006 0.0188  0.0244  -0.0008 2   C38 B O1P   
244 O  O2P   . C38 B 2  ? 0.1420 0.1432 0.0675 -0.0048 0.0051  0.0065  2   C38 B O2P   
245 O  "O5'" . C38 B 2  ? 0.1624 0.1015 0.0576 0.0025  -0.0099 -0.0012 2   C38 B "O5'" 
246 C  "C5'" . C38 B 2  ? 0.1705 0.1044 0.0745 0.0130  -0.0009 -0.0202 2   C38 B "C5'" 
247 C  "C4'" . C38 B 2  ? 0.1345 0.0877 0.0871 -0.0013 0.0117  -0.0090 2   C38 B "C4'" 
248 O  "O4'" . C38 B 2  ? 0.1436 0.0971 0.0692 -0.0014 0.0003  -0.0188 2   C38 B "O4'" 
249 C  "C3'" . C38 B 2  ? 0.1405 0.1348 0.0648 -0.0009 -0.0006 -0.0129 2   C38 B "C3'" 
250 O  "O3'" . C38 B 2  ? 0.1584 0.1264 0.0800 -0.0129 0.0203  -0.0126 2   C38 B "O3'" 
251 C  "C2'" . C38 B 2  ? 0.1359 0.1347 0.0622 -0.0130 0.0192  0.0052  2   C38 B "C2'" 
252 C  "C1'" . C38 B 2  ? 0.1584 0.0957 0.0568 -0.0141 0.0091  -0.0180 2   C38 B "C1'" 
253 N  N1    . C38 B 2  ? 0.1146 0.0959 0.0571 0.0010  -0.0099 -0.0162 2   C38 B N1    
254 C  C2    . C38 B 2  ? 0.1255 0.0735 0.0634 0.0091  -0.0138 0.0089  2   C38 B C2    
255 O  O2    . C38 B 2  ? 0.1293 0.1055 0.0778 0.0107  -0.0017 -0.0023 2   C38 B O2    
256 N  N3    . C38 B 2  ? 0.0937 0.0810 0.0699 0.0038  -0.0030 0.0055  2   C38 B N3    
257 C  C4    . C38 B 2  ? 0.0945 0.1032 0.0607 -0.0036 -0.0067 -0.0124 2   C38 B C4    
258 N  N4    . C38 B 2  ? 0.0929 0.1069 0.0625 -0.0058 0.0005  -0.0004 2   C38 B N4    
259 C  C5    . C38 B 2  ? 0.1114 0.1031 0.0718 -0.0327 0.0156  -0.0256 2   C38 B C5    
260 C  C6    . C38 B 2  ? 0.1116 0.0916 0.0810 0.0094  0.0041  -0.0088 2   C38 B C6    
261 I  I     . C38 B 2  ? 0.1263 0.0955 0.0810 0.0193  0.0140  0.0047  2   C38 B I     
262 P  P     . DA  B 3  ? 0.1867 0.1162 0.0711 -0.0192 0.0163  -0.0134 3   DA  B P     
263 O  OP1   . DA  B 3  ? 0.2453 0.1544 0.0632 -0.0260 0.0164  0.0010  3   DA  B OP1   
264 O  OP2   . DA  B 3  ? 0.1789 0.1193 0.1019 -0.0070 0.0195  -0.0172 3   DA  B OP2   
265 O  "O5'" . DA  B 3  ? 0.1920 0.1230 0.0688 0.0082  0.0148  -0.0129 3   DA  B "O5'" 
266 C  "C5'" . DA  B 3  ? 0.2170 0.1189 0.0678 0.0027  0.0179  -0.0115 3   DA  B "C5'" 
267 C  "C4'" . DA  B 3  ? 0.2167 0.1230 0.0681 -0.0144 0.0253  0.0000  3   DA  B "C4'" 
268 O  "O4'" . DA  B 3  ? 0.1656 0.1126 0.0756 0.0007  0.0094  -0.0135 3   DA  B "O4'" 
269 C  "C3'" . DA  B 3  ? 0.1935 0.1182 0.0840 -0.0105 0.0523  -0.0260 3   DA  B "C3'" 
270 O  "O3'" . DA  B 3  ? 0.2311 0.1122 0.0864 -0.0411 0.0893  -0.0238 3   DA  B "O3'" 
271 C  "C2'" . DA  B 3  ? 0.1531 0.1481 0.0812 0.0057  0.0444  -0.0102 3   DA  B "C2'" 
272 C  "C1'" . DA  B 3  ? 0.1256 0.1246 0.0861 -0.0173 0.0140  -0.0210 3   DA  B "C1'" 
273 N  N9    . DA  B 3  ? 0.1086 0.1202 0.0677 0.0073  0.0141  -0.0189 3   DA  B N9    
274 C  C8    . DA  B 3  ? 0.1219 0.1131 0.0880 0.0082  0.0308  -0.0044 3   DA  B C8    
275 N  N7    . DA  B 3  ? 0.1216 0.1066 0.0998 0.0208  0.0247  -0.0210 3   DA  B N7    
276 C  C5    . DA  B 3  ? 0.0908 0.1183 0.0676 0.0115  -0.0128 -0.0321 3   DA  B C5    
277 C  C6    . DA  B 3  ? 0.0842 0.0853 0.0543 -0.0047 -0.0068 -0.0173 3   DA  B C6    
278 N  N6    . DA  B 3  ? 0.0952 0.0980 0.0695 0.0031  -0.0031 -0.0065 3   DA  B N6    
279 N  N1    . DA  B 3  ? 0.0816 0.0885 0.0546 0.0025  0.0035  -0.0120 3   DA  B N1    
280 C  C2    . DA  B 3  ? 0.0956 0.0984 0.0556 -0.0034 -0.0072 -0.0072 3   DA  B C2    
281 N  N3    . DA  B 3  ? 0.1058 0.1085 0.0610 0.0098  -0.0061 -0.0130 3   DA  B N3    
282 C  C4    . DA  B 3  ? 0.1045 0.0999 0.0585 -0.0010 -0.0040 -0.0187 3   DA  B C4    
283 P  P     . DG  B 4  ? 0.1286 0.1273 0.0573 -0.0182 0.0114  -0.0135 4   DG  B P     
284 O  OP1   . DG  B 4  ? 0.1539 0.1733 0.0519 -0.0132 0.0122  -0.0214 4   DG  B OP1   
285 O  OP2   . DG  B 4  ? 0.1369 0.1769 0.0895 0.0149  -0.0020 -0.0248 4   DG  B OP2   
286 O  "O5'" . DG  B 4  ? 0.1317 0.1246 0.0639 -0.0162 0.0046  -0.0166 4   DG  B "O5'" 
287 C  "C5'" . DG  B 4  ? 0.1326 0.1128 0.0644 0.0000  0.0048  -0.0053 4   DG  B "C5'" 
288 C  "C4'" . DG  B 4  ? 0.1846 0.1112 0.0518 0.0276  0.0075  0.0209  4   DG  B "C4'" 
289 O  "O4'" . DG  B 4  ? 0.1335 0.1269 0.0561 0.0135  0.0069  0.0131  4   DG  B "O4'" 
290 C  "C3'" . DG  B 4  ? 0.2457 0.0997 0.0496 -0.0090 0.0096  -0.0069 4   DG  B "C3'" 
291 O  "O3'" A DG  B 4  ? 0.1184 0.1013 0.0761 -0.0040 -0.0370 -0.0063 4   DG  B "O3'" 
292 O  "O3'" B DG  B 4  ? 0.1256 0.1205 0.0453 -0.0108 -0.0203 -0.0073 4   DG  B "O3'" 
293 C  "C2'" . DG  B 4  ? 0.1828 0.1051 0.0552 -0.0211 0.0272  0.0199  4   DG  B "C2'" 
294 C  "C1'" . DG  B 4  ? 0.1403 0.1081 0.0496 0.0280  0.0019  -0.0070 4   DG  B "C1'" 
295 N  N9    . DG  B 4  ? 0.1065 0.0983 0.0468 0.0099  0.0123  -0.0103 4   DG  B N9    
296 C  C8    . DG  B 4  ? 0.0942 0.1072 0.0718 0.0117  -0.0104 -0.0200 4   DG  B C8    
297 N  N7    . DG  B 4  ? 0.1011 0.0907 0.0544 0.0022  0.0028  -0.0111 4   DG  B N7    
298 C  C5    . DG  B 4  ? 0.0807 0.0905 0.0471 0.0095  0.0034  -0.0182 4   DG  B C5    
299 C  C6    . DG  B 4  ? 0.0618 0.0933 0.0570 0.0143  -0.0108 -0.0137 4   DG  B C6    
300 O  O6    . DG  B 4  ? 0.0844 0.0832 0.0704 0.0205  -0.0079 -0.0083 4   DG  B O6    
301 N  N1    . DG  B 4  ? 0.0582 0.0824 0.0554 0.0127  -0.0120 -0.0130 4   DG  B N1    
302 C  C2    . DG  B 4  ? 0.0593 0.0778 0.0522 0.0050  -0.0135 -0.0055 4   DG  B C2    
303 N  N2    . DG  B 4  ? 0.0669 0.0786 0.0487 0.0156  0.0014  -0.0075 4   DG  B N2    
304 N  N3    . DG  B 4  ? 0.0817 0.0874 0.0403 0.0064  -0.0056 -0.0096 4   DG  B N3    
305 C  C4    . DG  B 4  ? 0.0760 0.0893 0.0464 0.0015  -0.0010 0.0030  4   DG  B C4    
306 P  P     A DT  B 5  ? 0.1936 0.0955 0.0611 0.0061  -0.0304 0.0060  5   DT  B P     
307 P  P     B DT  B 5  ? 0.1467 0.1018 0.0729 0.0076  0.0055  0.0068  5   DT  B P     
308 O  OP1   A DT  B 5  ? 0.2813 0.1074 0.0984 0.0450  -0.0526 0.0091  5   DT  B OP1   
309 O  OP1   B DT  B 5  ? 0.1982 0.1290 0.0939 0.0147  -0.0163 0.0205  5   DT  B OP1   
310 O  OP2   A DT  B 5  ? 0.1753 0.1716 0.0751 -0.0520 0.0381  0.0026  5   DT  B OP2   
311 O  OP2   B DT  B 5  ? 0.1556 0.1149 0.1083 -0.0129 0.0422  -0.0120 5   DT  B OP2   
312 O  "O5'" A DT  B 5  ? 0.1178 0.0908 0.0692 -0.0045 -0.0037 0.0209  5   DT  B "O5'" 
313 O  "O5'" B DT  B 5  ? 0.1028 0.1006 0.0687 0.0145  0.0095  -0.0047 5   DT  B "O5'" 
314 C  "C5'" A DT  B 5  ? 0.0918 0.0737 0.0716 -0.0152 -0.0178 0.0088  5   DT  B "C5'" 
315 C  "C5'" B DT  B 5  ? 0.0549 0.0946 0.1116 -0.0206 -0.0191 -0.0019 5   DT  B "C5'" 
316 C  "C4'" . DT  B 5  ? 0.0889 0.0796 0.0652 0.0218  -0.0253 0.0039  5   DT  B "C4'" 
317 O  "O4'" . DT  B 5  ? 0.0752 0.0759 0.0651 0.0142  -0.0058 0.0083  5   DT  B "O4'" 
318 C  "C3'" . DT  B 5  ? 0.0816 0.0866 0.0626 0.0179  0.0034  -0.0009 5   DT  B "C3'" 
319 O  "O3'" . DT  B 5  ? 0.0886 0.0812 0.0810 0.0237  -0.0223 -0.0067 5   DT  B "O3'" 
320 C  "C2'" . DT  B 5  ? 0.0745 0.0860 0.0670 0.0140  0.0025  0.0027  5   DT  B "C2'" 
321 C  "C1'" . DT  B 5  ? 0.0604 0.0911 0.0485 0.0095  -0.0025 -0.0019 5   DT  B "C1'" 
322 N  N1    . DT  B 5  ? 0.0690 0.0756 0.0502 0.0140  -0.0001 0.0009  5   DT  B N1    
323 C  C2    . DT  B 5  ? 0.0574 0.0732 0.0501 0.0167  -0.0034 -0.0063 5   DT  B C2    
324 O  O2    . DT  B 5  ? 0.0619 0.0760 0.0526 0.0062  -0.0002 0.0012  5   DT  B O2    
325 N  N3    . DT  B 5  ? 0.0543 0.0801 0.0444 0.0119  0.0016  -0.0007 5   DT  B N3    
326 C  C4    . DT  B 5  ? 0.0529 0.0865 0.0418 0.0121  0.0044  -0.0030 5   DT  B C4    
327 O  O4    . DT  B 5  ? 0.0763 0.0801 0.0483 0.0214  0.0063  -0.0034 5   DT  B O4    
328 C  C5    . DT  B 5  ? 0.0694 0.0977 0.0487 0.0184  0.0059  0.0006  5   DT  B C5    
329 C  C7    . DT  B 5  ? 0.0890 0.1132 0.0630 0.0302  0.0312  0.0102  5   DT  B C7    
330 C  C6    . DT  B 5  ? 0.0710 0.0883 0.0444 0.0184  0.0094  0.0081  5   DT  B C6    
331 P  P     . DA  B 6  ? 0.0939 0.0890 0.0918 0.0052  -0.0171 -0.0020 6   DA  B P     
332 O  OP1   . DA  B 6  ? 0.1631 0.0711 0.1404 0.0329  -0.0414 -0.0090 6   DA  B OP1   
333 O  OP2   . DA  B 6  ? 0.1042 0.1251 0.1088 -0.0195 -0.0127 0.0202  6   DA  B OP2   
334 O  "O5'" . DA  B 6  ? 0.0739 0.0992 0.0873 0.0105  -0.0103 0.0079  6   DA  B "O5'" 
335 C  "C5'" . DA  B 6  ? 0.0778 0.0978 0.0827 0.0289  -0.0218 -0.0159 6   DA  B "C5'" 
336 C  "C4'" . DA  B 6  ? 0.0699 0.0833 0.0763 0.0196  -0.0048 -0.0145 6   DA  B "C4'" 
337 O  "O4'" . DA  B 6  ? 0.0599 0.0703 0.0764 0.0193  -0.0119 -0.0133 6   DA  B "O4'" 
338 C  "C3'" . DA  B 6  ? 0.0601 0.0925 0.0571 0.0095  -0.0086 -0.0234 6   DA  B "C3'" 
339 O  "O3'" . DA  B 6  ? 0.0705 0.0832 0.0708 0.0217  -0.0047 -0.0188 6   DA  B "O3'" 
340 C  "C2'" . DA  B 6  ? 0.0713 0.0770 0.0758 0.0165  -0.0078 -0.0194 6   DA  B "C2'" 
341 C  "C1'" . DA  B 6  ? 0.0501 0.0823 0.0803 0.0180  -0.0145 -0.0203 6   DA  B "C1'" 
342 N  N9    . DA  B 6  ? 0.0583 0.0681 0.0719 0.0135  -0.0065 -0.0146 6   DA  B N9    
343 C  C8    . DA  B 6  ? 0.0459 0.1022 0.0649 0.0143  -0.0013 -0.0121 6   DA  B C8    
344 N  N7    . DA  B 6  ? 0.0523 0.0817 0.0579 0.0155  -0.0080 -0.0058 6   DA  B N7    
345 C  C5    . DA  B 6  ? 0.0482 0.0916 0.0500 0.0094  -0.0022 -0.0092 6   DA  B C5    
346 C  C6    . DA  B 6  ? 0.0471 0.0722 0.0528 0.0105  -0.0052 -0.0096 6   DA  B C6    
347 N  N6    . DA  B 6  ? 0.0686 0.0724 0.0560 0.0118  0.0022  -0.0103 6   DA  B N6    
348 N  N1    . DA  B 6  ? 0.0489 0.0786 0.0657 0.0086  -0.0013 -0.0130 6   DA  B N1    
349 C  C2    . DA  B 6  ? 0.0473 0.0799 0.0572 0.0082  0.0039  -0.0075 6   DA  B C2    
350 N  N3    . DA  B 6  ? 0.0564 0.0747 0.0536 0.0120  -0.0041 -0.0053 6   DA  B N3    
351 C  C4    . DA  B 6  ? 0.0484 0.0640 0.0658 0.0155  -0.0161 -0.0187 6   DA  B C4    
352 P  P     . DC  B 7  ? 0.0767 0.0705 0.0673 0.0169  -0.0063 -0.0138 7   DC  B P     
353 O  OP1   . DC  B 7  ? 0.0883 0.0760 0.0728 0.0227  0.0031  -0.0224 7   DC  B OP1   
354 O  OP2   . DC  B 7  ? 0.0763 0.0750 0.0741 0.0076  0.0073  0.0020  7   DC  B OP2   
355 O  "O5'" . DC  B 7  ? 0.0639 0.0681 0.0710 0.0173  -0.0020 -0.0059 7   DC  B "O5'" 
356 C  "C5'" . DC  B 7  ? 0.0689 0.0836 0.0599 0.0162  0.0083  0.0111  7   DC  B "C5'" 
357 C  "C4'" . DC  B 7  ? 0.0665 0.0841 0.0553 0.0176  0.0020  -0.0154 7   DC  B "C4'" 
358 O  "O4'" . DC  B 7  ? 0.0570 0.0731 0.0562 0.0105  0.0027  -0.0096 7   DC  B "O4'" 
359 C  "C3'" . DC  B 7  ? 0.0706 0.0820 0.0637 0.0164  -0.0030 -0.0083 7   DC  B "C3'" 
360 O  "O3'" . DC  B 7  ? 0.0791 0.1142 0.0587 0.0228  0.0019  0.0045  7   DC  B "O3'" 
361 C  "C2'" . DC  B 7  ? 0.0650 0.0671 0.0590 0.0058  -0.0050 -0.0024 7   DC  B "C2'" 
362 C  "C1'" . DC  B 7  ? 0.0532 0.0758 0.0568 0.0161  0.0010  0.0044  7   DC  B "C1'" 
363 N  N1    . DC  B 7  ? 0.0487 0.0701 0.0508 0.0110  0.0025  0.0001  7   DC  B N1    
364 C  C2    . DC  B 7  ? 0.0442 0.0909 0.0456 0.0148  -0.0056 -0.0119 7   DC  B C2    
365 O  O2    . DC  B 7  ? 0.0634 0.0772 0.0498 0.0162  0.0019  0.0051  7   DC  B O2    
366 N  N3    . DC  B 7  ? 0.0480 0.0746 0.0581 0.0076  0.0012  0.0008  7   DC  B N3    
367 C  C4    . DC  B 7  ? 0.0516 0.0710 0.0435 0.0070  0.0030  0.0037  7   DC  B C4    
368 N  N4    . DC  B 7  ? 0.0580 0.0809 0.0586 -0.0013 0.0028  0.0056  7   DC  B N4    
369 C  C5    . DC  B 7  ? 0.0475 0.0786 0.0592 0.0072  -0.0050 -0.0019 7   DC  B C5    
370 C  C6    . DC  B 7  ? 0.0481 0.0769 0.0629 0.0098  -0.0038 -0.0008 7   DC  B C6    
371 P  P     . DT  B 8  ? 0.0916 0.1319 0.0619 0.0330  -0.0035 -0.0142 8   DT  B P     
372 O  OP1   . DT  B 8  ? 0.1127 0.2352 0.0519 0.0509  0.0103  0.0174  8   DT  B OP1   
373 O  OP2   . DT  B 8  ? 0.1370 0.1216 0.1103 0.0318  -0.0432 -0.0375 8   DT  B OP2   
374 O  "O5'" . DT  B 8  ? 0.0786 0.1002 0.0698 0.0256  -0.0056 -0.0096 8   DT  B "O5'" 
375 C  "C5'" . DT  B 8  ? 0.0804 0.1132 0.0680 0.0155  -0.0012 -0.0040 8   DT  B "C5'" 
376 C  "C4'" . DT  B 8  ? 0.0783 0.0964 0.0579 0.0145  -0.0033 -0.0052 8   DT  B "C4'" 
377 O  "O4'" . DT  B 8  ? 0.0631 0.0976 0.0545 0.0053  -0.0052 0.0074  8   DT  B "O4'" 
378 C  "C3'" . DT  B 8  ? 0.0724 0.1037 0.0765 0.0193  -0.0128 -0.0025 8   DT  B "C3'" 
379 O  "O3'" . DT  B 8  ? 0.0877 0.1850 0.0753 0.0469  -0.0094 0.0091  8   DT  B "O3'" 
380 C  "C2'" . DT  B 8  ? 0.0762 0.1031 0.0716 0.0018  -0.0045 -0.0046 8   DT  B "C2'" 
381 C  "C1'" . DT  B 8  ? 0.0556 0.0966 0.0618 0.0127  0.0067  0.0000  8   DT  B "C1'" 
382 N  N1    . DT  B 8  ? 0.0601 0.0761 0.0666 0.0102  -0.0030 0.0028  8   DT  B N1    
383 C  C2    . DT  B 8  ? 0.0554 0.0864 0.0677 0.0201  -0.0052 -0.0034 8   DT  B C2    
384 O  O2    . DT  B 8  ? 0.0835 0.0797 0.0640 0.0173  0.0043  0.0036  8   DT  B O2    
385 N  N3    . DT  B 8  ? 0.0506 0.0837 0.0620 0.0040  0.0028  -0.0019 8   DT  B N3    
386 C  C4    . DT  B 8  ? 0.0541 0.0724 0.0792 0.0175  -0.0040 0.0051  8   DT  B C4    
387 O  O4    . DT  B 8  ? 0.0617 0.0855 0.0683 0.0056  0.0002  0.0153  8   DT  B O4    
388 C  C5    . DT  B 8  ? 0.0521 0.0850 0.0761 0.0099  0.0039  -0.0075 8   DT  B C5    
389 C  C7    . DT  B 8  ? 0.0924 0.0760 0.0943 0.0198  0.0076  -0.0095 8   DT  B C7    
390 C  C6    . DT  B 8  ? 0.0557 0.0900 0.0663 0.0075  0.0005  -0.0027 8   DT  B C6    
391 P  P     A DG  B 9  ? 0.1086 0.1503 0.0740 0.0499  -0.0304 -0.0164 9   DG  B P     
392 P  P     B DG  B 9  ? 0.1130 0.1385 0.1072 0.0085  -0.0529 0.0033  9   DG  B P     
393 O  OP1   A DG  B 9  ? 0.1382 0.1852 0.0828 0.0619  -0.0195 -0.0158 9   DG  B OP1   
394 O  OP1   B DG  B 9  ? 0.1582 0.2529 0.1174 0.0384  -0.0283 -0.0212 9   DG  B OP1   
395 O  OP2   A DG  B 9  ? 0.1674 0.1457 0.1147 -0.0204 -0.0722 0.0055  9   DG  B OP2   
396 O  OP2   B DG  B 9  ? 0.1343 0.1927 0.0924 0.0027  -0.0279 -0.0274 9   DG  B OP2   
397 O  "O5'" A DG  B 9  ? 0.0661 0.1006 0.1028 -0.0013 -0.0179 -0.0173 9   DG  B "O5'" 
398 O  "O5'" B DG  B 9  ? 0.0715 0.1089 0.0932 0.0104  0.0005  0.0206  9   DG  B "O5'" 
399 C  "C5'" A DG  B 9  ? 0.0708 0.1354 0.0992 0.0322  0.0016  -0.0088 9   DG  B "C5'" 
400 C  "C5'" B DG  B 9  ? 0.0520 0.1270 0.0828 0.0070  0.0159  0.0424  9   DG  B "C5'" 
401 C  "C4'" . DG  B 9  ? 0.0676 0.1518 0.0746 0.0364  0.0013  0.0401  9   DG  B "C4'" 
402 O  "O4'" . DG  B 9  ? 0.0648 0.1507 0.0797 0.0107  -0.0012 0.0319  9   DG  B "O4'" 
403 C  "C3'" . DG  B 9  ? 0.0739 0.1918 0.0791 0.0352  0.0041  0.0399  9   DG  B "C3'" 
404 O  "O3'" A DG  B 9  ? 0.1025 0.2068 0.1471 0.0435  0.0092  0.0232  9   DG  B "O3'" 
405 O  "O3'" B DG  B 9  ? 0.0514 0.0987 0.0747 0.0056  0.0111  0.0381  9   DG  B "O3'" 
406 C  "C2'" . DG  B 9  ? 0.0701 0.1853 0.0740 -0.0009 -0.0119 0.0346  9   DG  B "C2'" 
407 C  "C1'" . DG  B 9  ? 0.0605 0.1496 0.0860 0.0054  -0.0037 0.0301  9   DG  B "C1'" 
408 N  N9    . DG  B 9  ? 0.0700 0.1205 0.0737 0.0015  -0.0079 0.0159  9   DG  B N9    
409 C  C8    . DG  B 9  ? 0.0681 0.1381 0.0700 -0.0162 -0.0102 0.0264  9   DG  B C8    
410 N  N7    . DG  B 9  ? 0.0790 0.1264 0.0807 -0.0078 -0.0072 0.0028  9   DG  B N7    
411 C  C5    . DG  B 9  ? 0.0523 0.1293 0.0741 -0.0116 -0.0039 0.0071  9   DG  B C5    
412 C  C6    . DG  B 9  ? 0.0559 0.1063 0.0913 -0.0140 -0.0128 0.0300  9   DG  B C6    
413 O  O6    . DG  B 9  ? 0.0751 0.1071 0.0750 -0.0084 -0.0051 -0.0031 9   DG  B O6    
414 N  N1    . DG  B 9  ? 0.0506 0.1117 0.0704 -0.0191 -0.0004 0.0110  9   DG  B N1    
415 C  C2    . DG  B 9  ? 0.0423 0.1016 0.0862 -0.0053 -0.0161 0.0268  9   DG  B C2    
416 N  N2    . DG  B 9  ? 0.0707 0.1269 0.0693 0.0034  0.0000  0.0150  9   DG  B N2    
417 N  N3    . DG  B 9  ? 0.0528 0.1186 0.0785 -0.0031 -0.0046 0.0253  9   DG  B N3    
418 C  C4    . DG  B 9  ? 0.0474 0.1179 0.0818 -0.0106 -0.0101 0.0350  9   DG  B C4    
419 P  P     A DG  B 10 ? 0.1094 0.2607 0.0962 0.0581  0.0212  0.0394  10  DG  B P     
420 P  P     B DG  B 10 ? 0.0778 0.1237 0.0913 0.0214  0.0010  0.0301  10  DG  B P     
421 O  OP1   A DG  B 10 ? 0.1711 0.2571 0.1778 0.0648  0.0600  0.0591  10  DG  B OP1   
422 O  OP1   B DG  B 10 ? 0.1034 0.1131 0.1263 0.0334  0.0081  0.0552  10  DG  B OP1   
423 O  OP2   A DG  B 10 ? 0.1799 0.2624 0.1559 0.0858  0.0008  -0.0306 10  DG  B OP2   
424 O  OP2   B DG  B 10 ? 0.0726 0.1581 0.0497 0.0355  -0.0245 0.0167  10  DG  B OP2   
425 O  "O5'" A DG  B 10 ? 0.0919 0.1347 0.0891 0.0313  0.0238  0.0210  10  DG  B "O5'" 
426 O  "O5'" B DG  B 10 ? 0.0509 0.0768 0.1180 -0.0042 -0.0149 0.0061  10  DG  B "O5'" 
427 C  "C5'" A DG  B 10 ? 0.0615 0.0370 0.1633 -0.0057 -0.0069 0.0122  10  DG  B "C5'" 
428 C  "C5'" B DG  B 10 ? 0.0539 0.0690 0.0930 -0.0228 0.0194  0.0219  10  DG  B "C5'" 
429 C  "C4'" . DG  B 10 ? 0.0651 0.0817 0.0918 0.0263  0.0091  0.0153  10  DG  B "C4'" 
430 O  "O4'" . DG  B 10 ? 0.0517 0.0916 0.1012 0.0122  -0.0026 0.0181  10  DG  B "O4'" 
431 C  "C3'" . DG  B 10 ? 0.0690 0.0809 0.0782 0.0234  0.0024  0.0124  10  DG  B "C3'" 
432 O  "O3'" . DG  B 10 ? 0.0621 0.0859 0.0844 0.0234  0.0056  -0.0040 10  DG  B "O3'" 
433 C  "C2'" . DG  B 10 ? 0.0546 0.0776 0.0754 0.0215  -0.0021 0.0070  10  DG  B "C2'" 
434 C  "C1'" . DG  B 10 ? 0.0519 0.0792 0.0761 0.0233  0.0005  -0.0007 10  DG  B "C1'" 
435 N  N9    . DG  B 10 ? 0.0474 0.0712 0.0667 0.0185  0.0037  0.0116  10  DG  B N9    
436 C  C8    . DG  B 10 ? 0.0615 0.0702 0.0800 0.0223  -0.0044 -0.0097 10  DG  B C8    
437 N  N7    . DG  B 10 ? 0.0591 0.0810 0.0584 0.0128  0.0038  0.0056  10  DG  B N7    
438 C  C5    . DG  B 10 ? 0.0385 0.0633 0.0683 0.0153  0.0024  -0.0015 10  DG  B C5    
439 C  C6    . DG  B 10 ? 0.0357 0.0674 0.0685 0.0039  0.0031  -0.0045 10  DG  B C6    
440 O  O6    . DG  B 10 ? 0.0572 0.0810 0.0674 0.0165  -0.0008 -0.0092 10  DG  B O6    
441 N  N1    . DG  B 10 ? 0.0542 0.0610 0.0603 0.0108  0.0013  0.0015  10  DG  B N1    
442 C  C2    . DG  B 10 ? 0.0570 0.0686 0.0709 0.0085  -0.0062 0.0003  10  DG  B C2    
443 N  N2    . DG  B 10 ? 0.0981 0.0814 0.0582 0.0247  -0.0027 -0.0025 10  DG  B N2    
444 N  N3    . DG  B 10 ? 0.0572 0.0744 0.0709 0.0164  -0.0024 -0.0078 10  DG  B N3    
445 C  C4    . DG  B 10 ? 0.0420 0.0724 0.0622 0.0068  -0.0021 0.0041  10  DG  B C4    
446 CA CA    . CA  C .  ? 0.1238 0.0863 0.0722 0.0012  -0.0177 -0.0008 302 CA  A CA    
447 CA CA    A CA  D .  ? 0.1843 0.3597 0.1824 -0.0749 -0.0347 0.1407  300 CA  A CA    
448 CA CA    B CA  E .  ? 0.0804 0.1056 0.0590 0.0154  -0.0033 -0.0129 301 CA  A CA    
449 C  C     . 1P2 F .  ? 0.0598 0.1061 0.0858 0.0068  -0.0034 0.0193  500 1P2 B C     
450 N  N     . 1P2 F .  ? 0.0709 0.0907 0.0789 0.0166  -0.0003 0.0042  500 1P2 B N     
451 O  O     . 1P2 F .  ? 0.0748 0.1255 0.0935 0.0283  0.0075  0.0461  500 1P2 B O     
452 C  C1    . 1P2 F .  ? 0.0599 0.0923 0.0648 0.0093  -0.0022 0.0135  500 1P2 B C1    
453 N  N1    . 1P2 F .  ? 0.0671 0.1145 0.0757 0.0231  0.0009  0.0272  500 1P2 B N1    
454 O  O1    . 1P2 F .  ? 0.0866 0.1284 0.0690 0.0191  0.0071  0.0317  500 1P2 B O1    
455 C  C2    . 1P2 F .  ? 0.0635 0.0807 0.0616 0.0141  -0.0078 0.0091  500 1P2 B C2    
456 N  N2    . 1P2 F .  ? 0.0609 0.0936 0.0597 0.0099  0.0062  0.0034  500 1P2 B N2    
457 O  O2    . 1P2 F .  ? 0.0837 0.1196 0.0648 0.0235  0.0032  -0.0233 500 1P2 B O2    
458 C  C3    . 1P2 F .  ? 0.0880 0.0935 0.0651 0.0127  -0.0019 0.0137  500 1P2 B C3    
459 N  N3    . 1P2 F .  ? 0.0899 0.1275 0.0690 0.0200  0.0115  0.0045  500 1P2 B N3    
460 O  O3    . 1P2 F .  ? 0.1149 0.1279 0.0934 0.0543  -0.0215 -0.0367 500 1P2 B O3    
461 C  C4    . 1P2 F .  ? 0.0982 0.1715 0.0889 0.0387  0.0011  0.0771  500 1P2 B C4    
462 N  N4    . 1P2 F .  ? 0.0560 0.0919 0.0658 0.0091  -0.0024 -0.0093 500 1P2 B N4    
463 O  O4    . 1P2 F .  ? 0.1184 0.0910 0.1062 0.0140  -0.0570 0.0054  500 1P2 B O4    
464 C  C5    . 1P2 F .  ? 0.0800 0.0862 0.0670 0.0121  0.0000  0.0231  500 1P2 B C5    
465 N  N5    . 1P2 F .  ? 0.0829 0.1237 0.0891 0.0247  -0.0053 -0.0324 500 1P2 B N5    
466 O  O5    . 1P2 F .  ? 0.1035 0.0988 0.1067 0.0224  -0.0400 0.0029  500 1P2 B O5    
467 C  C6    . 1P2 F .  ? 0.0675 0.0905 0.0702 0.0059  -0.0004 0.0042  500 1P2 B C6    
468 O  O6    . 1P2 F .  ? 0.0855 0.1196 0.1159 0.0440  -0.0265 -0.0331 500 1P2 B O6    
469 C  C7    . 1P2 F .  ? 0.0520 0.0833 0.0630 0.0110  0.0078  -0.0102 500 1P2 B C7    
470 N  N7    . 1P2 F .  ? 0.0611 0.0830 0.0655 0.0173  -0.0081 -0.0135 500 1P2 B N7    
471 O  O7    . 1P2 F .  ? 0.0719 0.0999 0.0601 0.0180  0.0045  -0.0140 500 1P2 B O7    
472 C  C8    . 1P2 F .  ? 0.0717 0.1072 0.0647 0.0176  0.0027  0.0128  500 1P2 B C8    
473 N  N8    . 1P2 F .  ? 0.0761 0.0861 0.0976 0.0147  -0.0281 -0.0097 500 1P2 B N8    
474 O  O8    . 1P2 F .  ? 0.0762 0.1467 0.0685 0.0290  0.0125  0.0349  500 1P2 B O8    
475 C  C9    . 1P2 F .  ? 0.1398 0.2310 0.0664 0.0752  0.0310  0.0360  500 1P2 B C9    
476 N  N9    . 1P2 F .  ? 0.0572 0.0813 0.0675 0.0032  -0.0044 -0.0065 500 1P2 B N9    
477 O  O9    . 1P2 F .  ? 0.0507 0.1224 0.1213 0.0255  0.0078  0.0522  500 1P2 B O9    
478 C  C10   . 1P2 F .  ? 0.0682 0.0863 0.0642 0.0085  0.0124  0.0054  500 1P2 B C10   
479 N  N10   . 1P2 F .  ? 0.0725 0.0879 0.0671 0.0005  -0.0144 -0.0027 500 1P2 B N10   
480 C  C11   . 1P2 F .  ? 0.0680 0.0732 0.0579 0.0034  -0.0043 0.0019  500 1P2 B C11   
481 N  N11   . 1P2 F .  ? 0.0491 0.1207 0.1026 0.0148  0.0169  0.0204  500 1P2 B N11   
482 C  C12   . 1P2 F .  ? 0.0586 0.0912 0.0730 0.0056  -0.0052 -0.0155 500 1P2 B C12   
483 N  N12   . 1P2 F .  ? 0.0923 0.0726 0.0722 0.0058  -0.0171 -0.0022 500 1P2 B N12   
484 C  C13   . 1P2 F .  ? 0.0548 0.1108 0.0673 0.0193  -0.0017 -0.0262 500 1P2 B C13   
485 N  N13   . 1P2 F .  ? 0.0695 0.0861 0.0930 0.0163  -0.0074 -0.0087 500 1P2 B N13   
486 C  C14   . 1P2 F .  ? 0.0752 0.1516 0.0833 0.0323  -0.0189 -0.0208 500 1P2 B C14   
487 N  N14   . 1P2 F .  ? 0.0562 0.0863 0.0671 0.0178  -0.0123 -0.0102 500 1P2 B N14   
488 C  C15   . 1P2 F .  ? 0.1333 0.1132 0.1122 0.0396  -0.0120 -0.0478 500 1P2 B C15   
489 N  N15   . 1P2 F .  ? 0.1033 0.1106 0.0753 0.0433  -0.0079 -0.0282 500 1P2 B N15   
490 C  C16   . 1P2 F .  ? 0.0598 0.1012 0.0747 0.0299  -0.0002 -0.0226 500 1P2 B C16   
491 N  N16   . 1P2 F .  ? 0.0585 0.0717 0.0630 0.0094  -0.0025 -0.0035 500 1P2 B N16   
492 C  C17   . 1P2 F .  ? 0.0830 0.0867 0.0767 0.0072  -0.0042 -0.0313 500 1P2 B C17   
493 N  N17   . 1P2 F .  ? 0.0779 0.1179 0.0574 0.0220  0.0175  0.0123  500 1P2 B N17   
494 C  C18   . 1P2 F .  ? 0.0530 0.0992 0.0752 0.0081  -0.0069 -0.0038 500 1P2 B C18   
495 C  C19   . 1P2 F .  ? 0.0702 0.0859 0.0667 0.0056  -0.0156 0.0079  500 1P2 B C19   
496 N  N19   . 1P2 F .  ? 0.0487 0.0872 0.0594 0.0112  0.0027  0.0084  500 1P2 B N19   
497 C  C20   . 1P2 F .  ? 0.0837 0.0848 0.0986 0.0152  -0.0247 -0.0019 500 1P2 B C20   
498 N  N20   . 1P2 F .  ? 0.0609 0.1260 0.0837 0.0182  0.0117  0.0453  500 1P2 B N20   
499 C  C21   . 1P2 F .  ? 0.1466 0.0882 0.1510 0.0382  -0.0585 -0.0165 500 1P2 B C21   
500 N  N21   . 1P2 F .  ? 0.0567 0.0674 0.0641 0.0028  0.0032  0.0016  500 1P2 B N21   
501 C  C22   . 1P2 F .  ? 0.0901 0.0994 0.0678 -0.0113 -0.0263 0.0176  500 1P2 B C22   
502 N  N22   . 1P2 F .  ? 0.0430 0.0834 0.0729 0.0127  0.0076  0.0068  500 1P2 B N22   
503 C  C23   . 1P2 F .  ? 0.0528 0.0945 0.0986 0.0143  0.0152  0.0165  500 1P2 B C23   
504 N  N23   . 1P2 F .  ? 0.1210 0.1318 0.0770 0.0042  -0.0391 -0.0036 500 1P2 B N23   
505 C  C24   . 1P2 F .  ? 0.0432 0.0977 0.0919 0.0104  0.0078  0.0179  500 1P2 B C24   
506 C  C25   . 1P2 F .  ? 0.0494 0.1039 0.0955 0.0128  0.0127  0.0228  500 1P2 B C25   
507 C  C26   . 1P2 F .  ? 0.0851 0.0895 0.0736 0.0011  -0.0241 0.0090  500 1P2 B C26   
508 C  C27   . 1P2 F .  ? 0.0535 0.0894 0.0808 0.0076  -0.0059 -0.0033 500 1P2 B C27   
509 C  C28   . 1P2 F .  ? 0.0662 0.0862 0.0698 0.0137  -0.0098 0.0026  500 1P2 B C28   
510 C  C29   . 1P2 F .  ? 0.0700 0.0848 0.0842 0.0103  -0.0097 0.0015  500 1P2 B C29   
511 C  C30   . 1P2 F .  ? 0.1152 0.0880 0.1165 0.0414  -0.0285 0.0110  500 1P2 B C30   
512 C  C31   . 1P2 F .  ? 0.0722 0.0732 0.0800 0.0109  -0.0031 0.0100  500 1P2 B C31   
513 C  C32   . 1P2 F .  ? 0.0668 0.1001 0.0797 0.0299  -0.0096 -0.0106 500 1P2 B C32   
514 C  C33   . 1P2 F .  ? 0.0514 0.0808 0.0668 0.0145  0.0055  -0.0109 500 1P2 B C33   
515 C  C34   . 1P2 F .  ? 0.0634 0.0809 0.0610 0.0166  -0.0041 -0.0031 500 1P2 B C34   
516 C  C35   . 1P2 F .  ? 0.0858 0.1157 0.0760 0.0448  -0.0089 -0.0245 500 1P2 B C35   
517 C  C36   . 1P2 F .  ? 0.1242 0.1549 0.1030 0.0738  0.0037  -0.0413 500 1P2 B C36   
518 C  C37   . 1P2 F .  ? 0.0722 0.1105 0.0754 0.0253  -0.0087 -0.0257 500 1P2 B C37   
519 C  C38   . 1P2 F .  ? 0.0535 0.0808 0.0522 -0.0026 0.0111  -0.0011 500 1P2 B C38   
520 C  C39   . 1P2 F .  ? 0.0605 0.0956 0.0503 0.0167  0.0045  0.0058  500 1P2 B C39   
521 C  C40   . 1P2 F .  ? 0.0724 0.1146 0.0675 0.0259  0.0037  0.0065  500 1P2 B C40   
522 C  C41   . 1P2 F .  ? 0.1188 0.1834 0.0667 0.0700  0.0396  0.0357  500 1P2 B C41   
523 C  C42   . 1P2 F .  ? 0.0583 0.0817 0.0506 0.0122  0.0063  -0.0070 500 1P2 B C42   
524 C  C43   . 1P2 F .  ? 0.0550 0.0962 0.0621 0.0084  0.0073  0.0131  500 1P2 B C43   
525 C  C44   . 1P2 F .  ? 0.0533 0.0902 0.0669 0.0107  -0.0001 0.0130  500 1P2 B C44   
526 C  C45   . 1P2 F .  ? 0.0373 0.0913 0.0783 0.0147  -0.0009 0.0074  500 1P2 B C45   
527 C  C46   . 1P2 F .  ? 0.0563 0.1174 0.0855 0.0151  0.0033  0.0320  500 1P2 B C46   
528 C  C47   . 1P2 F .  ? 0.0917 0.1909 0.1075 0.0346  0.0198  0.1030  500 1P2 B C47   
529 C  C48   . 1P2 F .  ? 0.0391 0.1080 0.0899 0.0161  0.0086  0.0265  500 1P2 B C48   
530 C  C49   . 1P2 F .  ? 0.0888 0.1032 0.0617 -0.0015 -0.0131 0.0020  500 1P2 B C49   
531 C  C50   . 1P2 F .  ? 0.1081 0.0859 0.0601 -0.0025 -0.0266 0.0040  500 1P2 B C50   
532 C  C51   . 1P2 F .  ? 0.1052 0.0943 0.0702 0.0046  -0.0232 -0.0009 500 1P2 B C51   
533 C  C60   . 1P2 F .  ? 0.0597 0.0861 0.0664 0.0047  0.0007  -0.0201 500 1P2 B C60   
534 C  C61   . 1P2 F .  ? 0.0586 0.0748 0.0550 0.0041  0.0008  -0.0085 500 1P2 B C61   
535 CA CA    . CA  G .  ? 0.3969 0.2648 0.0946 0.2942  -0.0241 0.0020  303 CA  B CA    
536 O  O     . HOH H .  ? 0.0762 0.0879 0.0929 0.0004  0.0101  -0.0053 13  HOH A O     
537 O  O     . HOH H .  ? 0.1366 0.1188 0.1191 -0.0021 0.0063  0.0009  14  HOH A O     
538 O  O     . HOH H .  ? 0.1591 0.1188 0.2739 0.0073  0.0088  -0.0022 15  HOH A O     
539 O  O     A HOH H .  ? 0.0725 0.0761 0.0512 0.0194  -0.0053 -0.0112 16  HOH A O     
540 O  O     . HOH H .  ? 0.0930 0.0753 0.1139 0.0045  0.0119  0.0018  18  HOH A O     
541 O  O     B HOH H .  ? 0.0530 0.0654 0.0330 0.0148  -0.0070 -0.0047 20  HOH A O     
542 O  O     . HOH H .  ? 0.1073 0.1180 0.1148 0.0047  -0.0026 0.0134  22  HOH A O     
543 O  O     . HOH H .  ? 0.0949 0.0926 0.0693 -0.0149 -0.0038 0.0021  23  HOH A O     
544 O  O     A HOH H .  ? 0.0733 0.1283 0.0759 0.0283  0.0090  0.0080  24  HOH A O     
545 O  O     B HOH H .  ? 0.3036 0.3548 0.1451 0.0420  -0.0302 -0.0767 25  HOH A O     
546 O  O     . HOH H .  ? 0.1045 0.1044 0.0834 0.0218  -0.0016 0.0064  26  HOH A O     
547 O  O     . HOH H .  ? 0.1209 0.1496 0.1002 0.0134  -0.0212 0.0364  32  HOH A O     
548 O  O     . HOH H .  ? 0.1063 0.1569 0.0868 0.0372  0.0264  0.0105  34  HOH A O     
549 O  O     . HOH H .  ? 0.1489 0.1477 0.1222 -0.0276 0.0082  0.0214  35  HOH A O     
550 O  O     . HOH H .  ? 0.1845 0.1336 0.0968 0.0140  -0.0232 0.0023  38  HOH A O     
551 O  O     . HOH H .  ? 0.0825 0.1910 0.1396 0.0012  -0.0026 0.0515  41  HOH A O     
552 O  O     . HOH H .  ? 0.1240 0.1630 0.1437 0.0080  -0.0241 0.0135  46  HOH A O     
553 O  O     . HOH H .  ? 0.1522 0.1376 0.1359 0.0743  -0.0299 -0.0288 48  HOH A O     
554 O  O     A HOH H .  ? 0.1680 0.1387 0.1579 0.0246  -0.0157 -0.0548 49  HOH A O     
555 O  O     B HOH H .  ? 0.1220 0.1831 0.1081 0.0470  0.0167  -0.0470 50  HOH A O     
556 O  O     . HOH H .  ? 0.2956 0.1528 0.1582 0.0711  0.0002  -0.0157 51  HOH A O     
557 O  O     . HOH H .  ? 0.2729 0.2376 0.1601 0.0745  0.0249  0.0395  52  HOH A O     
558 O  O     . HOH H .  ? 0.3191 0.2550 0.1846 -0.1271 0.0462  -0.0389 58  HOH A O     
559 O  O     . HOH H .  ? 0.1788 0.1415 0.1416 -0.0094 -0.0295 -0.0083 59  HOH A O     
560 O  O     . HOH H .  ? 0.1484 0.5414 0.1454 0.0120  0.0435  0.0362  60  HOH A O     
561 O  O     . HOH H .  ? 0.1475 0.5480 0.1870 0.0753  0.0264  -0.1019 61  HOH A O     
562 O  O     A HOH H .  ? 0.0519 0.0938 0.0839 0.0186  -0.0107 0.0077  62  HOH A O     
563 O  O     B HOH H .  ? 0.1738 0.2511 0.2155 0.0351  0.0482  0.1197  63  HOH A O     
564 O  O     . HOH H .  ? 0.3743 0.1007 0.2293 0.0046  0.2409  -0.0077 66  HOH A O     
565 O  O     . HOH H .  ? 0.2312 0.4970 0.5454 0.0307  0.1447  0.1586  70  HOH A O     
566 O  O     A HOH H .  ? 0.2753 0.1369 0.1104 0.0295  -0.1289 -0.0398 73  HOH A O     
567 O  O     B HOH H .  ? 0.1472 0.3610 0.2534 0.0325  0.0607  -0.0494 74  HOH A O     
568 O  O     . HOH H .  ? 0.1606 0.5066 0.3003 -0.1331 -0.0121 -0.0309 75  HOH A O     
569 O  O     A HOH H .  ? 0.2600 0.2317 0.2189 0.0667  -0.0770 -0.0566 76  HOH A O     
570 O  O     B HOH H .  ? 0.1167 0.3493 0.3496 0.0551  -0.0012 0.0652  77  HOH A O     
571 O  O     . HOH H .  ? 0.6587 0.3799 0.4365 0.1539  -0.2044 -0.1215 81  HOH A O     
572 O  O     . HOH H .  ? 0.4226 0.2441 0.3184 0.0105  0.0535  -0.0518 82  HOH A O     
573 O  O     . HOH H .  ? 0.4300 0.2809 0.2532 0.1501  -0.0628 -0.0235 88  HOH A O     
574 O  O     . HOH H .  ? 0.3909 0.5155 0.1870 0.1066  -0.0032 -0.0199 89  HOH A O     
575 O  O     . HOH H .  ? 0.6163 0.2951 0.3595 0.0200  0.0040  0.0074  90  HOH A O     
576 O  O     . HOH H .  ? 0.3327 0.5696 0.3032 0.2479  -0.0107 -0.0727 93  HOH A O     
577 O  O     . HOH H .  ? 0.4334 0.6681 0.5164 0.1304  -0.0841 0.2171  94  HOH A O     
578 O  O     . HOH H .  ? 0.3823 0.3954 0.2318 -0.0709 -0.0767 -0.0090 96  HOH A O     
579 O  O     . HOH H .  ? 0.3397 0.2812 0.3563 -0.0422 -0.0709 -0.0318 99  HOH A O     
580 O  O     . HOH H .  ? 0.3667 0.1102 0.1094 -0.0294 -0.0141 -0.0058 100 HOH A O     
581 O  O     . HOH H .  ? 0.1481 0.3294 0.1529 -0.0296 0.0076  -0.0484 104 HOH A O     
582 O  O     . HOH H .  ? 0.2408 0.5638 0.4462 -0.0860 -0.0794 0.0517  105 HOH A O     
583 O  O     . HOH H .  ? 0.2820 0.2842 0.5776 0.0166  -0.1331 0.0165  109 HOH A O     
584 O  O     . HOH H .  ? 0.2974 0.4677 0.2427 0.1752  0.0927  0.0897  110 HOH A O     
585 O  O     . HOH H .  ? 0.2716 0.3030 0.7284 -0.0031 -0.3220 0.0686  113 HOH A O     
586 O  O     . HOH H .  ? 0.3836 0.6115 0.7739 -0.0102 -0.0271 0.2307  117 HOH A O     
587 O  O     . HOH H .  ? 0.6897 0.6153 0.3407 -0.0932 0.0517  -0.0159 118 HOH A O     
588 O  O     . HOH H .  ? 0.4830 0.3229 0.5504 -0.0136 -0.0344 0.1431  119 HOH A O     
589 O  O     A HOH H .  ? 0.1645 0.1731 0.2285 0.0861  0.0469  0.0349  121 HOH A O     
590 O  O     B HOH H .  ? 0.3347 0.3698 0.3117 0.1173  -0.0212 -0.0674 122 HOH A O     
591 O  O     . HOH H .  ? 0.1097 0.0984 0.0831 0.0067  -0.0137 0.0003  123 HOH A O     
592 O  O     . HOH H .  ? 0.1649 0.0856 0.1083 0.0009  0.0263  -0.0009 124 HOH A O     
593 O  O     . HOH H .  ? 0.1632 0.1544 0.0855 0.0410  -0.0176 0.0088  126 HOH A O     
594 O  O     . HOH H .  ? 0.1570 0.1755 0.0926 -0.0213 -0.0091 -0.0286 128 HOH A O     
595 O  O     . HOH H .  ? 0.2108 0.2018 0.3984 -0.0449 -0.1059 0.0936  133 HOH A O     
596 O  O     . HOH H .  ? 0.1820 0.2279 0.2692 0.0241  0.0266  0.0769  135 HOH A O     
597 O  O     . HOH H .  ? 0.2416 0.2204 0.2009 -0.0282 -0.0603 0.0138  136 HOH A O     
598 O  O     . HOH H .  ? 0.2777 0.4992 0.3764 0.0048  0.0228  -0.1624 141 HOH A O     
599 O  O     B HOH H .  ? 0.1826 0.3186 0.1659 0.0089  0.0627  -0.0231 147 HOH A O     
600 O  O     . HOH H .  ? 0.6543 0.5496 0.6619 -0.1285 -0.1395 -0.0128 149 HOH A O     
601 O  O     . HOH H .  ? 0.4114 0.3750 0.4996 0.0448  0.0370  0.1947  152 HOH A O     
602 O  O     . HOH H .  ? 0.4283 0.3095 0.4299 0.1019  0.1833  0.1314  153 HOH A O     
603 O  O     . HOH H .  ? 0.1910 0.1840 0.2516 -0.0541 -0.1144 0.0665  160 HOH A O     
604 O  O     A HOH H .  ? 0.1512 0.2928 0.0947 0.1188  0.0019  0.0709  161 HOH A O     
605 O  O     B HOH H .  ? 0.1536 0.2335 0.1677 0.1600  0.0051  -0.0285 161 HOH A O     
606 O  O     . HOH H .  ? 0.1326 0.1541 0.1845 0.0242  0.0173  -0.0048 162 HOH A O     
607 O  O     . HOH H .  ? 0.2081 0.3741 0.5069 -0.1404 0.0930  0.0061  174 HOH A O     
608 O  O     . HOH H .  ? 0.7385 0.2331 0.4634 -0.0497 0.1888  -0.0270 177 HOH A O     
609 O  O     . HOH H .  ? 0.3957 0.1785 0.4683 -0.0408 0.0008  -0.0669 185 HOH A O     
610 O  O     . HOH H .  ? 0.6860 0.4471 0.4618 -0.1776 0.1394  0.1022  186 HOH A O     
611 O  O     . HOH H .  ? 0.2820 0.2487 0.5139 0.0540  0.1157  0.1284  190 HOH A O     
612 O  O     . HOH H .  ? 0.4307 0.3895 0.2195 -0.0582 0.0374  -0.0970 191 HOH A O     
613 O  O     . HOH H .  ? 0.3657 0.4543 0.5687 0.0743  -0.0959 0.0630  192 HOH A O     
614 O  O     . HOH H .  ? 0.4089 0.5210 0.2759 -0.1514 0.0429  -0.0938 193 HOH A O     
615 O  O     . HOH H .  ? 0.4338 0.5836 0.5749 0.0662  0.0487  0.0214  195 HOH A O     
616 O  O     . HOH H .  ? 0.4160 0.4747 0.3339 -0.0501 0.0363  0.0690  199 HOH A O     
617 O  O     A HOH H .  ? 0.0769 0.1363 0.1893 0.0313  -0.0342 -0.0313 201 HOH A O     
618 O  O     . HOH H .  ? 0.2964 0.3372 0.5734 -0.0418 0.0069  -0.1568 206 HOH A O     
619 O  O     . HOH H .  ? 0.5049 0.6086 0.2775 -0.0894 0.2719  0.0236  207 HOH A O     
620 O  O     . HOH H .  ? 0.5719 0.4646 0.4624 0.0291  -0.0053 0.0256  208 HOH A O     
621 O  O     . HOH H .  ? 0.2291 0.5071 0.9391 0.0756  -0.1216 0.0342  211 HOH A O     
622 O  O     . HOH H .  ? 0.8367 0.6603 0.6591 0.0595  0.0468  0.2415  215 HOH A O     
623 O  O     . HOH H .  ? 0.1657 0.2234 0.0738 0.1168  -0.0223 -0.0277 217 HOH A O     
624 O  O     . HOH H .  ? 0.3277 0.2696 0.1715 0.0290  0.0299  0.0267  218 HOH A O     
625 O  O     . HOH H .  ? 0.0961 0.2991 0.2113 0.0107  0.0320  0.0364  219 HOH A O     
626 O  O     . HOH H .  ? 0.2688 0.3355 0.1932 0.0227  0.0337  -0.0179 220 HOH A O     
627 O  O     . HOH H .  ? 0.6361 0.5360 0.4962 -0.0152 -0.0497 -0.0465 222 HOH A O     
628 O  O     . HOH H .  ? 0.2867 0.3602 0.5317 0.0983  0.0032  0.0144  223 HOH A O     
629 O  O     . HOH H .  ? 0.5914 0.3941 0.4569 0.1369  -0.0153 -0.1583 226 HOH A O     
630 O  O     . HOH H .  ? 0.7472 0.8676 0.5232 -0.1182 0.3146  -0.1490 227 HOH A O     
631 O  O     . HOH H .  ? 0.4066 0.4856 0.7069 0.1159  0.0292  0.1491  230 HOH A O     
632 O  O     . HOH H .  ? 0.7657 0.5985 0.4208 -0.0275 0.1418  -0.0841 232 HOH A O     
633 O  O     . HOH H .  ? 0.5687 0.5020 0.9753 -0.0233 -0.0918 0.1759  233 HOH A O     
634 O  O     . HOH H .  ? 0.3887 0.8480 0.3923 0.0329  -0.0305 0.0301  235 HOH A O     
635 O  O     B HOH H .  ? 0.2760 0.1801 0.2476 -0.0823 0.1245  -0.0525 237 HOH A O     
636 O  O     . HOH H .  ? 0.2024 0.4216 0.1797 -0.0139 0.0581  0.0485  239 HOH A O     
637 O  O     . HOH H .  ? 0.6560 0.9033 0.5522 -0.2324 -0.0751 0.0436  240 HOH A O     
638 O  O     . HOH H .  ? 0.3653 0.1911 0.2661 0.0003  -0.1589 0.0425  241 HOH A O     
639 O  O     . HOH H .  ? 0.3816 0.4051 0.3542 -0.0383 -0.0776 0.0229  242 HOH A O     
640 O  O     . HOH H .  ? 0.1687 0.4627 0.3220 0.1666  0.0750  0.1990  243 HOH A O     
641 O  O     . HOH H .  ? 0.5308 0.3294 0.3717 0.0244  -0.1023 -0.0112 244 HOH A O     
642 O  O     . HOH H .  ? 0.1481 0.1212 0.0906 -0.0171 -0.0125 -0.0184 246 HOH A O     
643 O  O     . HOH H .  ? 0.1304 0.1279 0.1049 0.0346  0.0175  0.0274  247 HOH A O     
644 O  O     . HOH H .  ? 0.1238 0.2734 0.1696 -0.0528 0.0397  -0.0160 248 HOH A O     
645 O  O     . HOH H .  ? 0.1786 0.2607 0.0930 -0.1071 -0.0304 0.0366  249 HOH A O     
646 O  O     . HOH H .  ? 0.1119 0.1278 0.2002 0.0198  -0.0267 0.0120  250 HOH A O     
647 O  O     . HOH H .  ? 0.0915 0.1353 0.1255 0.0118  -0.0116 0.0153  251 HOH A O     
648 O  O     . HOH H .  ? 0.1949 0.1031 0.2124 0.0013  -0.1080 0.0282  252 HOH A O     
649 O  O     . HOH H .  ? 0.1306 0.0945 0.0742 -0.0082 -0.0128 0.0031  253 HOH A O     
650 O  O     B HOH I .  ? 0.1434 0.2536 0.1818 -0.0307 0.0346  -0.0591 11  HOH B O     
651 O  O     . HOH I .  ? 0.1206 0.1166 0.0814 -0.0082 -0.0013 0.0071  12  HOH B O     
652 O  O     B HOH I .  ? 0.2745 0.2081 0.2756 0.0232  0.0125  0.0335  17  HOH B O     
653 O  O     . HOH I .  ? 0.0900 0.0715 0.0998 0.0044  0.0188  -0.0068 21  HOH B O     
654 O  O     A HOH I .  ? 0.1825 0.1162 0.1260 -0.0064 -0.0308 -0.0365 27  HOH B O     
655 O  O     B HOH I .  ? 0.1066 0.1730 0.1533 -0.0223 -0.0156 0.0336  28  HOH B O     
656 O  O     . HOH I .  ? 0.1075 0.0888 0.0819 0.0216  0.0083  -0.0104 29  HOH B O     
657 O  O     . HOH I .  ? 0.1543 0.1060 0.0888 0.0245  -0.0003 -0.0155 30  HOH B O     
658 O  O     . HOH I .  ? 0.2502 0.1122 0.0907 0.0646  -0.0048 0.0096  31  HOH B O     
659 O  O     . HOH I .  ? 0.1457 0.1204 0.1113 0.0203  0.0412  -0.0176 33  HOH B O     
660 O  O     . HOH I .  ? 0.1482 0.1224 0.1278 -0.0169 0.0012  0.0051  36  HOH B O     
661 O  O     . HOH I .  ? 0.1740 0.1929 0.0841 0.0117  -0.0113 -0.0266 37  HOH B O     
662 O  O     A HOH I .  ? 0.0672 0.0796 0.0738 0.0018  0.0099  -0.0049 39  HOH B O     
663 O  O     B HOH I .  ? 0.0916 0.1526 0.1927 -0.0159 -0.1043 0.0441  40  HOH B O     
664 O  O     . HOH I .  ? 0.1361 0.2246 0.1315 0.0017  -0.0120 -0.0094 42  HOH B O     
665 O  O     . HOH I .  ? 0.1943 0.1194 0.1088 0.0125  0.0222  0.0099  43  HOH B O     
666 O  O     . HOH I .  ? 0.1962 0.1634 0.2020 -0.0327 0.0348  -0.0478 44  HOH B O     
667 O  O     . HOH I .  ? 0.2440 0.2254 0.2001 -0.0077 0.0348  -0.0347 45  HOH B O     
668 O  O     . HOH I .  ? 0.1760 0.1383 0.0996 0.0374  0.0186  0.0136  47  HOH B O     
669 O  O     . HOH I .  ? 0.1303 0.1529 0.3406 0.0371  -0.0230 -0.0333 53  HOH B O     
670 O  O     . HOH I .  ? 0.2638 0.4614 0.1248 -0.0088 -0.0314 -0.0452 54  HOH B O     
671 O  O     . HOH I .  ? 0.2995 0.1619 0.2104 0.0573  0.0603  0.0798  55  HOH B O     
672 O  O     . HOH I .  ? 0.1690 0.2635 0.2131 0.1135  0.0424  0.1507  56  HOH B O     
673 O  O     . HOH I .  ? 0.1734 0.1528 0.1938 0.0151  0.0100  -0.0312 57  HOH B O     
674 O  O     . HOH I .  ? 0.1440 0.1703 0.3205 0.0261  0.0772  -0.0025 64  HOH B O     
675 O  O     . HOH I .  ? 0.4946 0.7968 0.5596 0.0731  0.1479  -0.0893 65  HOH B O     
676 O  O     . HOH I .  ? 0.4204 0.2065 0.4415 -0.0159 0.0317  0.1877  67  HOH B O     
677 O  O     A HOH I .  ? 0.1586 0.1053 0.0893 -0.0029 0.0185  -0.0057 68  HOH B O     
678 O  O     B HOH I .  ? 0.1821 0.1522 0.1715 -0.0676 -0.0048 -0.0189 69  HOH B O     
679 O  O     . HOH I .  ? 0.2059 0.2112 0.2483 0.0905  -0.0267 -0.0710 71  HOH B O     
680 O  O     . HOH I .  ? 0.2208 0.1965 0.2627 0.0772  -0.0034 -0.0618 72  HOH B O     
681 O  O     . HOH I .  ? 0.4087 0.5786 0.3093 0.1435  0.0062  0.0087  78  HOH B O     
682 O  O     . HOH I .  ? 0.3172 0.3861 0.2442 -0.0772 0.1011  0.0434  79  HOH B O     
683 O  O     . HOH I .  ? 0.2824 0.2847 0.1986 -0.1131 0.0396  -0.0273 80  HOH B O     
684 O  O     . HOH I .  ? 0.3666 0.3396 0.3122 0.0473  0.0565  -0.0160 83  HOH B O     
685 O  O     . HOH I .  ? 0.1409 0.3816 0.2859 -0.0116 -0.0269 0.1111  84  HOH B O     
686 O  O     . HOH I .  ? 0.2567 0.3993 0.3998 0.0780  0.1408  -0.0616 85  HOH B O     
687 O  O     A HOH I .  ? 0.2277 0.3328 0.1373 0.0865  0.0138  -0.0499 86  HOH B O     
688 O  O     B HOH I .  ? 0.1868 0.2577 0.1350 -0.0103 0.0320  -0.0384 87  HOH B O     
689 O  O     . HOH I .  ? 0.2402 0.4166 0.4777 -0.0434 -0.0558 -0.0487 91  HOH B O     
690 O  O     . HOH I .  ? 0.3074 0.3630 0.2519 0.0566  -0.0376 0.0280  92  HOH B O     
691 O  O     . HOH I .  ? 0.2815 0.3922 0.2227 -0.0175 0.0977  -0.0424 95  HOH B O     
692 O  O     . HOH I .  ? 0.6491 0.3981 0.3478 -0.0885 0.1594  -0.0978 97  HOH B O     
693 O  O     . HOH I .  ? 0.2466 0.3975 0.5306 0.0573  -0.0281 0.1570  98  HOH B O     
694 O  O     . HOH I .  ? 0.4489 0.7286 0.3853 -0.0916 -0.1393 -0.0375 101 HOH B O     
695 O  O     . HOH I .  ? 0.1231 0.1387 0.2602 0.0295  0.0122  -0.0518 102 HOH B O     
696 O  O     . HOH I .  ? 0.1417 0.1778 0.2213 -0.0226 0.0357  -0.0592 103 HOH B O     
697 O  O     . HOH I .  ? 0.2123 0.2028 0.1617 -0.0345 0.0250  -0.0285 106 HOH B O     
698 O  O     . HOH I .  ? 0.5650 0.4353 0.3411 -0.0262 0.1152  0.0743  107 HOH B O     
699 O  O     . HOH I .  ? 0.2041 0.2557 0.3443 -0.0041 0.0159  -0.0210 108 HOH B O     
700 O  O     . HOH I .  ? 0.5322 0.6327 0.7131 0.1161  0.0769  0.0849  111 HOH B O     
701 O  O     . HOH I .  ? 0.0977 0.0846 0.1208 0.0145  -0.0212 -0.0015 112 HOH B O     
702 O  O     . HOH I .  ? 0.2142 0.3714 0.3670 -0.0615 -0.0051 -0.0782 114 HOH B O     
703 O  O     . HOH I .  ? 0.3769 0.6764 0.3301 0.0022  -0.1202 0.0349  115 HOH B O     
704 O  O     . HOH I .  ? 0.3294 0.2820 0.2747 0.0534  -0.0136 -0.0558 116 HOH B O     
705 O  O     . HOH I .  ? 0.4251 0.6861 0.2597 0.0821  0.2230  -0.1155 120 HOH B O     
706 O  O     . HOH I .  ? 0.1431 0.1554 0.1156 -0.0274 -0.0417 0.0227  125 HOH B O     
707 O  O     . HOH I .  ? 0.1402 0.1488 0.1101 0.0163  0.0122  -0.0138 127 HOH B O     
708 O  O     . HOH I .  ? 0.1787 0.2551 0.1229 0.0009  0.0120  0.0552  129 HOH B O     
709 O  O     . HOH I .  ? 0.1309 0.2255 0.2264 0.0360  0.0036  0.0254  130 HOH B O     
710 O  O     . HOH I .  ? 0.1672 0.1950 0.1386 0.0039  -0.0253 -0.0153 131 HOH B O     
711 O  O     . HOH I .  ? 0.2177 0.2999 0.0968 -0.0200 0.0237  -0.0651 132 HOH B O     
712 O  O     . HOH I .  ? 0.1494 0.2295 0.2564 0.0142  -0.0502 0.0090  134 HOH B O     
713 O  O     . HOH I .  ? 0.1937 0.1784 0.3334 0.1541  0.0827  0.1179  137 HOH B O     
714 O  O     . HOH I .  ? 0.1099 0.2317 0.3475 0.0248  0.0477  -0.0202 138 HOH B O     
715 O  O     . HOH I .  ? 0.2463 0.2400 0.1875 0.0092  -0.0632 -0.0378 139 HOH B O     
716 O  O     . HOH I .  ? 0.5431 0.5664 0.5006 -0.2228 0.2021  -0.1345 140 HOH B O     
717 O  O     . HOH I .  ? 0.1729 0.4698 0.6835 -0.1651 0.0311  0.0174  142 HOH B O     
718 O  O     A HOH I .  ? 0.1660 0.3058 0.2852 0.1040  -0.0060 -0.1243 143 HOH B O     
719 O  O     B HOH I .  ? 0.0923 0.1329 0.2333 0.0132  0.0315  -0.0206 143 HOH B O     
720 O  O     . HOH I .  ? 0.5560 0.3381 0.1923 0.1224  -0.0386 -0.0165 144 HOH B O     
721 O  O     . HOH I .  ? 0.5229 0.4415 0.7244 0.0547  0.2059  -0.0430 145 HOH B O     
722 O  O     A HOH I .  ? 0.2416 0.2122 0.1401 -0.0653 -0.0121 0.0494  146 HOH B O     
723 O  O     . HOH I .  ? 0.4231 0.3302 0.2667 0.0278  0.0745  0.1507  148 HOH B O     
724 O  O     . HOH I .  ? 0.3297 0.3054 0.4151 -0.0669 0.1214  -0.1340 150 HOH B O     
725 O  O     . HOH I .  ? 0.3201 0.3298 0.5361 0.0816  0.1605  -0.0453 151 HOH B O     
726 O  O     . HOH I .  ? 0.6533 0.6874 0.4612 0.1715  -0.0698 0.1014  154 HOH B O     
727 O  O     . HOH I .  ? 0.4116 0.7502 0.3779 0.0170  0.0516  0.0584  155 HOH B O     
728 O  O     . HOH I .  ? 0.1077 0.1335 0.1149 0.0199  0.0155  -0.0147 156 HOH B O     
729 O  O     A HOH I .  ? 0.4066 0.1846 0.2482 -0.1019 -0.0140 0.0426  157 HOH B O     
730 O  O     B HOH I .  ? 0.1063 0.0935 0.0806 0.0124  -0.0205 0.0034  158 HOH B O     
731 O  O     . HOH I .  ? 0.2728 0.2358 0.1264 -0.0276 -0.0332 0.0500  159 HOH B O     
732 O  O     . HOH I .  ? 0.1948 0.2062 0.1640 0.0630  0.0046  -0.0151 163 HOH B O     
733 O  O     . HOH I .  ? 0.1835 0.2353 0.2120 -0.0309 0.0727  -0.0426 164 HOH B O     
734 O  O     . HOH I .  ? 0.1627 0.2172 0.3063 0.0373  0.0313  0.0959  165 HOH B O     
735 O  O     . HOH I .  ? 0.1355 0.2293 0.3465 0.0444  -0.0132 0.0649  166 HOH B O     
736 O  O     . HOH I .  ? 0.1450 0.4378 0.2877 0.0806  -0.0955 -0.0734 167 HOH B O     
737 O  O     . HOH I .  ? 0.4575 0.2066 0.2268 -0.0126 -0.0692 0.0161  168 HOH B O     
738 O  O     A HOH I .  ? 0.4086 0.1548 0.0557 0.1285  0.0774  -0.0098 169 HOH B O     
739 O  O     B HOH I .  ? 0.3239 0.2556 0.4095 0.1227  0.0692  -0.0842 170 HOH B O     
740 O  O     . HOH I .  ? 0.1951 0.7241 0.3812 0.3369  -0.1330 -0.1764 171 HOH B O     
741 O  O     . HOH I .  ? 0.1982 0.3922 0.1509 0.1153  -0.0056 -0.1053 172 HOH B O     
742 O  O     . HOH I .  ? 0.4951 0.3120 0.0302 0.1708  -0.0224 0.0207  173 HOH B O     
743 O  O     . HOH I .  ? 0.3307 0.4238 0.1627 -0.0613 0.0820  0.0170  175 HOH B O     
744 O  O     . HOH I .  ? 0.4144 0.3422 0.2298 -0.1192 0.0604  -0.0864 176 HOH B O     
745 O  O     . HOH I .  ? 0.2208 0.1709 0.1633 0.0461  -0.0297 -0.0384 178 HOH B O     
746 O  O     . HOH I .  ? 0.2798 0.4490 0.1423 -0.0461 0.0331  -0.0413 179 HOH B O     
747 O  O     A HOH I .  ? 0.1563 0.2094 0.0760 -0.0063 0.0430  0.0350  180 HOH B O     
748 O  O     B HOH I .  ? 0.1824 0.1795 0.3040 0.0112  0.0155  0.0231  181 HOH B O     
749 O  O     . HOH I .  ? 0.5004 0.3192 0.2384 -0.0271 -0.0367 0.0031  182 HOH B O     
750 O  O     . HOH I .  ? 0.5026 0.1897 0.5689 -0.0427 -0.1308 -0.0239 184 HOH B O     
751 O  O     . HOH I .  ? 0.5949 0.4241 0.6002 -0.0201 -0.0684 0.0231  187 HOH B O     
752 O  O     . HOH I .  ? 0.3758 0.4969 0.4006 -0.1631 -0.0688 0.0149  188 HOH B O     
753 O  O     . HOH I .  ? 0.5330 0.8510 0.4345 0.1202  -0.0769 0.3763  189 HOH B O     
754 O  O     . HOH I .  ? 0.4570 0.3066 0.3670 -0.0061 -0.0285 -0.0891 194 HOH B O     
755 O  O     . HOH I .  ? 0.2910 0.6327 0.5635 -0.0055 -0.1383 0.1933  196 HOH B O     
756 O  O     . HOH I .  ? 0.4360 0.5165 0.4559 0.0903  -0.4062 0.0273  197 HOH B O     
757 O  O     . HOH I .  ? 0.6876 0.5224 0.2937 -0.1562 -0.0590 -0.2429 198 HOH B O     
758 O  O     . HOH I .  ? 0.2822 0.1908 0.2407 0.1018  -0.1181 0.0143  200 HOH B O     
759 O  O     B HOH I .  ? 0.1090 0.2849 0.1032 -0.0530 0.0206  -0.0202 202 HOH B O     
760 O  O     A HOH I .  ? 0.1674 0.1144 0.1323 0.0508  -0.0325 0.0261  203 HOH B O     
761 O  O     B HOH I .  ? 0.4965 0.1788 0.4200 -0.0223 -0.1674 -0.0682 204 HOH B O     
762 O  O     . HOH I .  ? 0.3402 0.5354 0.7098 -0.1677 -0.1760 0.1755  205 HOH B O     
763 O  O     . HOH I .  ? 0.5020 0.5043 0.2492 -0.1573 0.0959  0.0392  210 HOH B O     
764 O  O     . HOH I .  ? 0.4431 0.7055 0.3876 0.0741  0.1057  -0.1009 212 HOH B O     
765 O  O     . HOH I .  ? 0.8579 0.4756 0.4973 0.1430  -0.1247 -0.0162 213 HOH B O     
766 O  O     . HOH I .  ? 0.4395 0.3482 0.1224 0.1192  0.0042  0.0227  221 HOH B O     
767 O  O     . HOH I .  ? 0.2230 0.2050 0.3455 -0.0365 -0.1588 0.0248  224 HOH B O     
768 O  O     . HOH I .  ? 0.8335 0.5192 0.4466 0.0571  -0.1623 0.0379  228 HOH B O     
769 O  O     . HOH I .  ? 0.3103 0.6554 0.6019 -0.1626 -0.1413 -0.2575 229 HOH B O     
770 O  O     . HOH I .  ? 0.5046 0.7899 0.4743 0.0238  -0.0775 -0.2171 234 HOH B O     
771 O  O     A HOH I .  ? 0.0669 0.0711 0.0541 0.0015  0.0121  -0.0095 236 HOH B O     
772 O  O     . HOH I .  ? 0.6775 0.2481 0.4059 -0.0546 0.0333  0.0201  238 HOH B O     
773 O  O     . HOH I .  ? 0.2463 0.1162 0.0791 0.0048  -0.0169 -0.0201 245 HOH B O     
774 O  O     A HOH I .  ? 0.0658 0.1050 0.0417 0.0084  0.0090  -0.0045 254 HOH B O     
# 
